data_2J8K
# 
_entry.id   2J8K 
# 
_audit_conform.dict_name       mmcif_pdbx.dic 
_audit_conform.dict_version    5.382 
_audit_conform.dict_location   http://mmcif.pdb.org/dictionaries/ascii/mmcif_pdbx.dic 
# 
loop_
_database_2.database_id 
_database_2.database_code 
_database_2.pdbx_database_accession 
_database_2.pdbx_DOI 
PDB   2J8K         pdb_00002j8k 10.2210/pdb2j8k/pdb 
PDBE  EBI-30338    ?            ?                   
WWPDB D_1290030338 ?            ?                   
# 
_pdbx_database_related.db_name        PDB 
_pdbx_database_related.db_id          2J8I 
_pdbx_database_related.content_type   unspecified 
_pdbx_database_related.details        'STRUCTURE OF NP275, A PENTAPEPTIDE REPEAT PROTEIN FROM NOSTOC PUNCTIFORME' 
# 
_pdbx_database_status.status_code                     REL 
_pdbx_database_status.entry_id                        2J8K 
_pdbx_database_status.deposit_site                    PDBE 
_pdbx_database_status.process_site                    PDBE 
_pdbx_database_status.SG_entry                        . 
_pdbx_database_status.recvd_initial_deposition_date   2006-10-25 
_pdbx_database_status.pdb_format_compatible           Y 
_pdbx_database_status.status_code_sf                  REL 
_pdbx_database_status.status_code_mr                  ? 
_pdbx_database_status.status_code_cs                  ? 
_pdbx_database_status.methods_development_category    ? 
_pdbx_database_status.status_code_nmr_data            ? 
# 
loop_
_audit_author.name 
_audit_author.pdbx_ordinal 
'Vetting, M.W.'   1 
'Hegde, S.S.'     2 
'Hazleton, K.Z.'  3 
'Blanchard, J.S.' 4 
# 
_citation.id                        primary 
_citation.title                     
;Structural Characterization of the Fusion of Two Pentapeptide Repeat Proteins, Np275 and Np276, from Nostoc Punctiforme: Resurrection of an Ancestral Protein.
;
_citation.journal_abbrev            'Protein Sci.' 
_citation.journal_volume            16 
_citation.page_first                755 
_citation.page_last                 ? 
_citation.year                      2007 
_citation.journal_id_ASTM           PRCIEI 
_citation.country                   US 
_citation.journal_id_ISSN           0961-8368 
_citation.journal_id_CSD            0795 
_citation.book_publisher            ? 
_citation.pdbx_database_id_PubMed   17384236 
_citation.pdbx_database_id_DOI      10.1110/PS.062637707 
# 
loop_
_citation_author.citation_id 
_citation_author.name 
_citation_author.ordinal 
_citation_author.identifier_ORCID 
primary 'Vetting, M.W.'   1 ? 
primary 'Hegde, S.S.'     2 ? 
primary 'Hazleton, K.Z.'  3 ? 
primary 'Blanchard, J.S.' 4 ? 
# 
_cell.entry_id           2J8K 
_cell.length_a           49.605 
_cell.length_b           55.470 
_cell.length_c           58.989 
_cell.angle_alpha        90.00 
_cell.angle_beta         90.00 
_cell.angle_gamma        90.00 
_cell.Z_PDB              4 
_cell.pdbx_unique_axis   ? 
# 
_symmetry.entry_id                         2J8K 
_symmetry.space_group_name_H-M             'P 21 21 21' 
_symmetry.pdbx_full_space_group_name_H-M   ? 
_symmetry.cell_setting                     ? 
_symmetry.Int_Tables_number                19 
# 
loop_
_entity.id 
_entity.type 
_entity.src_method 
_entity.pdbx_description 
_entity.formula_weight 
_entity.pdbx_number_of_molecules 
_entity.pdbx_ec 
_entity.pdbx_mutation 
_entity.pdbx_fragment 
_entity.details 
1 polymer     man NP275-NP276                            21081.197 1   ? ? ? 
;MUTATION OF STOP CODON OF NP275 TO ASN LEADS TO FUSION WITH NP276, RESIDUES 1-98 ORIGINATE FROM NP275, RESIDUES 107-181 ORIGINATE FROM NP276. INTERVENING RESIDUES ORIGINATE FROM PREVIOUSLY NON-CODING DNA SEQUENCE BETWEEN NP275 AND NP276.
;
2 non-polymer syn '2-(N-MORPHOLINO)-ETHANESULFONIC ACID' 195.237   1   ? ? ? ? 
3 non-polymer syn 'SULFATE ION'                          96.063    1   ? ? ? ? 
4 water       nat water                                  18.015    150 ? ? ? ? 
# 
_entity_poly.entity_id                      1 
_entity_poly.type                           'polypeptide(L)' 
_entity_poly.nstd_linkage                   no 
_entity_poly.nstd_monomer                   no 
_entity_poly.pdbx_seq_one_letter_code       
;MGSSHHHHHHSSGLVPRGSHMDVEKLRQLYAAGERDFSIVDLRGAVLENINLSGAILHGAMLDEANLQQANLSRADLSGA
TLNGADLRGANLSKADLSDAILDNAILEGAILDEAVLNQANLKAANLEQAILSHANIREADLSEANLEAADLSGADLAIA
DLHQANLHQAALERANLTGANLEDANLEGTILEGGNNNLAT
;
_entity_poly.pdbx_seq_one_letter_code_can   
;MGSSHHHHHHSSGLVPRGSHMDVEKLRQLYAAGERDFSIVDLRGAVLENINLSGAILHGAMLDEANLQQANLSRADLSGA
TLNGADLRGANLSKADLSDAILDNAILEGAILDEAVLNQANLKAANLEQAILSHANIREADLSEANLEAADLSGADLAIA
DLHQANLHQAALERANLTGANLEDANLEGTILEGGNNNLAT
;
_entity_poly.pdbx_strand_id                 A 
_entity_poly.pdbx_target_identifier         ? 
# 
loop_
_entity_poly_seq.entity_id 
_entity_poly_seq.num 
_entity_poly_seq.mon_id 
_entity_poly_seq.hetero 
1 1   MET n 
1 2   GLY n 
1 3   SER n 
1 4   SER n 
1 5   HIS n 
1 6   HIS n 
1 7   HIS n 
1 8   HIS n 
1 9   HIS n 
1 10  HIS n 
1 11  SER n 
1 12  SER n 
1 13  GLY n 
1 14  LEU n 
1 15  VAL n 
1 16  PRO n 
1 17  ARG n 
1 18  GLY n 
1 19  SER n 
1 20  HIS n 
1 21  MET n 
1 22  ASP n 
1 23  VAL n 
1 24  GLU n 
1 25  LYS n 
1 26  LEU n 
1 27  ARG n 
1 28  GLN n 
1 29  LEU n 
1 30  TYR n 
1 31  ALA n 
1 32  ALA n 
1 33  GLY n 
1 34  GLU n 
1 35  ARG n 
1 36  ASP n 
1 37  PHE n 
1 38  SER n 
1 39  ILE n 
1 40  VAL n 
1 41  ASP n 
1 42  LEU n 
1 43  ARG n 
1 44  GLY n 
1 45  ALA n 
1 46  VAL n 
1 47  LEU n 
1 48  GLU n 
1 49  ASN n 
1 50  ILE n 
1 51  ASN n 
1 52  LEU n 
1 53  SER n 
1 54  GLY n 
1 55  ALA n 
1 56  ILE n 
1 57  LEU n 
1 58  HIS n 
1 59  GLY n 
1 60  ALA n 
1 61  MET n 
1 62  LEU n 
1 63  ASP n 
1 64  GLU n 
1 65  ALA n 
1 66  ASN n 
1 67  LEU n 
1 68  GLN n 
1 69  GLN n 
1 70  ALA n 
1 71  ASN n 
1 72  LEU n 
1 73  SER n 
1 74  ARG n 
1 75  ALA n 
1 76  ASP n 
1 77  LEU n 
1 78  SER n 
1 79  GLY n 
1 80  ALA n 
1 81  THR n 
1 82  LEU n 
1 83  ASN n 
1 84  GLY n 
1 85  ALA n 
1 86  ASP n 
1 87  LEU n 
1 88  ARG n 
1 89  GLY n 
1 90  ALA n 
1 91  ASN n 
1 92  LEU n 
1 93  SER n 
1 94  LYS n 
1 95  ALA n 
1 96  ASP n 
1 97  LEU n 
1 98  SER n 
1 99  ASP n 
1 100 ALA n 
1 101 ILE n 
1 102 LEU n 
1 103 ASP n 
1 104 ASN n 
1 105 ALA n 
1 106 ILE n 
1 107 LEU n 
1 108 GLU n 
1 109 GLY n 
1 110 ALA n 
1 111 ILE n 
1 112 LEU n 
1 113 ASP n 
1 114 GLU n 
1 115 ALA n 
1 116 VAL n 
1 117 LEU n 
1 118 ASN n 
1 119 GLN n 
1 120 ALA n 
1 121 ASN n 
1 122 LEU n 
1 123 LYS n 
1 124 ALA n 
1 125 ALA n 
1 126 ASN n 
1 127 LEU n 
1 128 GLU n 
1 129 GLN n 
1 130 ALA n 
1 131 ILE n 
1 132 LEU n 
1 133 SER n 
1 134 HIS n 
1 135 ALA n 
1 136 ASN n 
1 137 ILE n 
1 138 ARG n 
1 139 GLU n 
1 140 ALA n 
1 141 ASP n 
1 142 LEU n 
1 143 SER n 
1 144 GLU n 
1 145 ALA n 
1 146 ASN n 
1 147 LEU n 
1 148 GLU n 
1 149 ALA n 
1 150 ALA n 
1 151 ASP n 
1 152 LEU n 
1 153 SER n 
1 154 GLY n 
1 155 ALA n 
1 156 ASP n 
1 157 LEU n 
1 158 ALA n 
1 159 ILE n 
1 160 ALA n 
1 161 ASP n 
1 162 LEU n 
1 163 HIS n 
1 164 GLN n 
1 165 ALA n 
1 166 ASN n 
1 167 LEU n 
1 168 HIS n 
1 169 GLN n 
1 170 ALA n 
1 171 ALA n 
1 172 LEU n 
1 173 GLU n 
1 174 ARG n 
1 175 ALA n 
1 176 ASN n 
1 177 LEU n 
1 178 THR n 
1 179 GLY n 
1 180 ALA n 
1 181 ASN n 
1 182 LEU n 
1 183 GLU n 
1 184 ASP n 
1 185 ALA n 
1 186 ASN n 
1 187 LEU n 
1 188 GLU n 
1 189 GLY n 
1 190 THR n 
1 191 ILE n 
1 192 LEU n 
1 193 GLU n 
1 194 GLY n 
1 195 GLY n 
1 196 ASN n 
1 197 ASN n 
1 198 ASN n 
1 199 LEU n 
1 200 ALA n 
1 201 THR n 
# 
_entity_src_gen.entity_id                          1 
_entity_src_gen.pdbx_src_id                        1 
_entity_src_gen.pdbx_alt_source_flag               sample 
_entity_src_gen.pdbx_seq_type                      ? 
_entity_src_gen.pdbx_beg_seq_num                   ? 
_entity_src_gen.pdbx_end_seq_num                   ? 
_entity_src_gen.gene_src_common_name               ? 
_entity_src_gen.gene_src_genus                     ? 
_entity_src_gen.pdbx_gene_src_gene                 ? 
_entity_src_gen.gene_src_species                   ? 
_entity_src_gen.gene_src_strain                    ? 
_entity_src_gen.gene_src_tissue                    ? 
_entity_src_gen.gene_src_tissue_fraction           ? 
_entity_src_gen.gene_src_details                   ? 
_entity_src_gen.pdbx_gene_src_fragment             ? 
_entity_src_gen.pdbx_gene_src_scientific_name      'NOSTOC PUNCTIFORME' 
_entity_src_gen.pdbx_gene_src_ncbi_taxonomy_id     272131 
_entity_src_gen.pdbx_gene_src_variant              ? 
_entity_src_gen.pdbx_gene_src_cell_line            ? 
_entity_src_gen.pdbx_gene_src_atcc                 29133 
_entity_src_gen.pdbx_gene_src_organ                ? 
_entity_src_gen.pdbx_gene_src_organelle            ? 
_entity_src_gen.pdbx_gene_src_cell                 ? 
_entity_src_gen.pdbx_gene_src_cellular_location    ? 
_entity_src_gen.host_org_common_name               ? 
_entity_src_gen.pdbx_host_org_scientific_name      'ESCHERICHIA COLI' 
_entity_src_gen.pdbx_host_org_ncbi_taxonomy_id     562 
_entity_src_gen.host_org_genus                     ? 
_entity_src_gen.pdbx_host_org_gene                 ? 
_entity_src_gen.pdbx_host_org_organ                ? 
_entity_src_gen.host_org_species                   ? 
_entity_src_gen.pdbx_host_org_tissue               ? 
_entity_src_gen.pdbx_host_org_tissue_fraction      ? 
_entity_src_gen.pdbx_host_org_strain               ? 
_entity_src_gen.pdbx_host_org_variant              ? 
_entity_src_gen.pdbx_host_org_cell_line            ? 
_entity_src_gen.pdbx_host_org_atcc                 ? 
_entity_src_gen.pdbx_host_org_culture_collection   ? 
_entity_src_gen.pdbx_host_org_cell                 ? 
_entity_src_gen.pdbx_host_org_organelle            ? 
_entity_src_gen.pdbx_host_org_cellular_location    ? 
_entity_src_gen.pdbx_host_org_vector_type          ? 
_entity_src_gen.pdbx_host_org_vector               ? 
_entity_src_gen.host_org_details                   ? 
_entity_src_gen.expression_system_id               ? 
_entity_src_gen.plasmid_name                       PET28A 
_entity_src_gen.plasmid_details                    ? 
_entity_src_gen.pdbx_description                   ? 
# 
_struct_ref.id                         1 
_struct_ref.db_name                    PDB 
_struct_ref.db_code                    2J8K 
_struct_ref.entity_id                  1 
_struct_ref.pdbx_seq_one_letter_code   ? 
_struct_ref.pdbx_align_begin           ? 
_struct_ref.pdbx_db_accession          2J8K 
_struct_ref.pdbx_db_isoform            ? 
# 
_struct_ref_seq.align_id                      1 
_struct_ref_seq.ref_id                        1 
_struct_ref_seq.pdbx_PDB_id_code              2J8K 
_struct_ref_seq.pdbx_strand_id                A 
_struct_ref_seq.seq_align_beg                 1 
_struct_ref_seq.pdbx_seq_align_beg_ins_code   ? 
_struct_ref_seq.seq_align_end                 201 
_struct_ref_seq.pdbx_seq_align_end_ins_code   ? 
_struct_ref_seq.pdbx_db_accession             2J8K 
_struct_ref_seq.db_align_beg                  -19 
_struct_ref_seq.pdbx_db_align_beg_ins_code    ? 
_struct_ref_seq.db_align_end                  181 
_struct_ref_seq.pdbx_db_align_end_ins_code    ? 
_struct_ref_seq.pdbx_auth_seq_align_beg       -19 
_struct_ref_seq.pdbx_auth_seq_align_end       181 
# 
loop_
_chem_comp.id 
_chem_comp.type 
_chem_comp.mon_nstd_flag 
_chem_comp.name 
_chem_comp.pdbx_synonyms 
_chem_comp.formula 
_chem_comp.formula_weight 
ALA 'L-peptide linking' y ALANINE                                ? 'C3 H7 N O2'     89.093  
ARG 'L-peptide linking' y ARGININE                               ? 'C6 H15 N4 O2 1' 175.209 
ASN 'L-peptide linking' y ASPARAGINE                             ? 'C4 H8 N2 O3'    132.118 
ASP 'L-peptide linking' y 'ASPARTIC ACID'                        ? 'C4 H7 N O4'     133.103 
GLN 'L-peptide linking' y GLUTAMINE                              ? 'C5 H10 N2 O3'   146.144 
GLU 'L-peptide linking' y 'GLUTAMIC ACID'                        ? 'C5 H9 N O4'     147.129 
GLY 'peptide linking'   y GLYCINE                                ? 'C2 H5 N O2'     75.067  
HIS 'L-peptide linking' y HISTIDINE                              ? 'C6 H10 N3 O2 1' 156.162 
HOH non-polymer         . WATER                                  ? 'H2 O'           18.015  
ILE 'L-peptide linking' y ISOLEUCINE                             ? 'C6 H13 N O2'    131.173 
LEU 'L-peptide linking' y LEUCINE                                ? 'C6 H13 N O2'    131.173 
LYS 'L-peptide linking' y LYSINE                                 ? 'C6 H15 N2 O2 1' 147.195 
MES non-polymer         . '2-(N-MORPHOLINO)-ETHANESULFONIC ACID' ? 'C6 H13 N O4 S'  195.237 
MET 'L-peptide linking' y METHIONINE                             ? 'C5 H11 N O2 S'  149.211 
PHE 'L-peptide linking' y PHENYLALANINE                          ? 'C9 H11 N O2'    165.189 
PRO 'L-peptide linking' y PROLINE                                ? 'C5 H9 N O2'     115.130 
SER 'L-peptide linking' y SERINE                                 ? 'C3 H7 N O3'     105.093 
SO4 non-polymer         . 'SULFATE ION'                          ? 'O4 S -2'        96.063  
THR 'L-peptide linking' y THREONINE                              ? 'C4 H9 N O3'     119.119 
TYR 'L-peptide linking' y TYROSINE                               ? 'C9 H11 N O3'    181.189 
VAL 'L-peptide linking' y VALINE                                 ? 'C5 H11 N O2'    117.146 
# 
_exptl.entry_id          2J8K 
_exptl.method            'X-RAY DIFFRACTION' 
_exptl.crystals_number   1 
# 
_exptl_crystal.id                    1 
_exptl_crystal.density_meas          ? 
_exptl_crystal.density_Matthews      1.87 
_exptl_crystal.density_percent_sol   33.66 
_exptl_crystal.description           NONE 
# 
_exptl_crystal_grow.crystal_id      1 
_exptl_crystal_grow.method          ? 
_exptl_crystal_grow.temp            ? 
_exptl_crystal_grow.temp_details    ? 
_exptl_crystal_grow.pH              6.5 
_exptl_crystal_grow.pdbx_pH_range   ? 
_exptl_crystal_grow.pdbx_details    '1.6 M AMMONIUM SULFATE 100 MM MES PH 6.5 PROTEIN 10 MG/ML' 
# 
_diffrn.id                     1 
_diffrn.ambient_temp           194 
_diffrn.ambient_temp_details   ? 
_diffrn.crystal_id             1 
# 
_diffrn_detector.diffrn_id              1 
_diffrn_detector.detector               'IMAGE PLATE' 
_diffrn_detector.type                   'RIGAKU IMAGE PLATE' 
_diffrn_detector.pdbx_collection_date   ? 
_diffrn_detector.details                ? 
# 
_diffrn_radiation.diffrn_id                        1 
_diffrn_radiation.wavelength_id                    1 
_diffrn_radiation.pdbx_monochromatic_or_laue_m_l   M 
_diffrn_radiation.monochromator                    ? 
_diffrn_radiation.pdbx_diffrn_protocol             'SINGLE WAVELENGTH' 
_diffrn_radiation.pdbx_scattering_type             x-ray 
# 
_diffrn_radiation_wavelength.id           1 
_diffrn_radiation_wavelength.wavelength   1.5418 
_diffrn_radiation_wavelength.wt           1.0 
# 
_diffrn_source.diffrn_id                   1 
_diffrn_source.source                      'ROTATING ANODE' 
_diffrn_source.type                        'RIGAKU RU200' 
_diffrn_source.pdbx_synchrotron_site       ? 
_diffrn_source.pdbx_synchrotron_beamline   ? 
_diffrn_source.pdbx_wavelength             1.5418 
_diffrn_source.pdbx_wavelength_list        ? 
# 
_reflns.pdbx_diffrn_id               1 
_reflns.pdbx_ordinal                 1 
_reflns.entry_id                     2J8K 
_reflns.observed_criterion_sigma_I   0.0 
_reflns.observed_criterion_sigma_F   ? 
_reflns.d_resolution_low             15.90 
_reflns.d_resolution_high            1.50 
_reflns.number_obs                   26666 
_reflns.number_all                   ? 
_reflns.percent_possible_obs         99.8 
_reflns.pdbx_Rmerge_I_obs            0.03 
_reflns.pdbx_Rsym_value              ? 
_reflns.pdbx_netI_over_sigmaI        31.80 
_reflns.B_iso_Wilson_estimate        ? 
_reflns.pdbx_redundancy              4.8 
# 
_reflns_shell.pdbx_diffrn_id         1 
_reflns_shell.pdbx_ordinal           1 
_reflns_shell.d_res_high             1.50 
_reflns_shell.d_res_low              1.58 
_reflns_shell.percent_possible_all   99.8 
_reflns_shell.Rmerge_I_obs           0.12 
_reflns_shell.pdbx_Rsym_value        ? 
_reflns_shell.meanI_over_sigI_obs    11.20 
_reflns_shell.pdbx_redundancy        4.6 
# 
_refine.pdbx_refine_id                           'X-RAY DIFFRACTION' 
_refine.entry_id                                 2J8K 
_refine.pdbx_diffrn_id                           1 
_refine.pdbx_TLS_residual_ADP_flag               ? 
_refine.ls_number_reflns_obs                     25323 
_refine.ls_number_reflns_all                     ? 
_refine.pdbx_ls_sigma_I                          ? 
_refine.pdbx_ls_sigma_F                          ? 
_refine.pdbx_data_cutoff_high_absF               ? 
_refine.pdbx_data_cutoff_low_absF                ? 
_refine.pdbx_data_cutoff_high_rms_absF           ? 
_refine.ls_d_res_low                             59.03 
_refine.ls_d_res_high                            1.50 
_refine.ls_percent_reflns_obs                    99.7 
_refine.ls_R_factor_obs                          0.175 
_refine.ls_R_factor_all                          ? 
_refine.ls_R_factor_R_work                       0.174 
_refine.ls_R_factor_R_free                       0.184 
_refine.ls_R_factor_R_free_error                 ? 
_refine.ls_R_factor_R_free_error_details         ? 
_refine.ls_percent_reflns_R_free                 5.000 
_refine.ls_number_reflns_R_free                  1343 
_refine.ls_number_parameters                     ? 
_refine.ls_number_restraints                     ? 
_refine.occupancy_min                            ? 
_refine.occupancy_max                            ? 
_refine.correlation_coeff_Fo_to_Fc               0.965 
_refine.correlation_coeff_Fo_to_Fc_free          0.959 
_refine.B_iso_mean                               13.68 
_refine.aniso_B[1][1]                            0.60000 
_refine.aniso_B[2][2]                            -0.29000 
_refine.aniso_B[3][3]                            -0.31000 
_refine.aniso_B[1][2]                            0.00000 
_refine.aniso_B[1][3]                            0.00000 
_refine.aniso_B[2][3]                            0.00000 
_refine.solvent_model_details                    MASK 
_refine.solvent_model_param_ksol                 ? 
_refine.solvent_model_param_bsol                 ? 
_refine.pdbx_solvent_vdw_probe_radii             1.20 
_refine.pdbx_solvent_ion_probe_radii             0.80 
_refine.pdbx_solvent_shrinkage_radii             0.80 
_refine.pdbx_ls_cross_valid_method               THROUGHOUT 
_refine.details                                  
'HYDROGENS HAVE BEEN ADDED IN THE RIDING POSITIONS.PROTEIN IS A MONOMER IN SOLUTION' 
_refine.pdbx_starting_model                      'PDB ENTRY 2J8I' 
_refine.pdbx_method_to_determine_struct          'MOLECULAR REPLACEMENT' 
_refine.pdbx_isotropic_thermal_model             ? 
_refine.pdbx_stereochemistry_target_values       'MAXIMUM LIKELIHOOD' 
_refine.pdbx_stereochem_target_val_spec_case     ? 
_refine.pdbx_R_Free_selection_details            RANDOM 
_refine.pdbx_overall_ESU_R                       0.076 
_refine.pdbx_overall_ESU_R_Free                  0.070 
_refine.overall_SU_ML                            0.039 
_refine.pdbx_overall_phase_error                 ? 
_refine.overall_SU_B                             0.976 
_refine.overall_SU_R_Cruickshank_DPI             ? 
_refine.pdbx_overall_SU_R_free_Cruickshank_DPI   ? 
_refine.pdbx_overall_SU_R_Blow_DPI               ? 
_refine.pdbx_overall_SU_R_free_Blow_DPI          ? 
# 
_refine_hist.pdbx_refine_id                   'X-RAY DIFFRACTION' 
_refine_hist.cycle_id                         LAST 
_refine_hist.pdbx_number_atoms_protein        1326 
_refine_hist.pdbx_number_atoms_nucleic_acid   0 
_refine_hist.pdbx_number_atoms_ligand         17 
_refine_hist.number_atoms_solvent             150 
_refine_hist.number_atoms_total               1493 
_refine_hist.d_res_high                       1.50 
_refine_hist.d_res_low                        59.03 
# 
loop_
_refine_ls_restr.type 
_refine_ls_restr.dev_ideal 
_refine_ls_restr.dev_ideal_target 
_refine_ls_restr.weight 
_refine_ls_restr.number 
_refine_ls_restr.pdbx_refine_id 
_refine_ls_restr.pdbx_restraint_function 
r_bond_refined_d             0.012  0.021  ? 1415 'X-RAY DIFFRACTION' ? 
r_bond_other_d               ?      ?      ? ?    'X-RAY DIFFRACTION' ? 
r_angle_refined_deg          1.412  1.981  ? 1932 'X-RAY DIFFRACTION' ? 
r_angle_other_deg            ?      ?      ? ?    'X-RAY DIFFRACTION' ? 
r_dihedral_angle_1_deg       4.137  5.000  ? 197  'X-RAY DIFFRACTION' ? 
r_dihedral_angle_2_deg       36.566 26.761 ? 71   'X-RAY DIFFRACTION' ? 
r_dihedral_angle_3_deg       15.796 15.000 ? 237  'X-RAY DIFFRACTION' ? 
r_dihedral_angle_4_deg       16.346 15.000 ? 8    'X-RAY DIFFRACTION' ? 
r_chiral_restr               0.095  0.200  ? 232  'X-RAY DIFFRACTION' ? 
r_gen_planes_refined         0.006  0.020  ? 1085 'X-RAY DIFFRACTION' ? 
r_gen_planes_other           ?      ?      ? ?    'X-RAY DIFFRACTION' ? 
r_nbd_refined                0.236  0.200  ? 664  'X-RAY DIFFRACTION' ? 
r_nbd_other                  ?      ?      ? ?    'X-RAY DIFFRACTION' ? 
r_nbtor_refined              0.307  0.200  ? 977  'X-RAY DIFFRACTION' ? 
r_nbtor_other                ?      ?      ? ?    'X-RAY DIFFRACTION' ? 
r_xyhbond_nbd_refined        0.113  0.200  ? 142  'X-RAY DIFFRACTION' ? 
r_xyhbond_nbd_other          ?      ?      ? ?    'X-RAY DIFFRACTION' ? 
r_metal_ion_refined          ?      ?      ? ?    'X-RAY DIFFRACTION' ? 
r_metal_ion_other            ?      ?      ? ?    'X-RAY DIFFRACTION' ? 
r_symmetry_vdw_refined       0.247  0.200  ? 42   'X-RAY DIFFRACTION' ? 
r_symmetry_vdw_other         ?      ?      ? ?    'X-RAY DIFFRACTION' ? 
r_symmetry_hbond_refined     0.125  0.200  ? 20   'X-RAY DIFFRACTION' ? 
r_symmetry_hbond_other       ?      ?      ? ?    'X-RAY DIFFRACTION' ? 
r_symmetry_metal_ion_refined ?      ?      ? ?    'X-RAY DIFFRACTION' ? 
r_symmetry_metal_ion_other   ?      ?      ? ?    'X-RAY DIFFRACTION' ? 
r_mcbond_it                  0.960  1.500  ? 949  'X-RAY DIFFRACTION' ? 
r_mcbond_other               ?      ?      ? ?    'X-RAY DIFFRACTION' ? 
r_mcangle_it                 1.375  2.000  ? 1470 'X-RAY DIFFRACTION' ? 
r_mcangle_other              ?      ?      ? ?    'X-RAY DIFFRACTION' ? 
r_scbond_it                  2.972  3.000  ? 487  'X-RAY DIFFRACTION' ? 
r_scbond_other               ?      ?      ? ?    'X-RAY DIFFRACTION' ? 
r_scangle_it                 4.653  4.500  ? 458  'X-RAY DIFFRACTION' ? 
r_scangle_other              ?      ?      ? ?    'X-RAY DIFFRACTION' ? 
r_long_range_B_refined       ?      ?      ? ?    'X-RAY DIFFRACTION' ? 
r_long_range_B_other         ?      ?      ? ?    'X-RAY DIFFRACTION' ? 
r_rigid_bond_restr           ?      ?      ? ?    'X-RAY DIFFRACTION' ? 
r_sphericity_free            ?      ?      ? ?    'X-RAY DIFFRACTION' ? 
r_sphericity_bonded          ?      ?      ? ?    'X-RAY DIFFRACTION' ? 
# 
_refine_ls_shell.pdbx_refine_id                   'X-RAY DIFFRACTION' 
_refine_ls_shell.pdbx_total_number_of_bins_used   20 
_refine_ls_shell.d_res_high                       1.50 
_refine_ls_shell.d_res_low                        1.54 
_refine_ls_shell.number_reflns_R_work             1825 
_refine_ls_shell.R_factor_R_work                  0.3000 
_refine_ls_shell.percent_reflns_obs               ? 
_refine_ls_shell.R_factor_R_free                  0.3100 
_refine_ls_shell.R_factor_R_free_error            ? 
_refine_ls_shell.percent_reflns_R_free            ? 
_refine_ls_shell.number_reflns_R_free             90 
_refine_ls_shell.number_reflns_all                ? 
_refine_ls_shell.R_factor_all                     ? 
# 
_struct.entry_id                  2J8K 
_struct.title                     
'Structure of the fusion of NP275 and NP276, pentapeptide repeat proteins from Nostoc punctiforme' 
_struct.pdbx_model_details        ? 
_struct.pdbx_CASP_flag            ? 
_struct.pdbx_model_type_details   ? 
# 
_struct_keywords.entry_id        2J8K 
_struct_keywords.pdbx_keywords   TOXIN 
_struct_keywords.text            
'NOSTOC PUNCTIFORME, PENTAPEPTIDE REPEAT PROTEIN, PRP, RIGHT HANDED QUADRILATERAL BETA HELIX, RHQBH, TOXIN' 
# 
loop_
_struct_asym.id 
_struct_asym.pdbx_blank_PDB_chainid_flag 
_struct_asym.pdbx_modified 
_struct_asym.entity_id 
_struct_asym.details 
A N N 1 ? 
B N N 2 ? 
C N N 3 ? 
D N N 4 ? 
# 
_struct_biol.id   1 
# 
_struct_conf.conf_type_id            HELX_P 
_struct_conf.id                      HELX_P1 
_struct_conf.pdbx_PDB_helix_id       1 
_struct_conf.beg_label_comp_id       ASP 
_struct_conf.beg_label_asym_id       A 
_struct_conf.beg_label_seq_id        22 
_struct_conf.pdbx_beg_PDB_ins_code   ? 
_struct_conf.end_label_comp_id       ALA 
_struct_conf.end_label_asym_id       A 
_struct_conf.end_label_seq_id        32 
_struct_conf.pdbx_end_PDB_ins_code   ? 
_struct_conf.beg_auth_comp_id        ASP 
_struct_conf.beg_auth_asym_id        A 
_struct_conf.beg_auth_seq_id         2 
_struct_conf.end_auth_comp_id        ALA 
_struct_conf.end_auth_asym_id        A 
_struct_conf.end_auth_seq_id         12 
_struct_conf.pdbx_PDB_helix_class    1 
_struct_conf.details                 ? 
_struct_conf.pdbx_PDB_helix_length   11 
# 
_struct_conf_type.id          HELX_P 
_struct_conf_type.criteria    ? 
_struct_conf_type.reference   ? 
# 
loop_
_struct_site.id 
_struct_site.pdbx_evidence_code 
_struct_site.pdbx_auth_asym_id 
_struct_site.pdbx_auth_comp_id 
_struct_site.pdbx_auth_seq_id 
_struct_site.pdbx_auth_ins_code 
_struct_site.pdbx_num_residues 
_struct_site.details 
AC1 Software ? ? ? ? 8 'BINDING SITE FOR RESIDUE MES A1176' 
AC2 Software ? ? ? ? 5 'BINDING SITE FOR RESIDUE SO4 A1177' 
# 
loop_
_struct_site_gen.id 
_struct_site_gen.site_id 
_struct_site_gen.pdbx_num_res 
_struct_site_gen.label_comp_id 
_struct_site_gen.label_asym_id 
_struct_site_gen.label_seq_id 
_struct_site_gen.pdbx_auth_ins_code 
_struct_site_gen.auth_comp_id 
_struct_site_gen.auth_asym_id 
_struct_site_gen.auth_seq_id 
_struct_site_gen.label_atom_id 
_struct_site_gen.label_alt_id 
_struct_site_gen.symmetry 
_struct_site_gen.details 
1  AC1 8 GLY A 84  ? GLY A 64   . ? 1_555 ? 
2  AC1 8 ASN A 104 ? ASN A 84   . ? 1_555 ? 
3  AC1 8 ILE A 106 ? ILE A 86   . ? 1_555 ? 
4  AC1 8 ASN A 118 ? ASN A 98   . ? 1_555 ? 
5  AC1 8 GLN A 119 ? GLN A 99   . ? 1_555 ? 
6  AC1 8 ASN A 136 ? ASN A 116  . ? 1_555 ? 
7  AC1 8 ARG A 138 ? ARG A 118  . ? 1_555 ? 
8  AC1 8 HOH D .   ? HOH A 2105 . ? 1_555 ? 
9  AC2 5 HIS A 134 ? HIS A 114  . ? 1_555 ? 
10 AC2 5 ARG A 174 ? ARG A 154  . ? 1_555 ? 
11 AC2 5 HOH D .   ? HOH A 2126 . ? 1_555 ? 
12 AC2 5 HOH D .   ? HOH A 2149 . ? 1_555 ? 
13 AC2 5 HOH D .   ? HOH A 2150 . ? 1_555 ? 
# 
_atom_sites.entry_id                    2J8K 
_atom_sites.fract_transf_matrix[1][1]   -0.01323260 
_atom_sites.fract_transf_matrix[1][2]   0.00663554 
_atom_sites.fract_transf_matrix[1][3]   0.01368405 
_atom_sites.fract_transf_matrix[2][1]   -0.00374206 
_atom_sites.fract_transf_matrix[2][2]   -0.01701601 
_atom_sites.fract_transf_matrix[2][3]   0.00463263 
_atom_sites.fract_transf_matrix[3][1]   0.01229504 
_atom_sites.fract_transf_matrix[3][2]   0.00047089 
_atom_sites.fract_transf_matrix[3][3]   0.01166107 
_atom_sites.fract_transf_vector[1]      1.082447 
_atom_sites.fract_transf_vector[2]      0.163994 
_atom_sites.fract_transf_vector[3]      0.407998 
# 
loop_
_atom_type.symbol 
C 
N 
O 
S 
# 
loop_
_atom_site.group_PDB 
_atom_site.id 
_atom_site.type_symbol 
_atom_site.label_atom_id 
_atom_site.label_alt_id 
_atom_site.label_comp_id 
_atom_site.label_asym_id 
_atom_site.label_entity_id 
_atom_site.label_seq_id 
_atom_site.pdbx_PDB_ins_code 
_atom_site.Cartn_x 
_atom_site.Cartn_y 
_atom_site.Cartn_z 
_atom_site.occupancy 
_atom_site.B_iso_or_equiv 
_atom_site.pdbx_formal_charge 
_atom_site.auth_seq_id 
_atom_site.auth_comp_id 
_atom_site.auth_asym_id 
_atom_site.auth_atom_id 
_atom_site.pdbx_PDB_model_num 
ATOM   1    N N   . VAL A 1 15  ? -17.404 -11.218 -15.727 1.00 30.77 ? -5   VAL A N   1 
ATOM   2    C CA  . VAL A 1 15  ? -16.080 -10.783 -15.187 1.00 30.35 ? -5   VAL A CA  1 
ATOM   3    C C   . VAL A 1 15  ? -14.982 -11.720 -15.704 1.00 30.27 ? -5   VAL A C   1 
ATOM   4    O O   . VAL A 1 15  ? -14.871 -12.853 -15.226 1.00 30.51 ? -5   VAL A O   1 
ATOM   5    C CB  . VAL A 1 15  ? -16.068 -10.783 -13.627 1.00 30.47 ? -5   VAL A CB  1 
ATOM   6    C CG1 . VAL A 1 15  ? -14.734 -10.233 -13.087 1.00 30.18 ? -5   VAL A CG1 1 
ATOM   7    C CG2 . VAL A 1 15  ? -17.247 -9.990  -13.063 1.00 30.20 ? -5   VAL A CG2 1 
ATOM   8    N N   . PRO A 1 16  ? -14.179 -11.261 -16.688 1.00 29.80 ? -4   PRO A N   1 
ATOM   9    C CA  . PRO A 1 16  ? -13.089 -12.103 -17.214 1.00 29.59 ? -4   PRO A CA  1 
ATOM   10   C C   . PRO A 1 16  ? -12.154 -12.644 -16.115 1.00 29.37 ? -4   PRO A C   1 
ATOM   11   O O   . PRO A 1 16  ? -11.593 -11.869 -15.320 1.00 28.20 ? -4   PRO A O   1 
ATOM   12   C CB  . PRO A 1 16  ? -12.327 -11.160 -18.158 1.00 29.61 ? -4   PRO A CB  1 
ATOM   13   C CG  . PRO A 1 16  ? -13.329 -10.112 -18.556 1.00 29.92 ? -4   PRO A CG  1 
ATOM   14   C CD  . PRO A 1 16  ? -14.252 -9.951  -17.372 1.00 29.62 ? -4   PRO A CD  1 
ATOM   15   N N   . ARG A 1 17  ? -12.026 -13.970 -16.059 1.00 28.94 ? -3   ARG A N   1 
ATOM   16   C CA  . ARG A 1 17  ? -10.994 -14.631 -15.243 1.00 29.08 ? -3   ARG A CA  1 
ATOM   17   C C   . ARG A 1 17  ? -10.241 -15.643 -16.112 1.00 29.69 ? -3   ARG A C   1 
ATOM   18   O O   . ARG A 1 17  ? -10.819 -16.242 -17.000 1.00 29.97 ? -3   ARG A O   1 
ATOM   19   C CB  . ARG A 1 17  ? -11.596 -15.282 -13.994 1.00 29.14 ? -3   ARG A CB  1 
ATOM   20   C CG  . ARG A 1 17  ? -12.134 -14.276 -12.974 1.00 27.68 ? -3   ARG A CG  1 
ATOM   21   C CD  . ARG A 1 17  ? -12.701 -14.919 -11.700 1.00 28.39 ? -3   ARG A CD  1 
ATOM   22   N NE  . ARG A 1 17  ? -12.855 -13.888 -10.678 1.00 25.22 ? -3   ARG A NE  1 
ATOM   23   C CZ  . ARG A 1 17  ? -13.934 -13.121 -10.547 1.00 27.53 ? -3   ARG A CZ  1 
ATOM   24   N NH1 . ARG A 1 17  ? -14.987 -13.281 -11.348 1.00 25.67 ? -3   ARG A NH1 1 
ATOM   25   N NH2 . ARG A 1 17  ? -13.972 -12.184 -9.612  1.00 24.81 ? -3   ARG A NH2 1 
ATOM   26   N N   . GLY A 1 18  ? -8.943  -15.805 -15.886 1.00 30.31 ? -2   GLY A N   1 
ATOM   27   C CA  . GLY A 1 18  ? -8.144  -16.701 -16.729 1.00 30.68 ? -2   GLY A CA  1 
ATOM   28   C C   . GLY A 1 18  ? -7.598  -16.034 -17.983 1.00 30.97 ? -2   GLY A C   1 
ATOM   29   O O   . GLY A 1 18  ? -6.725  -16.591 -18.665 1.00 31.62 ? -2   GLY A O   1 
ATOM   30   N N   . SER A 1 19  ? -8.124  -14.849 -18.298 1.00 30.68 ? -1   SER A N   1 
ATOM   31   C CA  . SER A 1 19  ? -7.611  -14.022 -19.387 1.00 29.90 ? -1   SER A CA  1 
ATOM   32   C C   . SER A 1 19  ? -7.416  -12.610 -18.858 1.00 29.30 ? -1   SER A C   1 
ATOM   33   O O   . SER A 1 19  ? -8.021  -12.227 -17.849 1.00 28.34 ? -1   SER A O   1 
ATOM   34   C CB  . SER A 1 19  ? -8.572  -14.011 -20.588 1.00 30.20 ? -1   SER A CB  1 
ATOM   35   O OG  . SER A 1 19  ? -9.753  -13.261 -20.324 1.00 31.16 ? -1   SER A OG  1 
ATOM   36   N N   . HIS A 1 20  ? -6.573  -11.847 -19.542 1.00 28.58 ? 0    HIS A N   1 
ATOM   37   C CA  . HIS A 1 20  ? -6.278  -10.489 -19.126 1.00 28.41 ? 0    HIS A CA  1 
ATOM   38   C C   . HIS A 1 20  ? -7.520  -9.614  -19.259 1.00 28.17 ? 0    HIS A C   1 
ATOM   39   O O   . HIS A 1 20  ? -8.190  -9.617  -20.303 1.00 28.42 ? 0    HIS A O   1 
ATOM   40   C CB  . HIS A 1 20  ? -5.125  -9.921  -19.941 1.00 28.81 ? 0    HIS A CB  1 
ATOM   41   C CG  . HIS A 1 20  ? -4.490  -8.721  -19.316 1.00 29.21 ? 0    HIS A CG  1 
ATOM   42   N ND1 . HIS A 1 20  ? -4.858  -7.430  -19.638 1.00 30.97 ? 0    HIS A ND1 1 
ATOM   43   C CD2 . HIS A 1 20  ? -3.522  -8.615  -18.373 1.00 30.38 ? 0    HIS A CD2 1 
ATOM   44   C CE1 . HIS A 1 20  ? -4.136  -6.583  -18.922 1.00 30.74 ? 0    HIS A CE1 1 
ATOM   45   N NE2 . HIS A 1 20  ? -3.316  -7.277  -18.151 1.00 29.35 ? 0    HIS A NE2 1 
ATOM   46   N N   . MET A 1 21  ? -7.833  -8.883  -18.192 1.00 26.85 ? 1    MET A N   1 
ATOM   47   C CA  . MET A 1 21  ? -9.036  -8.045  -18.151 1.00 26.62 ? 1    MET A CA  1 
ATOM   48   C C   . MET A 1 21  ? -8.798  -6.726  -18.880 1.00 25.78 ? 1    MET A C   1 
ATOM   49   O O   . MET A 1 21  ? -7.807  -6.028  -18.633 1.00 25.37 ? 1    MET A O   1 
ATOM   50   C CB  . MET A 1 21  ? -9.451  -7.808  -16.692 1.00 26.83 ? 1    MET A CB  1 
ATOM   51   C CG  . MET A 1 21  ? -10.364 -6.603  -16.427 1.00 29.83 ? 1    MET A CG  1 
ATOM   52   S SD  . MET A 1 21  ? -12.137 -6.928  -16.392 1.00 35.13 ? 1    MET A SD  1 
ATOM   53   C CE  . MET A 1 21  ? -12.324 -7.913  -14.913 1.00 34.89 ? 1    MET A CE  1 
ATOM   54   N N   . ASP A 1 22  ? -9.716  -6.395  -19.785 1.00 25.13 ? 2    ASP A N   1 
ATOM   55   C CA  . ASP A 1 22  ? -9.689  -5.124  -20.471 1.00 24.80 ? 2    ASP A CA  1 
ATOM   56   C C   . ASP A 1 22  ? -10.190 -4.046  -19.495 1.00 23.31 ? 2    ASP A C   1 
ATOM   57   O O   . ASP A 1 22  ? -11.160 -4.268  -18.763 1.00 23.41 ? 2    ASP A O   1 
ATOM   58   C CB  . ASP A 1 22  ? -10.581 -5.235  -21.709 1.00 25.66 ? 2    ASP A CB  1 
ATOM   59   C CG  . ASP A 1 22  ? -10.747 -3.933  -22.437 1.00 29.19 ? 2    ASP A CG  1 
ATOM   60   O OD1 . ASP A 1 22  ? -9.825  -3.551  -23.200 1.00 33.20 ? 2    ASP A OD1 1 
ATOM   61   O OD2 . ASP A 1 22  ? -11.818 -3.310  -22.267 1.00 32.52 ? 2    ASP A OD2 1 
ATOM   62   N N   . VAL A 1 23  ? -9.522  -2.898  -19.467 1.00 22.65 ? 3    VAL A N   1 
ATOM   63   C CA  . VAL A 1 23  ? -9.895  -1.810  -18.552 1.00 22.05 ? 3    VAL A CA  1 
ATOM   64   C C   . VAL A 1 23  ? -11.303 -1.255  -18.859 1.00 21.99 ? 3    VAL A C   1 
ATOM   65   O O   . VAL A 1 23  ? -12.064 -0.937  -17.942 1.00 21.31 ? 3    VAL A O   1 
ATOM   66   C CB  . VAL A 1 23  ? -8.837  -0.687  -18.541 1.00 21.87 ? 3    VAL A CB  1 
ATOM   67   C CG1 . VAL A 1 23  ? -9.223  0.460   -17.598 1.00 22.68 ? 3    VAL A CG1 1 
ATOM   68   C CG2 . VAL A 1 23  ? -7.470  -1.259  -18.139 1.00 22.60 ? 3    VAL A CG2 1 
ATOM   69   N N   . GLU A 1 24  ? -11.658 -1.154  -20.140 1.00 22.19 ? 4    GLU A N   1 
ATOM   70   C CA  . GLU A 1 24  ? -13.031 -0.758  -20.469 1.00 22.42 ? 4    GLU A CA  1 
ATOM   71   C C   . GLU A 1 24  ? -14.086 -1.721  -19.911 1.00 21.00 ? 4    GLU A C   1 
ATOM   72   O O   . GLU A 1 24  ? -15.115 -1.282  -19.396 1.00 21.15 ? 4    GLU A O   1 
ATOM   73   C CB  . GLU A 1 24  ? -13.219 -0.560  -21.982 1.00 23.35 ? 4    GLU A CB  1 
ATOM   74   C CG  . GLU A 1 24  ? -14.562 0.083   -22.344 1.00 27.98 ? 4    GLU A CG  1 
ATOM   75   C CD  . GLU A 1 24  ? -14.871 1.325   -21.501 1.00 33.92 ? 4    GLU A CD  1 
ATOM   76   O OE1 . GLU A 1 24  ? -14.014 2.243   -21.430 1.00 36.42 ? 4    GLU A OE1 1 
ATOM   77   O OE2 . GLU A 1 24  ? -15.975 1.378   -20.904 1.00 37.27 ? 4    GLU A OE2 1 
ATOM   78   N N   . LYS A 1 25  ? -13.817 -3.023  -19.991 1.00 20.03 ? 5    LYS A N   1 
ATOM   79   C CA  . LYS A 1 25  ? -14.706 -4.034  -19.420 1.00 20.27 ? 5    LYS A CA  1 
ATOM   80   C C   . LYS A 1 25  ? -14.846 -3.851  -17.897 1.00 19.30 ? 5    LYS A C   1 
ATOM   81   O O   . LYS A 1 25  ? -15.954 -3.906  -17.339 1.00 19.72 ? 5    LYS A O   1 
ATOM   82   C CB  . LYS A 1 25  ? -14.187 -5.440  -19.753 1.00 21.04 ? 5    LYS A CB  1 
ATOM   83   C CG  . LYS A 1 25  ? -15.009 -6.586  -19.180 1.00 23.77 ? 5    LYS A CG  1 
ATOM   84   C CD  . LYS A 1 25  ? -16.419 -6.600  -19.761 1.00 28.96 ? 5    LYS A CD  1 
ATOM   85   C CE  . LYS A 1 25  ? -16.994 -8.007  -19.789 1.00 32.29 ? 5    LYS A CE  1 
ATOM   86   N NZ  . LYS A 1 25  ? -18.122 -8.090  -20.769 1.00 32.93 ? 5    LYS A NZ  1 
ATOM   87   N N   . LEU A 1 26  ? -13.705 -3.638  -17.235 1.00 17.40 ? 6    LEU A N   1 
ATOM   88   C CA  . LEU A 1 26  ? -13.695 -3.403  -15.795 1.00 16.17 ? 6    LEU A CA  1 
ATOM   89   C C   . LEU A 1 26  ? -14.589 -2.208  -15.427 1.00 15.65 ? 6    LEU A C   1 
ATOM   90   O O   . LEU A 1 26  ? -15.415 -2.300  -14.499 1.00 15.48 ? 6    LEU A O   1 
ATOM   91   C CB  . LEU A 1 26  ? -12.256 -3.186  -15.319 1.00 15.63 ? 6    LEU A CB  1 
ATOM   92   C CG  . LEU A 1 26  ? -12.051 -2.846  -13.840 1.00 15.17 ? 6    LEU A CG  1 
ATOM   93   C CD1 . LEU A 1 26  ? -12.492 -3.938  -12.889 1.00 16.20 ? 6    LEU A CD1 1 
ATOM   94   C CD2 . LEU A 1 26  ? -10.589 -2.478  -13.611 1.00 14.89 ? 6    LEU A CD2 1 
ATOM   95   N N   . ARG A 1 27  ? -14.422 -1.099  -16.159 1.00 15.93 ? 7    ARG A N   1 
ATOM   96   C CA  . ARG A 1 27  ? -15.240 0.103   -15.939 1.00 16.72 ? 7    ARG A CA  1 
ATOM   97   C C   . ARG A 1 27  ? -16.731 -0.192  -16.084 1.00 17.19 ? 7    ARG A C   1 
ATOM   98   O O   . ARG A 1 27  ? -17.545 0.241   -15.266 1.00 16.87 ? 7    ARG A O   1 
ATOM   99   C CB  . ARG A 1 27  ? -14.882 1.204   -16.934 1.00 17.33 ? 7    ARG A CB  1 
ATOM   100  C CG  . ARG A 1 27  ? -13.476 1.749   -16.834 1.00 19.49 ? 7    ARG A CG  1 
ATOM   101  C CD  . ARG A 1 27  ? -13.327 2.893   -17.831 1.00 23.84 ? 7    ARG A CD  1 
ATOM   102  N NE  . ARG A 1 27  ? -11.929 3.168   -18.138 1.00 26.80 ? 7    ARG A NE  1 
ATOM   103  C CZ  . ARG A 1 27  ? -11.120 3.879   -17.361 1.00 27.62 ? 7    ARG A CZ  1 
ATOM   104  N NH1 . ARG A 1 27  ? -11.570 4.397   -16.222 1.00 28.24 ? 7    ARG A NH1 1 
ATOM   105  N NH2 . ARG A 1 27  ? -9.859  4.074   -17.728 1.00 28.47 ? 7    ARG A NH2 1 
ATOM   106  N N   . GLN A 1 28  ? -17.075 -0.926  -17.141 1.00 17.76 ? 8    GLN A N   1 
ATOM   107  C CA  . GLN A 1 28  ? -18.485 -1.233  -17.418 1.00 18.76 ? 8    GLN A CA  1 
ATOM   108  C C   . GLN A 1 28  ? -19.083 -2.102  -16.331 1.00 17.86 ? 8    GLN A C   1 
ATOM   109  O O   . GLN A 1 28  ? -20.203 -1.869  -15.853 1.00 19.14 ? 8    GLN A O   1 
ATOM   110  C CB  . GLN A 1 28  ? -18.621 -1.919  -18.777 1.00 19.40 ? 8    GLN A CB  1 
ATOM   111  C CG  . GLN A 1 28  ? -18.433 -0.975  -19.952 1.00 25.00 ? 8    GLN A CG  1 
ATOM   112  C CD  . GLN A 1 28  ? -18.226 -1.698  -21.270 1.00 30.50 ? 8    GLN A CD  1 
ATOM   113  O OE1 . GLN A 1 28  ? -18.362 -2.927  -21.358 1.00 33.98 ? 8    GLN A OE1 1 
ATOM   114  N NE2 . GLN A 1 28  ? -17.895 -0.935  -22.313 1.00 33.01 ? 8    GLN A NE2 1 
ATOM   115  N N   . LEU A 1 29  ? -18.321 -3.104  -15.912 1.00 16.65 ? 9    LEU A N   1 
ATOM   116  C CA  . LEU A 1 29  ? -18.775 -3.972  -14.851 1.00 15.75 ? 9    LEU A CA  1 
ATOM   117  C C   . LEU A 1 29  ? -18.993 -3.217  -13.519 1.00 15.04 ? 9    LEU A C   1 
ATOM   118  O O   . LEU A 1 29  ? -20.010 -3.353  -12.841 1.00 14.90 ? 9    LEU A O   1 
ATOM   119  C CB  . LEU A 1 29  ? -17.782 -5.145  -14.651 1.00 15.88 ? 9    LEU A CB  1 
ATOM   120  C CG  . LEU A 1 29  ? -17.835 -6.284  -15.703 1.00 17.77 ? 9    LEU A CG  1 
ATOM   121  C CD1 . LEU A 1 29  ? -16.531 -7.054  -15.668 1.00 19.84 ? 9    LEU A CD1 1 
ATOM   122  C CD2 . LEU A 1 29  ? -19.062 -7.190  -15.507 1.00 21.52 ? 9    LEU A CD2 1 
ATOM   123  N N   . TYR A 1 30  ? -17.994 -2.435  -13.133 1.00 13.93 ? 10   TYR A N   1 
ATOM   124  C CA  . TYR A 1 30  ? -18.119 -1.636  -11.920 1.00 13.94 ? 10   TYR A CA  1 
ATOM   125  C C   . TYR A 1 30  ? -19.331 -0.689  -11.997 1.00 14.48 ? 10   TYR A C   1 
ATOM   126  O O   . TYR A 1 30  ? -20.103 -0.568  -11.041 1.00 13.51 ? 10   TYR A O   1 
ATOM   127  C CB  . TYR A 1 30  ? -16.808 -0.866  -11.685 1.00 14.28 ? 10   TYR A CB  1 
ATOM   128  C CG  . TYR A 1 30  ? -16.810 -0.108  -10.370 1.00 12.10 ? 10   TYR A CG  1 
ATOM   129  C CD1 . TYR A 1 30  ? -17.384 1.161   -10.288 1.00 12.80 ? 10   TYR A CD1 1 
ATOM   130  C CD2 . TYR A 1 30  ? -16.263 -0.664  -9.205  1.00 12.95 ? 10   TYR A CD2 1 
ATOM   131  C CE1 . TYR A 1 30  ? -17.410 1.862   -9.117  1.00 11.79 ? 10   TYR A CE1 1 
ATOM   132  C CE2 . TYR A 1 30  ? -16.284 0.026   -8.013  1.00 11.03 ? 10   TYR A CE2 1 
ATOM   133  C CZ  . TYR A 1 30  ? -16.856 1.302   -7.967  1.00 11.49 ? 10   TYR A CZ  1 
ATOM   134  O OH  . TYR A 1 30  ? -16.931 2.053   -6.821  1.00 12.33 ? 10   TYR A OH  1 
ATOM   135  N N   . ALA A 1 31  ? -19.476 -0.053  -13.160 1.00 15.07 ? 11   ALA A N   1 
ATOM   136  C CA  . ALA A 1 31  ? -20.609 0.883   -13.362 1.00 16.50 ? 11   ALA A CA  1 
ATOM   137  C C   . ALA A 1 31  ? -21.955 0.172   -13.259 1.00 16.91 ? 11   ALA A C   1 
ATOM   138  O O   . ALA A 1 31  ? -22.917 0.756   -12.735 1.00 17.90 ? 11   ALA A O   1 
ATOM   139  C CB  . ALA A 1 31  ? -20.470 1.637   -14.681 1.00 15.69 ? 11   ALA A CB  1 
ATOM   140  N N   . ALA A 1 32  ? -21.995 -1.091  -13.692 1.00 17.10 ? 12   ALA A N   1 
ATOM   141  C CA  . ALA A 1 32  ? -23.204 -1.921  -13.579 1.00 18.02 ? 12   ALA A CA  1 
ATOM   142  C C   . ALA A 1 32  ? -23.463 -2.410  -12.159 1.00 18.18 ? 12   ALA A C   1 
ATOM   143  O O   . ALA A 1 32  ? -24.462 -3.094  -11.907 1.00 19.35 ? 12   ALA A O   1 
ATOM   144  C CB  . ALA A 1 32  ? -23.108 -3.105  -14.524 1.00 18.16 ? 12   ALA A CB  1 
ATOM   145  N N   . GLY A 1 33  ? -22.551 -2.100  -11.226 1.00 17.27 ? 13   GLY A N   1 
ATOM   146  C CA  . GLY A 1 33  ? -22.742 -2.513  -9.841  1.00 16.13 ? 13   GLY A CA  1 
ATOM   147  C C   . GLY A 1 33  ? -21.921 -3.694  -9.336  1.00 14.73 ? 13   GLY A C   1 
ATOM   148  O O   . GLY A 1 33  ? -22.002 -4.022  -8.147  1.00 15.34 ? 13   GLY A O   1 
ATOM   149  N N   . GLU A 1 34  ? -21.167 -4.341  -10.236 1.00 15.15 ? 14   GLU A N   1 
ATOM   150  C CA  . GLU A 1 34  ? -20.318 -5.470  -9.857  1.00 14.96 ? 14   GLU A CA  1 
ATOM   151  C C   . GLU A 1 34  ? -19.178 -4.976  -8.953  1.00 13.65 ? 14   GLU A C   1 
ATOM   152  O O   . GLU A 1 34  ? -18.552 -3.949  -9.258  1.00 13.51 ? 14   GLU A O   1 
ATOM   153  C CB  . GLU A 1 34  ? -19.714 -6.108  -11.110 1.00 15.38 ? 14   GLU A CB  1 
ATOM   154  C CG  . GLU A 1 34  ? -18.802 -7.309  -10.836 1.00 18.31 ? 14   GLU A CG  1 
ATOM   155  C CD  . GLU A 1 34  ? -19.544 -8.475  -10.188 1.00 22.05 ? 14   GLU A CD  1 
ATOM   156  O OE1 . GLU A 1 34  ? -20.435 -9.035  -10.870 1.00 23.67 ? 14   GLU A OE1 1 
ATOM   157  O OE2 . GLU A 1 34  ? -19.273 -8.828  -9.011  1.00 18.92 ? 14   GLU A OE2 1 
ATOM   158  N N   . ARG A 1 35  ? -18.919 -5.722  -7.884  1.00 13.46 ? 15   ARG A N   1 
ATOM   159  C CA  . ARG A 1 35  ? -17.801 -5.429  -6.991  1.00 12.27 ? 15   ARG A CA  1 
ATOM   160  C C   . ARG A 1 35  ? -16.827 -6.569  -6.806  1.00 12.78 ? 15   ARG A C   1 
ATOM   161  O O   . ARG A 1 35  ? -15.760 -6.341  -6.230  1.00 12.78 ? 15   ARG A O   1 
ATOM   162  C CB  . ARG A 1 35  ? -18.284 -4.951  -5.621  1.00 12.25 ? 15   ARG A CB  1 
ATOM   163  C CG  . ARG A 1 35  ? -19.127 -3.675  -5.697  1.00 12.32 ? 15   ARG A CG  1 
ATOM   164  C CD  . ARG A 1 35  ? -18.213 -2.482  -6.061  1.00 12.91 ? 15   ARG A CD  1 
ATOM   165  N NE  . ARG A 1 35  ? -18.922 -1.193  -6.104  1.00 13.20 ? 15   ARG A NE  1 
ATOM   166  C CZ  . ARG A 1 35  ? -19.541 -0.707  -7.183  1.00 14.42 ? 15   ARG A CZ  1 
ATOM   167  N NH1 . ARG A 1 35  ? -19.563 -1.412  -8.310  1.00 12.59 ? 15   ARG A NH1 1 
ATOM   168  N NH2 . ARG A 1 35  ? -20.126 0.503   -7.118  1.00 15.14 ? 15   ARG A NH2 1 
ATOM   169  N N   . ASP A 1 36  ? -17.154 -7.776  -7.274  1.00 11.87 ? 16   ASP A N   1 
ATOM   170  C CA  . ASP A 1 36  ? -16.246 -8.885  -7.021  1.00 11.66 ? 16   ASP A CA  1 
ATOM   171  C C   . ASP A 1 36  ? -15.297 -9.116  -8.181  1.00 11.70 ? 16   ASP A C   1 
ATOM   172  O O   . ASP A 1 36  ? -15.619 -9.805  -9.167  1.00 12.22 ? 16   ASP A O   1 
ATOM   173  C CB  . ASP A 1 36  ? -16.987 -10.172 -6.674  1.00 11.95 ? 16   ASP A CB  1 
ATOM   174  C CG  . ASP A 1 36  ? -16.038 -11.275 -6.174  1.00 13.56 ? 16   ASP A CG  1 
ATOM   175  O OD1 . ASP A 1 36  ? -14.797 -11.083 -6.171  1.00 13.34 ? 16   ASP A OD1 1 
ATOM   176  O OD2 . ASP A 1 36  ? -16.540 -12.351 -5.778  1.00 14.60 ? 16   ASP A OD2 1 
ATOM   177  N N   . PHE A 1 37  ? -14.104 -8.523  -8.051  1.00 10.46 ? 17   PHE A N   1 
ATOM   178  C CA  . PHE A 1 37  ? -13.011 -8.683  -9.006  1.00 9.84  ? 17   PHE A CA  1 
ATOM   179  C C   . PHE A 1 37  ? -11.865 -9.497  -8.375  1.00 8.63  ? 17   PHE A C   1 
ATOM   180  O O   . PHE A 1 37  ? -10.700 -9.302  -8.719  1.00 8.79  ? 17   PHE A O   1 
ATOM   181  C CB  . PHE A 1 37  ? -12.557 -7.317  -9.532  1.00 9.39  ? 17   PHE A CB  1 
ATOM   182  C CG  . PHE A 1 37  ? -13.686 -6.526  -10.153 1.00 10.40 ? 17   PHE A CG  1 
ATOM   183  C CD1 . PHE A 1 37  ? -14.186 -6.867  -11.425 1.00 12.86 ? 17   PHE A CD1 1 
ATOM   184  C CD2 . PHE A 1 37  ? -14.266 -5.483  -9.461  1.00 11.67 ? 17   PHE A CD2 1 
ATOM   185  C CE1 . PHE A 1 37  ? -15.262 -6.152  -11.981 1.00 14.71 ? 17   PHE A CE1 1 
ATOM   186  C CE2 . PHE A 1 37  ? -15.334 -4.768  -10.017 1.00 13.70 ? 17   PHE A CE2 1 
ATOM   187  C CZ  . PHE A 1 37  ? -15.820 -5.110  -11.273 1.00 14.34 ? 17   PHE A CZ  1 
ATOM   188  N N   . SER A 1 38  ? -12.219 -10.456 -7.514  1.00 8.94  ? 18   SER A N   1 
ATOM   189  C CA  . SER A 1 38  ? -11.206 -11.345 -6.984  1.00 9.31  ? 18   SER A CA  1 
ATOM   190  C C   . SER A 1 38  ? -10.416 -11.991 -8.099  1.00 9.73  ? 18   SER A C   1 
ATOM   191  O O   . SER A 1 38  ? -10.991 -12.439 -9.107  1.00 9.94  ? 18   SER A O   1 
ATOM   192  C CB  . SER A 1 38  ? -11.844 -12.434 -6.119  1.00 10.50 ? 18   SER A CB  1 
ATOM   193  O OG  . SER A 1 38  ? -12.528 -11.838 -5.027  1.00 11.39 ? 18   SER A OG  1 
ATOM   194  N N   . ILE A 1 39  ? -9.107  -12.100 -7.872  1.00 9.76  ? 19   ILE A N   1 
ATOM   195  C CA  . ILE A 1 39  ? -8.141  -12.778 -8.758  1.00 10.05 ? 19   ILE A CA  1 
ATOM   196  C C   . ILE A 1 39  ? -8.063  -12.307 -10.217 1.00 9.44  ? 19   ILE A C   1 
ATOM   197  O O   . ILE A 1 39  ? -7.445  -12.963 -11.066 1.00 10.90 ? 19   ILE A O   1 
ATOM   198  C CB  . ILE A 1 39  ? -8.221  -14.348 -8.709  1.00 10.54 ? 19   ILE A CB  1 
ATOM   199  C CG1 . ILE A 1 39  ? -9.377  -14.893 -9.558  1.00 11.97 ? 19   ILE A CG1 1 
ATOM   200  C CG2 . ILE A 1 39  ? -8.282  -14.852 -7.268  1.00 13.71 ? 19   ILE A CG2 1 
ATOM   201  C CD1 . ILE A 1 39  ? -9.018  -16.274 -10.161 1.00 15.60 ? 19   ILE A CD1 1 
ATOM   202  N N   . VAL A 1 40  ? -8.642  -11.138 -10.501 1.00 9.17  ? 20   VAL A N   1 
ATOM   203  C CA  A VAL A 1 40  ? -8.571  -10.675 -11.891 0.50 9.08  ? 20   VAL A CA  1 
ATOM   204  C CA  B VAL A 1 40  ? -8.587  -10.580 -11.846 0.50 10.16 ? 20   VAL A CA  1 
ATOM   205  C C   . VAL A 1 40  ? -7.157  -10.315 -12.321 1.00 9.25  ? 20   VAL A C   1 
ATOM   206  O O   . VAL A 1 40  ? -6.281  -9.933  -11.508 1.00 9.11  ? 20   VAL A O   1 
ATOM   207  C CB  A VAL A 1 40  ? -9.554  -9.520  -12.263 0.50 9.03  ? 20   VAL A CB  1 
ATOM   208  C CB  B VAL A 1 40  ? -9.436  -9.282  -11.950 0.50 10.59 ? 20   VAL A CB  1 
ATOM   209  C CG1 A VAL A 1 40  ? -11.014 -9.943  -12.068 0.50 6.56  ? 20   VAL A CG1 1 
ATOM   210  C CG1 B VAL A 1 40  ? -8.838  -8.134  -11.117 0.50 11.38 ? 20   VAL A CG1 1 
ATOM   211  C CG2 A VAL A 1 40  ? -9.237  -8.239  -11.489 0.50 9.38  ? 20   VAL A CG2 1 
ATOM   212  C CG2 B VAL A 1 40  ? -9.569  -8.866  -13.382 0.50 12.64 ? 20   VAL A CG2 1 
ATOM   213  N N   . ASP A 1 41  ? -6.924  -10.468 -13.619 1.00 9.16  ? 21   ASP A N   1 
ATOM   214  C CA  . ASP A 1 41  ? -5.607  -10.216 -14.173 1.00 8.28  ? 21   ASP A CA  1 
ATOM   215  C C   . ASP A 1 41  ? -5.599  -8.823  -14.791 1.00 9.27  ? 21   ASP A C   1 
ATOM   216  O O   . ASP A 1 41  ? -6.141  -8.581  -15.885 1.00 10.37 ? 21   ASP A O   1 
ATOM   217  C CB  . ASP A 1 41  ? -5.272  -11.274 -15.233 1.00 9.28  ? 21   ASP A CB  1 
ATOM   218  C CG  . ASP A 1 41  ? -3.930  -11.034 -15.896 1.00 10.36 ? 21   ASP A CG  1 
ATOM   219  O OD1 . ASP A 1 41  ? -3.215  -10.059 -15.547 1.00 9.32  ? 21   ASP A OD1 1 
ATOM   220  O OD2 . ASP A 1 41  ? -3.579  -11.813 -16.815 1.00 14.49 ? 21   ASP A OD2 1 
ATOM   221  N N   . LEU A 1 42  ? -5.002  -7.883  -14.056 1.00 8.30  ? 22   LEU A N   1 
ATOM   222  C CA  . LEU A 1 42  ? -4.830  -6.500  -14.498 1.00 8.60  ? 22   LEU A CA  1 
ATOM   223  C C   . LEU A 1 42  ? -3.341  -6.116  -14.556 1.00 8.31  ? 22   LEU A C   1 
ATOM   224  O O   . LEU A 1 42  ? -2.950  -4.947  -14.382 1.00 8.57  ? 22   LEU A O   1 
ATOM   225  C CB  . LEU A 1 42  ? -5.626  -5.579  -13.546 1.00 9.75  ? 22   LEU A CB  1 
ATOM   226  C CG  . LEU A 1 42  ? -7.150  -5.633  -13.753 1.00 9.98  ? 22   LEU A CG  1 
ATOM   227  C CD1 . LEU A 1 42  ? -7.854  -4.966  -12.596 1.00 10.41 ? 22   LEU A CD1 1 
ATOM   228  C CD2 . LEU A 1 42  ? -7.518  -4.980  -15.097 1.00 10.61 ? 22   LEU A CD2 1 
ATOM   229  N N   . ARG A 1 43  ? -2.494  -7.112  -14.784 1.00 7.51  ? 23   ARG A N   1 
ATOM   230  C CA  . ARG A 1 43  ? -1.050  -6.851  -14.843 1.00 8.19  ? 23   ARG A CA  1 
ATOM   231  C C   . ARG A 1 43  ? -0.709  -5.824  -15.923 1.00 8.37  ? 23   ARG A C   1 
ATOM   232  O O   . ARG A 1 43  ? -1.161  -5.936  -17.054 1.00 9.60  ? 23   ARG A O   1 
ATOM   233  C CB  . ARG A 1 43  ? -0.255  -8.135  -15.090 1.00 7.87  ? 23   ARG A CB  1 
ATOM   234  C CG  . ARG A 1 43  ? -0.387  -9.102  -13.915 1.00 9.27  ? 23   ARG A CG  1 
ATOM   235  C CD  . ARG A 1 43  ? 0.160   -10.506 -14.246 1.00 10.57 ? 23   ARG A CD  1 
ATOM   236  N NE  . ARG A 1 43  ? -0.555  -11.065 -15.386 1.00 10.55 ? 23   ARG A NE  1 
ATOM   237  C CZ  . ARG A 1 43  ? -0.038  -11.960 -16.227 1.00 14.07 ? 23   ARG A CZ  1 
ATOM   238  N NH1 . ARG A 1 43  ? 1.201   -12.417 -16.045 1.00 15.49 ? 23   ARG A NH1 1 
ATOM   239  N NH2 . ARG A 1 43  ? -0.761  -12.388 -17.259 1.00 16.18 ? 23   ARG A NH2 1 
ATOM   240  N N   . GLY A 1 44  ? 0.106   -4.839  -15.553 1.00 7.97  ? 24   GLY A N   1 
ATOM   241  C CA  . GLY A 1 44  ? 0.460   -3.771  -16.495 1.00 8.28  ? 24   GLY A CA  1 
ATOM   242  C C   . GLY A 1 44  ? -0.687  -2.881  -16.976 1.00 8.48  ? 24   GLY A C   1 
ATOM   243  O O   . GLY A 1 44  ? -0.461  -2.036  -17.853 1.00 11.02 ? 24   GLY A O   1 
ATOM   244  N N   . ALA A 1 45  ? -1.863  -3.006  -16.375 1.00 7.95  ? 25   ALA A N   1 
ATOM   245  C CA  . ALA A 1 45  ? -3.013  -2.265  -16.929 1.00 8.73  ? 25   ALA A CA  1 
ATOM   246  C C   . ALA A 1 45  ? -2.906  -0.769  -16.674 1.00 9.74  ? 25   ALA A C   1 
ATOM   247  O O   . ALA A 1 45  ? -2.341  -0.356  -15.651 1.00 9.81  ? 25   ALA A O   1 
ATOM   248  C CB  . ALA A 1 45  ? -4.291  -2.804  -16.375 1.00 9.39  ? 25   ALA A CB  1 
ATOM   249  N N   . VAL A 1 46  ? -3.472  0.048   -17.573 1.00 10.52 ? 26   VAL A N   1 
ATOM   250  C CA  . VAL A 1 46  ? -3.449  1.491   -17.398 1.00 10.35 ? 26   VAL A CA  1 
ATOM   251  C C   . VAL A 1 46  ? -4.746  1.874   -16.690 1.00 10.44 ? 26   VAL A C   1 
ATOM   252  O O   . VAL A 1 46  ? -5.812  2.070   -17.301 1.00 11.31 ? 26   VAL A O   1 
ATOM   253  C CB  . VAL A 1 46  ? -3.286  2.242   -18.741 1.00 11.18 ? 26   VAL A CB  1 
ATOM   254  C CG1 . VAL A 1 46  ? -3.334  3.750   -18.505 1.00 12.32 ? 26   VAL A CG1 1 
ATOM   255  C CG2 . VAL A 1 46  ? -1.989  1.822   -19.425 1.00 13.62 ? 26   VAL A CG2 1 
ATOM   256  N N   . LEU A 1 47  ? -4.649  1.912   -15.359 1.00 8.83  ? 27   LEU A N   1 
ATOM   257  C CA  . LEU A 1 47  ? -5.775  2.121   -14.452 1.00 8.17  ? 27   LEU A CA  1 
ATOM   258  C C   . LEU A 1 47  ? -5.769  3.514   -13.809 1.00 7.06  ? 27   LEU A C   1 
ATOM   259  O O   . LEU A 1 47  ? -6.529  3.785   -12.879 1.00 8.60  ? 27   LEU A O   1 
ATOM   260  C CB  . LEU A 1 47  ? -5.752  1.031   -13.368 1.00 8.94  ? 27   LEU A CB  1 
ATOM   261  C CG  . LEU A 1 47  ? -6.012  -0.393  -13.885 1.00 9.30  ? 27   LEU A CG  1 
ATOM   262  C CD1 . LEU A 1 47  ? -5.624  -1.428  -12.836 1.00 10.69 ? 27   LEU A CD1 1 
ATOM   263  C CD2 . LEU A 1 47  ? -7.492  -0.553  -14.274 1.00 13.50 ? 27   LEU A CD2 1 
ATOM   264  N N   . GLU A 1 48  ? -4.921  4.393   -14.342 1.00 7.73  ? 28   GLU A N   1 
ATOM   265  C CA  . GLU A 1 48  ? -4.813  5.723   -13.736 1.00 8.14  ? 28   GLU A CA  1 
ATOM   266  C C   . GLU A 1 48  ? -6.172  6.413   -13.686 1.00 7.83  ? 28   GLU A C   1 
ATOM   267  O O   . GLU A 1 48  ? -6.970  6.301   -14.631 1.00 8.66  ? 28   GLU A O   1 
ATOM   268  C CB  . GLU A 1 48  ? -3.797  6.603   -14.469 1.00 9.04  ? 28   GLU A CB  1 
ATOM   269  C CG  . GLU A 1 48  ? -4.088  6.767   -15.974 1.00 10.19 ? 28   GLU A CG  1 
ATOM   270  C CD  . GLU A 1 48  ? -2.949  7.435   -16.710 1.00 10.62 ? 28   GLU A CD  1 
ATOM   271  O OE1 . GLU A 1 48  ? -1.923  7.814   -16.068 1.00 14.67 ? 28   GLU A OE1 1 
ATOM   272  O OE2 . GLU A 1 48  ? -3.094  7.552   -17.942 1.00 13.90 ? 28   GLU A OE2 1 
ATOM   273  N N   . ASN A 1 49  ? -6.406  7.112   -12.580 1.00 8.05  ? 29   ASN A N   1 
ATOM   274  C CA  . ASN A 1 49  ? -7.644  7.859   -12.320 1.00 7.71  ? 29   ASN A CA  1 
ATOM   275  C C   . ASN A 1 49  ? -8.909  6.999   -12.224 1.00 8.43  ? 29   ASN A C   1 
ATOM   276  O O   . ASN A 1 49  ? -10.010 7.566   -12.081 1.00 8.62  ? 29   ASN A O   1 
ATOM   277  C CB  . ASN A 1 49  ? -7.880  8.933   -13.397 1.00 8.04  ? 29   ASN A CB  1 
ATOM   278  C CG  . ASN A 1 49  ? -6.637  9.755   -13.677 1.00 8.68  ? 29   ASN A CG  1 
ATOM   279  O OD1 . ASN A 1 49  ? -6.088  9.737   -14.811 1.00 12.79 ? 29   ASN A OD1 1 
ATOM   280  N ND2 . ASN A 1 49  ? -6.165  10.454  -12.669 1.00 6.58  ? 29   ASN A ND2 1 
ATOM   281  N N   . ILE A 1 50  ? -8.783  5.662   -12.255 1.00 7.89  ? 30   ILE A N   1 
ATOM   282  C CA  . ILE A 1 50  ? -9.992  4.832   -12.159 1.00 8.57  ? 30   ILE A CA  1 
ATOM   283  C C   . ILE A 1 50  ? -10.604 4.969   -10.781 1.00 9.30  ? 30   ILE A C   1 
ATOM   284  O O   . ILE A 1 50  ? -9.881  5.122   -9.778  1.00 9.62  ? 30   ILE A O   1 
ATOM   285  C CB  . ILE A 1 50  ? -9.736  3.377   -12.546 1.00 8.90  ? 30   ILE A CB  1 
ATOM   286  C CG1 . ILE A 1 50  ? -11.059 2.684   -12.904 1.00 9.68  ? 30   ILE A CG1 1 
ATOM   287  C CG2 . ILE A 1 50  ? -8.956  2.635   -11.401 1.00 8.26  ? 30   ILE A CG2 1 
ATOM   288  C CD1 . ILE A 1 50  ? -10.861 1.400   -13.676 1.00 11.81 ? 30   ILE A CD1 1 
ATOM   289  N N   . ASN A 1 51  ? -11.927 4.934   -10.735 1.00 9.73  ? 31   ASN A N   1 
ATOM   290  C CA  . ASN A 1 51  ? -12.620 4.877   -9.460  1.00 9.70  ? 31   ASN A CA  1 
ATOM   291  C C   . ASN A 1 51  ? -13.149 3.476   -9.236  1.00 9.86  ? 31   ASN A C   1 
ATOM   292  O O   . ASN A 1 51  ? -14.068 3.033   -9.916  1.00 11.02 ? 31   ASN A O   1 
ATOM   293  C CB  . ASN A 1 51  ? -13.712 5.948   -9.384  1.00 9.46  ? 31   ASN A CB  1 
ATOM   294  C CG  . ASN A 1 51  ? -14.333 6.060   -8.004  1.00 10.23 ? 31   ASN A CG  1 
ATOM   295  O OD1 . ASN A 1 51  ? -14.504 5.052   -7.299  1.00 10.33 ? 31   ASN A OD1 1 
ATOM   296  N ND2 . ASN A 1 51  ? -14.723 7.286   -7.620  1.00 9.50  ? 31   ASN A ND2 1 
ATOM   297  N N   . LEU A 1 52  ? -12.493 2.739   -8.325  1.00 9.09  ? 32   LEU A N   1 
ATOM   298  C CA  . LEU A 1 52  ? -12.889 1.376   -7.949  1.00 8.90  ? 32   LEU A CA  1 
ATOM   299  C C   . LEU A 1 52  ? -13.190 1.303   -6.454  1.00 8.77  ? 32   LEU A C   1 
ATOM   300  O O   . LEU A 1 52  ? -12.933 0.269   -5.795  1.00 9.20  ? 32   LEU A O   1 
ATOM   301  C CB  . LEU A 1 52  ? -11.788 0.378   -8.320  1.00 9.89  ? 32   LEU A CB  1 
ATOM   302  C CG  . LEU A 1 52  ? -11.574 0.162   -9.813  1.00 9.08  ? 32   LEU A CG  1 
ATOM   303  C CD1 . LEU A 1 52  ? -10.333 -0.673  -9.992  1.00 10.55 ? 32   LEU A CD1 1 
ATOM   304  C CD2 . LEU A 1 52  ? -12.794 -0.535  -10.480 1.00 12.93 ? 32   LEU A CD2 1 
ATOM   305  N N   . SER A 1 53  ? -13.742 2.382   -5.912  1.00 8.65  ? 33   SER A N   1 
ATOM   306  C CA  . SER A 1 53  ? -13.956 2.425   -4.469  1.00 8.81  ? 33   SER A CA  1 
ATOM   307  C C   . SER A 1 53  ? -14.831 1.236   -4.045  1.00 8.45  ? 33   SER A C   1 
ATOM   308  O O   . SER A 1 53  ? -15.813 0.884   -4.734  1.00 9.26  ? 33   SER A O   1 
ATOM   309  C CB  . SER A 1 53  ? -14.524 3.753   -4.023  1.00 10.62 ? 33   SER A CB  1 
ATOM   310  O OG  . SER A 1 53  ? -15.783 3.997   -4.570  1.00 14.37 ? 33   SER A OG  1 
ATOM   311  N N   . GLY A 1 54  ? -14.448 0.581   -2.959  1.00 8.49  ? 34   GLY A N   1 
ATOM   312  C CA  . GLY A 1 54  ? -15.243 -0.527  -2.454  1.00 8.72  ? 34   GLY A CA  1 
ATOM   313  C C   . GLY A 1 54  ? -15.104 -1.827  -3.231  1.00 9.25  ? 34   GLY A C   1 
ATOM   314  O O   . GLY A 1 54  ? -15.703 -2.834  -2.804  1.00 10.44 ? 34   GLY A O   1 
ATOM   315  N N   . ALA A 1 55  ? -14.322 -1.838  -4.311  1.00 8.75  ? 35   ALA A N   1 
ATOM   316  C CA  . ALA A 1 55  ? -14.142 -3.078  -5.100  1.00 8.94  ? 35   ALA A CA  1 
ATOM   317  C C   . ALA A 1 55  ? -13.460 -4.185  -4.306  1.00 9.24  ? 35   ALA A C   1 
ATOM   318  O O   . ALA A 1 55  ? -12.559 -3.902  -3.482  1.00 9.98  ? 35   ALA A O   1 
ATOM   319  C CB  . ALA A 1 55  ? -13.380 -2.799  -6.360  1.00 9.74  ? 35   ALA A CB  1 
ATOM   320  N N   . ILE A 1 56  ? -13.846 -5.435  -4.557  1.00 8.93  ? 36   ILE A N   1 
ATOM   321  C CA  . ILE A 1 56  ? -13.106 -6.574  -4.040  1.00 9.16  ? 36   ILE A CA  1 
ATOM   322  C C   . ILE A 1 56  ? -12.083 -6.976  -5.086  1.00 9.30  ? 36   ILE A C   1 
ATOM   323  O O   . ILE A 1 56  ? -12.436 -7.420  -6.188  1.00 9.86  ? 36   ILE A O   1 
ATOM   324  C CB  . ILE A 1 56  ? -14.034 -7.752  -3.723  1.00 9.43  ? 36   ILE A CB  1 
ATOM   325  C CG1 . ILE A 1 56  ? -15.062 -7.327  -2.669  1.00 12.07 ? 36   ILE A CG1 1 
ATOM   326  C CG2 . ILE A 1 56  ? -13.217 -8.962  -3.281  1.00 11.10 ? 36   ILE A CG2 1 
ATOM   327  C CD1 . ILE A 1 56  ? -16.235 -8.310  -2.590  1.00 16.91 ? 36   ILE A CD1 1 
ATOM   328  N N   . LEU A 1 57  ? -10.803 -6.766  -4.750  1.00 7.93  ? 37   LEU A N   1 
ATOM   329  C CA  . LEU A 1 57  ? -9.685  -7.117  -5.595  1.00 7.90  ? 37   LEU A CA  1 
ATOM   330  C C   . LEU A 1 57  ? -8.781  -8.122  -4.883  1.00 7.47  ? 37   LEU A C   1 
ATOM   331  O O   . LEU A 1 57  ? -7.563  -8.186  -5.130  1.00 8.60  ? 37   LEU A O   1 
ATOM   332  C CB  . LEU A 1 57  ? -8.928  -5.831  -6.001  1.00 8.01  ? 37   LEU A CB  1 
ATOM   333  C CG  . LEU A 1 57  ? -9.717  -4.987  -7.011  1.00 9.51  ? 37   LEU A CG  1 
ATOM   334  C CD1 . LEU A 1 57  ? -9.287  -3.520  -6.881  1.00 10.42 ? 37   LEU A CD1 1 
ATOM   335  C CD2 . LEU A 1 57  ? -9.478  -5.466  -8.424  1.00 10.07 ? 37   LEU A CD2 1 
ATOM   336  N N   . HIS A 1 58  ? -9.414  -8.943  -4.050  1.00 7.20  ? 38   HIS A N   1 
ATOM   337  C CA  . HIS A 1 58  ? -8.694  -9.936  -3.292  1.00 6.97  ? 38   HIS A CA  1 
ATOM   338  C C   . HIS A 1 58  ? -7.893  -10.852 -4.239  1.00 7.48  ? 38   HIS A C   1 
ATOM   339  O O   . HIS A 1 58  ? -8.446  -11.461 -5.161  1.00 7.59  ? 38   HIS A O   1 
ATOM   340  C CB  . HIS A 1 58  ? -9.681  -10.752 -2.490  1.00 7.44  ? 38   HIS A CB  1 
ATOM   341  C CG  . HIS A 1 58  ? -9.021  -11.857 -1.744  1.00 7.49  ? 38   HIS A CG  1 
ATOM   342  N ND1 . HIS A 1 58  ? -8.306  -11.652 -0.574  1.00 8.05  ? 38   HIS A ND1 1 
ATOM   343  C CD2 . HIS A 1 58  ? -8.907  -13.175 -2.039  1.00 9.30  ? 38   HIS A CD2 1 
ATOM   344  C CE1 . HIS A 1 58  ? -7.807  -12.809 -0.172  1.00 9.50  ? 38   HIS A CE1 1 
ATOM   345  N NE2 . HIS A 1 58  ? -8.155  -13.745 -1.047  1.00 11.15 ? 38   HIS A NE2 1 
ATOM   346  N N   . GLY A 1 59  ? -6.591  -10.999 -3.990  1.00 6.98  ? 39   GLY A N   1 
ATOM   347  C CA  . GLY A 1 59  ? -5.780  -11.906 -4.831  1.00 7.25  ? 39   GLY A CA  1 
ATOM   348  C C   . GLY A 1 59  ? -5.575  -11.421 -6.264  1.00 7.07  ? 39   GLY A C   1 
ATOM   349  O O   . GLY A 1 59  ? -4.990  -12.158 -7.070  1.00 8.46  ? 39   GLY A O   1 
ATOM   350  N N   . ALA A 1 60  ? -6.011  -10.187 -6.571  1.00 6.89  ? 40   ALA A N   1 
ATOM   351  C CA  . ALA A 1 60  ? -5.864  -9.705  -7.960  1.00 7.72  ? 40   ALA A CA  1 
ATOM   352  C C   . ALA A 1 60  ? -4.397  -9.564  -8.334  1.00 7.32  ? 40   ALA A C   1 
ATOM   353  O O   . ALA A 1 60  ? -3.525  -9.365  -7.467  1.00 8.44  ? 40   ALA A O   1 
ATOM   354  C CB  . ALA A 1 60  ? -6.579  -8.375  -8.153  1.00 8.72  ? 40   ALA A CB  1 
ATOM   355  N N   . MET A 1 61  ? -4.134  -9.663  -9.625  1.00 8.63  ? 41   MET A N   1 
ATOM   356  C CA  . MET A 1 61  ? -2.793  -9.538  -10.165 1.00 9.86  ? 41   MET A CA  1 
ATOM   357  C C   . MET A 1 61  ? -2.714  -8.139  -10.752 1.00 8.66  ? 41   MET A C   1 
ATOM   358  O O   . MET A 1 61  ? -3.219  -7.872  -11.829 1.00 8.36  ? 41   MET A O   1 
ATOM   359  C CB  . MET A 1 61  ? -2.551  -10.604 -11.244 1.00 11.11 ? 41   MET A CB  1 
ATOM   360  C CG  . MET A 1 61  ? -2.733  -12.015 -10.685 1.00 14.72 ? 41   MET A CG  1 
ATOM   361  S SD  . MET A 1 61  ? -3.074  -13.270 -11.977 1.00 20.97 ? 41   MET A SD  1 
ATOM   362  C CE  . MET A 1 61  ? -1.444  -13.347 -12.655 1.00 22.41 ? 41   MET A CE  1 
ATOM   363  N N   . LEU A 1 62  ? -2.073  -7.245  -10.019 1.00 8.49  ? 42   LEU A N   1 
ATOM   364  C CA  . LEU A 1 62  ? -1.984  -5.842  -10.373 1.00 8.14  ? 42   LEU A CA  1 
ATOM   365  C C   . LEU A 1 62  ? -0.525  -5.422  -10.543 1.00 7.08  ? 42   LEU A C   1 
ATOM   366  O O   . LEU A 1 62  ? -0.178  -4.220  -10.547 1.00 7.92  ? 42   LEU A O   1 
ATOM   367  C CB  . LEU A 1 62  ? -2.666  -4.997  -9.281  1.00 8.49  ? 42   LEU A CB  1 
ATOM   368  C CG  . LEU A 1 62  ? -4.197  -5.056  -9.339  1.00 10.15 ? 42   LEU A CG  1 
ATOM   369  C CD1 . LEU A 1 62  ? -4.774  -4.679  -7.988  1.00 14.06 ? 42   LEU A CD1 1 
ATOM   370  C CD2 . LEU A 1 62  ? -4.679  -4.063  -10.377 1.00 13.59 ? 42   LEU A CD2 1 
ATOM   371  N N   . ASP A 1 63  ? 0.350   -6.410  -10.717 1.00 6.40  ? 43   ASP A N   1 
ATOM   372  C CA  . ASP A 1 63  ? 1.790   -6.106  -10.856 1.00 7.16  ? 43   ASP A CA  1 
ATOM   373  C C   . ASP A 1 63  ? 2.041   -5.176  -12.036 1.00 7.14  ? 43   ASP A C   1 
ATOM   374  O O   . ASP A 1 63  ? 1.454   -5.339  -13.094 1.00 7.33  ? 43   ASP A O   1 
ATOM   375  C CB  . ASP A 1 63  ? 2.538   -7.412  -11.038 1.00 7.47  ? 43   ASP A CB  1 
ATOM   376  C CG  . ASP A 1 63  ? 2.162   -8.404  -9.970  1.00 9.66  ? 43   ASP A CG  1 
ATOM   377  O OD1 . ASP A 1 63  ? 1.126   -9.084  -10.127 1.00 7.33  ? 43   ASP A OD1 1 
ATOM   378  O OD2 . ASP A 1 63  ? 2.845   -8.428  -8.903  1.00 9.19  ? 43   ASP A OD2 1 
ATOM   379  N N   . GLU A 1 64  ? 2.931   -4.212  -11.843 1.00 7.25  ? 44   GLU A N   1 
ATOM   380  C CA  . GLU A 1 64  ? 3.298   -3.266  -12.889 1.00 7.58  ? 44   GLU A CA  1 
ATOM   381  C C   . GLU A 1 64  ? 2.167   -2.325  -13.330 1.00 7.68  ? 44   GLU A C   1 
ATOM   382  O O   . GLU A 1 64  ? 2.352   -1.585  -14.303 1.00 9.54  ? 44   GLU A O   1 
ATOM   383  C CB  . GLU A 1 64  ? 3.865   -3.971  -14.159 1.00 8.02  ? 44   GLU A CB  1 
ATOM   384  C CG  . GLU A 1 64  ? 4.766   -5.189  -13.879 1.00 9.26  ? 44   GLU A CG  1 
ATOM   385  C CD  . GLU A 1 64  ? 5.990   -4.912  -13.043 1.00 10.64 ? 44   GLU A CD  1 
ATOM   386  O OE1 . GLU A 1 64  ? 6.653   -3.857  -13.219 1.00 11.46 ? 44   GLU A OE1 1 
ATOM   387  O OE2 . GLU A 1 64  ? 6.302   -5.788  -12.198 1.00 10.72 ? 44   GLU A OE2 1 
ATOM   388  N N   . ALA A 1 65  ? 1.005   -2.408  -12.688 1.00 7.60  ? 45   ALA A N   1 
ATOM   389  C CA  . ALA A 1 65  ? -0.127  -1.572  -13.131 1.00 7.53  ? 45   ALA A CA  1 
ATOM   390  C C   . ALA A 1 65  ? 0.116   -0.111  -12.872 1.00 8.53  ? 45   ALA A C   1 
ATOM   391  O O   . ALA A 1 65  ? 0.827   0.254   -11.935 1.00 9.47  ? 45   ALA A O   1 
ATOM   392  C CB  . ALA A 1 65  ? -1.411  -2.016  -12.451 1.00 7.18  ? 45   ALA A CB  1 
ATOM   393  N N   . ASN A 1 66  ? -0.476  0.714   -13.725 1.00 7.98  ? 46   ASN A N   1 
ATOM   394  C CA  . ASN A 1 66  ? -0.492  2.140   -13.518 1.00 7.47  ? 46   ASN A CA  1 
ATOM   395  C C   . ASN A 1 66  ? -1.785  2.503   -12.811 1.00 8.39  ? 46   ASN A C   1 
ATOM   396  O O   . ASN A 1 66  ? -2.867  2.453   -13.412 1.00 8.15  ? 46   ASN A O   1 
ATOM   397  C CB  . ASN A 1 66  ? -0.401  2.886   -14.848 1.00 8.25  ? 46   ASN A CB  1 
ATOM   398  C CG  . ASN A 1 66  ? -0.556  4.388   -14.679 1.00 9.52  ? 46   ASN A CG  1 
ATOM   399  O OD1 . ASN A 1 66  ? -0.841  4.891   -13.593 1.00 9.08  ? 46   ASN A OD1 1 
ATOM   400  N ND2 . ASN A 1 66  ? -0.400  5.120   -15.795 1.00 11.59 ? 46   ASN A ND2 1 
ATOM   401  N N   . LEU A 1 67  ? -1.672  2.765   -11.509 1.00 7.24  ? 47   LEU A N   1 
ATOM   402  C CA  . LEU A 1 67  ? -2.802  3.155   -10.666 1.00 7.71  ? 47   LEU A CA  1 
ATOM   403  C C   . LEU A 1 67  ? -2.668  4.596   -10.140 1.00 7.47  ? 47   LEU A C   1 
ATOM   404  O O   . LEU A 1 67  ? -3.157  4.924   -9.049  1.00 7.30  ? 47   LEU A O   1 
ATOM   405  C CB  . LEU A 1 67  ? -2.937  2.162   -9.488  1.00 9.11  ? 47   LEU A CB  1 
ATOM   406  C CG  . LEU A 1 67  ? -3.528  0.816   -9.877  1.00 9.34  ? 47   LEU A CG  1 
ATOM   407  C CD1 . LEU A 1 67  ? -2.987  -0.330  -8.956  1.00 11.40 ? 47   LEU A CD1 1 
ATOM   408  C CD2 . LEU A 1 67  ? -5.062  0.937   -9.841  1.00 11.49 ? 47   LEU A CD2 1 
ATOM   409  N N   . GLN A 1 68  ? -2.017  5.454   -10.934 1.00 7.23  ? 48   GLN A N   1 
ATOM   410  C CA  . GLN A 1 68  ? -1.832  6.839   -10.499 1.00 7.15  ? 48   GLN A CA  1 
ATOM   411  C C   . GLN A 1 68  ? -3.175  7.466   -10.188 1.00 6.97  ? 48   GLN A C   1 
ATOM   412  O O   . GLN A 1 68  ? -4.099  7.470   -11.025 1.00 8.17  ? 48   GLN A O   1 
ATOM   413  C CB  . GLN A 1 68  ? -1.157  7.656   -11.603 1.00 7.70  ? 48   GLN A CB  1 
ATOM   414  C CG  . GLN A 1 68  ? 0.313   7.266   -11.812 1.00 8.94  ? 48   GLN A CG  1 
ATOM   415  C CD  . GLN A 1 68  ? 0.977   8.074   -12.921 1.00 11.19 ? 48   GLN A CD  1 
ATOM   416  O OE1 . GLN A 1 68  ? 0.463   9.109   -13.355 1.00 14.02 ? 48   GLN A OE1 1 
ATOM   417  N NE2 . GLN A 1 68  ? 2.152   7.628   -13.346 1.00 14.13 ? 48   GLN A NE2 1 
ATOM   418  N N   . GLN A 1 69  ? -3.277  8.063   -9.007  1.00 6.85  ? 49   GLN A N   1 
ATOM   419  C CA  . GLN A 1 69  ? -4.468  8.784   -8.581  1.00 8.16  ? 49   GLN A CA  1 
ATOM   420  C C   . GLN A 1 69  ? -5.744  7.975   -8.759  1.00 7.71  ? 49   GLN A C   1 
ATOM   421  O O   . GLN A 1 69  ? -6.840  8.523   -8.966  1.00 8.36  ? 49   GLN A O   1 
ATOM   422  C CB  . GLN A 1 69  ? -4.560  10.169  -9.232  1.00 9.00  ? 49   GLN A CB  1 
ATOM   423  C CG  . GLN A 1 69  ? -3.433  11.050  -8.670  1.00 11.99 ? 49   GLN A CG  1 
ATOM   424  C CD  . GLN A 1 69  ? -3.613  12.519  -8.892  1.00 16.83 ? 49   GLN A CD  1 
ATOM   425  O OE1 . GLN A 1 69  ? -3.564  12.953  -10.012 1.00 15.24 ? 49   GLN A OE1 1 
ATOM   426  N NE2 . GLN A 1 69  ? -3.755  13.295  -7.817  1.00 18.86 ? 49   GLN A NE2 1 
ATOM   427  N N   . ALA A 1 70  ? -5.641  6.648   -8.607  1.00 6.88  ? 50   ALA A N   1 
ATOM   428  C CA  . ALA A 1 70  ? -6.842  5.804   -8.556  1.00 7.83  ? 50   ALA A CA  1 
ATOM   429  C C   . ALA A 1 70  ? -7.563  5.928   -7.221  1.00 7.23  ? 50   ALA A C   1 
ATOM   430  O O   . ALA A 1 70  ? -6.922  6.085   -6.155  1.00 8.85  ? 50   ALA A O   1 
ATOM   431  C CB  . ALA A 1 70  ? -6.478  4.355   -8.811  1.00 7.79  ? 50   ALA A CB  1 
ATOM   432  N N   . ASN A 1 71  ? -8.887  5.820   -7.259  1.00 7.73  ? 51   ASN A N   1 
ATOM   433  C CA  . ASN A 1 71  ? -9.658  5.746   -6.025  1.00 7.41  ? 51   ASN A CA  1 
ATOM   434  C C   . ASN A 1 71  ? -9.900  4.300   -5.679  1.00 7.92  ? 51   ASN A C   1 
ATOM   435  O O   . ASN A 1 71  ? -10.696 3.643   -6.314  1.00 8.69  ? 51   ASN A O   1 
ATOM   436  C CB  . ASN A 1 71  ? -10.971 6.507   -6.168  1.00 8.43  ? 51   ASN A CB  1 
ATOM   437  C CG  . ASN A 1 71  ? -11.706 6.646   -4.859  1.00 9.61  ? 51   ASN A CG  1 
ATOM   438  O OD1 . ASN A 1 71  ? -11.423 5.956   -3.864  1.00 9.63  ? 51   ASN A OD1 1 
ATOM   439  N ND2 . ASN A 1 71  ? -12.724 7.479   -4.857  1.00 10.37 ? 51   ASN A ND2 1 
ATOM   440  N N   . LEU A 1 72  ? -9.137  3.809   -4.696  1.00 7.44  ? 52   LEU A N   1 
ATOM   441  C CA  . LEU A 1 72  ? -9.277  2.454   -4.182  1.00 7.81  ? 52   LEU A CA  1 
ATOM   442  C C   . LEU A 1 72  ? -9.732  2.490   -2.721  1.00 7.87  ? 52   LEU A C   1 
ATOM   443  O O   . LEU A 1 72  ? -9.454  1.562   -1.935  1.00 8.27  ? 52   LEU A O   1 
ATOM   444  C CB  . LEU A 1 72  ? -7.924  1.713   -4.307  1.00 7.68  ? 52   LEU A CB  1 
ATOM   445  C CG  . LEU A 1 72  ? -7.419  1.508   -5.735  1.00 8.81  ? 52   LEU A CG  1 
ATOM   446  C CD1 . LEU A 1 72  ? -5.912  1.184   -5.775  1.00 10.13 ? 52   LEU A CD1 1 
ATOM   447  C CD2 . LEU A 1 72  ? -8.173  0.338   -6.349  1.00 14.12 ? 52   LEU A CD2 1 
ATOM   448  N N   . SER A 1 73  ? -10.424 3.553   -2.338  1.00 7.30  ? 53   SER A N   1 
ATOM   449  C CA  . SER A 1 73  ? -10.848 3.659   -0.937  1.00 7.45  ? 53   SER A CA  1 
ATOM   450  C C   . SER A 1 73  ? -11.784 2.501   -0.573  1.00 7.63  ? 53   SER A C   1 
ATOM   451  O O   . SER A 1 73  ? -12.677 2.135   -1.359  1.00 7.63  ? 53   SER A O   1 
ATOM   452  C CB  . SER A 1 73  ? -11.423 5.037   -0.630  1.00 9.39  ? 53   SER A CB  1 
ATOM   453  O OG  . SER A 1 73  ? -12.606 5.279   -1.356  1.00 9.97  ? 53   SER A OG  1 
ATOM   454  N N   . ARG A 1 74  ? -11.537 1.900   0.588   1.00 7.71  ? 54   ARG A N   1 
ATOM   455  C CA  . ARG A 1 74  ? -12.315 0.753   1.070   1.00 7.68  ? 54   ARG A CA  1 
ATOM   456  C C   . ARG A 1 74  ? -12.261 -0.449  0.136   1.00 7.56  ? 54   ARG A C   1 
ATOM   457  O O   . ARG A 1 74  ? -13.074 -1.392  0.316   1.00 10.02 ? 54   ARG A O   1 
ATOM   458  C CB  . ARG A 1 74  ? -13.770 1.162   1.375   1.00 7.52  ? 54   ARG A CB  1 
ATOM   459  C CG  . ARG A 1 74  ? -13.834 2.071   2.601   1.00 8.19  ? 54   ARG A CG  1 
ATOM   460  C CD  . ARG A 1 74  ? -15.207 2.693   2.863   1.00 9.48  ? 54   ARG A CD  1 
ATOM   461  N NE  . ARG A 1 74  ? -15.058 3.647   3.957   1.00 11.67 ? 54   ARG A NE  1 
ATOM   462  C CZ  . ARG A 1 74  ? -14.492 4.843   3.826   1.00 10.20 ? 54   ARG A CZ  1 
ATOM   463  N NH1 . ARG A 1 74  ? -14.151 5.286   2.616   1.00 11.37 ? 54   ARG A NH1 1 
ATOM   464  N NH2 . ARG A 1 74  ? -14.298 5.618   4.889   1.00 12.69 ? 54   ARG A NH2 1 
ATOM   465  N N   . ALA A 1 75  ? -11.305 -0.483  -0.787  1.00 6.72  ? 55   ALA A N   1 
ATOM   466  C CA  . ALA A 1 75  ? -11.137 -1.697  -1.639  1.00 8.03  ? 55   ALA A CA  1 
ATOM   467  C C   . ALA A 1 75  ? -10.520 -2.819  -0.810  1.00 8.21  ? 55   ALA A C   1 
ATOM   468  O O   . ALA A 1 75  ? -9.710  -2.562  0.111   1.00 8.85  ? 55   ALA A O   1 
ATOM   469  C CB  . ALA A 1 75  ? -10.272 -1.409  -2.846  1.00 8.95  ? 55   ALA A CB  1 
ATOM   470  N N   . ASP A 1 76  ? -10.857 -4.064  -1.149  1.00 7.88  ? 56   ASP A N   1 
ATOM   471  C CA  . ASP A 1 76  ? -10.194 -5.198  -0.532  1.00 8.33  ? 56   ASP A CA  1 
ATOM   472  C C   . ASP A 1 76  ? -9.126  -5.664  -1.514  1.00 8.63  ? 56   ASP A C   1 
ATOM   473  O O   . ASP A 1 76  ? -9.431  -6.300  -2.546  1.00 8.38  ? 56   ASP A O   1 
ATOM   474  C CB  . ASP A 1 76  ? -11.191 -6.345  -0.320  1.00 7.99  ? 56   ASP A CB  1 
ATOM   475  C CG  . ASP A 1 76  ? -10.550 -7.568  0.232   1.00 12.39 ? 56   ASP A CG  1 
ATOM   476  O OD1 . ASP A 1 76  ? -9.355  -7.517  0.590   1.00 10.27 ? 56   ASP A OD1 1 
ATOM   477  O OD2 . ASP A 1 76  ? -11.260 -8.600  0.331   1.00 15.01 ? 56   ASP A OD2 1 
ATOM   478  N N   . LEU A 1 77  ? -7.879  -5.313  -1.198  1.00 7.74  ? 57   LEU A N   1 
ATOM   479  C CA  . LEU A 1 77  ? -6.702  -5.724  -1.971  1.00 7.58  ? 57   LEU A CA  1 
ATOM   480  C C   . LEU A 1 77  ? -5.911  -6.806  -1.214  1.00 7.33  ? 57   LEU A C   1 
ATOM   481  O O   . LEU A 1 77  ? -4.753  -7.061  -1.550  1.00 7.70  ? 57   LEU A O   1 
ATOM   482  C CB  . LEU A 1 77  ? -5.806  -4.516  -2.280  1.00 7.96  ? 57   LEU A CB  1 
ATOM   483  C CG  . LEU A 1 77  ? -6.419  -3.648  -3.367  1.00 10.53 ? 57   LEU A CG  1 
ATOM   484  C CD1 . LEU A 1 77  ? -5.946  -2.207  -3.175  1.00 15.49 ? 57   LEU A CD1 1 
ATOM   485  C CD2 . LEU A 1 77  ? -6.026  -4.147  -4.710  1.00 12.99 ? 57   LEU A CD2 1 
ATOM   486  N N   . SER A 1 78  ? -6.562  -7.477  -0.262  1.00 7.25  ? 58   SER A N   1 
ATOM   487  C CA  . SER A 1 78  ? -5.817  -8.466  0.544   1.00 7.51  ? 58   SER A CA  1 
ATOM   488  C C   . SER A 1 78  ? -5.272  -9.568  -0.374  1.00 7.54  ? 58   SER A C   1 
ATOM   489  O O   . SER A 1 78  ? -5.944  -10.043 -1.291  1.00 7.48  ? 58   SER A O   1 
ATOM   490  C CB  . SER A 1 78  ? -6.683  -9.038  1.654   1.00 8.46  ? 58   SER A CB  1 
ATOM   491  O OG  . SER A 1 78  ? -7.911  -9.564  1.158   1.00 8.92  ? 58   SER A OG  1 
ATOM   492  N N   . GLY A 1 79  ? -4.017  -9.909  -0.135  1.00 7.78  ? 59   GLY A N   1 
ATOM   493  C CA  . GLY A 1 79  ? -3.336  -10.917 -0.919  1.00 7.80  ? 59   GLY A CA  1 
ATOM   494  C C   . GLY A 1 79  ? -3.043  -10.565 -2.367  1.00 8.15  ? 59   GLY A C   1 
ATOM   495  O O   . GLY A 1 79  ? -2.494  -11.409 -3.091  1.00 9.77  ? 59   GLY A O   1 
ATOM   496  N N   . ALA A 1 80  ? -3.391  -9.357  -2.807  1.00 7.31  ? 60   ALA A N   1 
ATOM   497  C CA  . ALA A 1 80  ? -3.110  -9.001  -4.205  1.00 7.31  ? 60   ALA A CA  1 
ATOM   498  C C   . ALA A 1 80  ? -1.619  -8.885  -4.416  1.00 7.50  ? 60   ALA A C   1 
ATOM   499  O O   . ALA A 1 80  ? -0.878  -8.661  -3.443  1.00 8.42  ? 60   ALA A O   1 
ATOM   500  C CB  . ALA A 1 80  ? -3.786  -7.712  -4.550  1.00 7.22  ? 60   ALA A CB  1 
ATOM   501  N N   . THR A 1 81  ? -1.195  -9.027  -5.662  1.00 7.02  ? 61   THR A N   1 
ATOM   502  C CA  . THR A 1 81  ? 0.184   -8.799  -6.025  1.00 7.35  ? 61   THR A CA  1 
ATOM   503  C C   . THR A 1 81  ? 0.288   -7.508  -6.808  1.00 8.48  ? 61   THR A C   1 
ATOM   504  O O   . THR A 1 81  ? -0.444  -7.264  -7.798  1.00 7.58  ? 61   THR A O   1 
ATOM   505  C CB  . THR A 1 81  ? 0.830   -10.003 -6.805  1.00 8.49  ? 61   THR A CB  1 
ATOM   506  O OG1 . THR A 1 81  ? 0.064   -10.300 -7.990  1.00 8.46  ? 61   THR A OG1 1 
ATOM   507  C CG2 . THR A 1 81  ? 0.908   -11.239 -5.905  1.00 8.72  ? 61   THR A CG2 1 
ATOM   508  N N   . LEU A 1 82  ? 1.199   -6.658  -6.339  1.00 7.07  ? 62   LEU A N   1 
ATOM   509  C CA  . LEU A 1 82  ? 1.366   -5.280  -6.828  1.00 6.98  ? 62   LEU A CA  1 
ATOM   510  C C   . LEU A 1 82  ? 2.855   -4.965  -6.949  1.00 7.27  ? 62   LEU A C   1 
ATOM   511  O O   . LEU A 1 82  ? 3.297   -3.832  -6.740  1.00 7.97  ? 62   LEU A O   1 
ATOM   512  C CB  . LEU A 1 82  ? 0.683   -4.289  -5.882  1.00 7.39  ? 62   LEU A CB  1 
ATOM   513  C CG  . LEU A 1 82  ? -0.828  -4.445  -5.778  1.00 7.96  ? 62   LEU A CG  1 
ATOM   514  C CD1 . LEU A 1 82  ? -1.244  -4.735  -4.357  1.00 11.66 ? 62   LEU A CD1 1 
ATOM   515  C CD2 . LEU A 1 82  ? -1.434  -3.137  -6.309  1.00 12.31 ? 62   LEU A CD2 1 
ATOM   516  N N   . ASN A 1 83  ? 3.644   -5.975  -7.312  1.00 7.18  ? 63   ASN A N   1 
ATOM   517  C CA  . ASN A 1 83  ? 5.083   -5.739  -7.481  1.00 7.41  ? 63   ASN A CA  1 
ATOM   518  C C   . ASN A 1 83  ? 5.270   -4.623  -8.500  1.00 7.32  ? 63   ASN A C   1 
ATOM   519  O O   . ASN A 1 83  ? 4.699   -4.675  -9.567  1.00 7.20  ? 63   ASN A O   1 
ATOM   520  C CB  . ASN A 1 83  ? 5.820   -6.973  -8.014  1.00 7.83  ? 63   ASN A CB  1 
ATOM   521  C CG  . ASN A 1 83  ? 5.878   -8.096  -7.019  1.00 8.34  ? 63   ASN A CG  1 
ATOM   522  O OD1 . ASN A 1 83  ? 6.792   -8.157  -6.161  1.00 8.70  ? 63   ASN A OD1 1 
ATOM   523  N ND2 . ASN A 1 83  ? 4.955   -9.031  -7.151  1.00 10.63 ? 63   ASN A ND2 1 
ATOM   524  N N   . GLY A 1 84  ? 6.104   -3.629  -8.184  1.00 6.83  ? 64   GLY A N   1 
ATOM   525  C CA  . GLY A 1 84  ? 6.413   -2.573  -9.133  1.00 7.24  ? 64   GLY A CA  1 
ATOM   526  C C   . GLY A 1 84  ? 5.230   -1.728  -9.566  1.00 7.79  ? 64   GLY A C   1 
ATOM   527  O O   . GLY A 1 84  ? 5.380   -0.939  -10.513 1.00 9.83  ? 64   GLY A O   1 
ATOM   528  N N   . ALA A 1 85  ? 4.094   -1.845  -8.888  1.00 7.28  ? 65   ALA A N   1 
ATOM   529  C CA  . ALA A 1 85  ? 2.937   -1.048  -9.323  1.00 7.17  ? 65   ALA A CA  1 
ATOM   530  C C   . ALA A 1 85  ? 3.135   0.429   -9.030  1.00 7.68  ? 65   ALA A C   1 
ATOM   531  O O   . ALA A 1 85  ? 3.830   0.792   -8.087  1.00 7.90  ? 65   ALA A O   1 
ATOM   532  C CB  . ALA A 1 85  ? 1.679   -1.559  -8.713  1.00 7.77  ? 65   ALA A CB  1 
ATOM   533  N N   . ASP A 1 86  ? 2.483   1.269   -9.814  1.00 7.41  ? 66   ASP A N   1 
ATOM   534  C CA  . ASP A 1 86  ? 2.588   2.714   -9.676  1.00 7.52  ? 66   ASP A CA  1 
ATOM   535  C C   . ASP A 1 86  ? 1.292   3.210   -9.050  1.00 7.89  ? 66   ASP A C   1 
ATOM   536  O O   . ASP A 1 86  ? 0.265   3.349   -9.739  1.00 8.23  ? 66   ASP A O   1 
ATOM   537  C CB  . ASP A 1 86  ? 2.849   3.382   -11.018 1.00 7.93  ? 66   ASP A CB  1 
ATOM   538  C CG  . ASP A 1 86  ? 3.071   4.888   -10.906 1.00 9.52  ? 66   ASP A CG  1 
ATOM   539  O OD1 . ASP A 1 86  ? 2.898   5.498   -9.814  1.00 9.42  ? 66   ASP A OD1 1 
ATOM   540  O OD2 . ASP A 1 86  ? 3.410   5.447   -11.981 1.00 11.07 ? 66   ASP A OD2 1 
ATOM   541  N N   . LEU A 1 87  ? 1.342   3.428   -7.746  1.00 7.35  ? 67   LEU A N   1 
ATOM   542  C CA  . LEU A 1 87  ? 0.187   3.886   -6.981  1.00 7.86  ? 67   LEU A CA  1 
ATOM   543  C C   . LEU A 1 87  ? 0.364   5.348   -6.544  1.00 7.07  ? 67   LEU A C   1 
ATOM   544  O O   . LEU A 1 87  ? -0.238  5.765   -5.542  1.00 8.27  ? 67   LEU A O   1 
ATOM   545  C CB  . LEU A 1 87  ? -0.005  2.995   -5.742  1.00 8.77  ? 67   LEU A CB  1 
ATOM   546  C CG  . LEU A 1 87  ? -0.388  1.569   -6.144  1.00 7.67  ? 67   LEU A CG  1 
ATOM   547  C CD1 . LEU A 1 87  ? 0.583   0.628   -5.491  1.00 14.53 ? 67   LEU A CD1 1 
ATOM   548  C CD2 . LEU A 1 87  ? -1.777  1.336   -5.695  1.00 14.27 ? 67   LEU A CD2 1 
ATOM   549  N N   . ARG A 1 88  ? 1.185   6.106   -7.284  1.00 7.63  ? 68   ARG A N   1 
ATOM   550  C CA  . ARG A 1 88  ? 1.455   7.493   -6.874  1.00 7.36  ? 68   ARG A CA  1 
ATOM   551  C C   . ARG A 1 88  ? 0.119   8.240   -6.748  1.00 6.15  ? 68   ARG A C   1 
ATOM   552  O O   . ARG A 1 88  ? -0.690  8.243   -7.691  1.00 6.93  ? 68   ARG A O   1 
ATOM   553  C CB  . ARG A 1 88  ? 2.396   8.197   -7.840  1.00 8.55  ? 68   ARG A CB  1 
ATOM   554  C CG  . ARG A 1 88  ? 3.811   7.720   -7.679  1.00 9.31  ? 68   ARG A CG  1 
ATOM   555  C CD  . ARG A 1 88  ? 4.725   8.401   -8.654  1.00 10.10 ? 68   ARG A CD  1 
ATOM   556  N NE  . ARG A 1 88  ? 4.617   7.811   -9.976  1.00 9.49  ? 68   ARG A NE  1 
ATOM   557  C CZ  . ARG A 1 88  ? 5.397   8.143   -10.996 1.00 12.82 ? 68   ARG A CZ  1 
ATOM   558  N NH1 . ARG A 1 88  ? 6.321   9.104   -10.850 1.00 13.80 ? 68   ARG A NH1 1 
ATOM   559  N NH2 . ARG A 1 88  ? 5.246   7.518   -12.161 1.00 15.40 ? 68   ARG A NH2 1 
ATOM   560  N N   . GLY A 1 89  ? -0.117  8.860   -5.596  1.00 6.31  ? 69   GLY A N   1 
ATOM   561  C CA  . GLY A 1 89  ? -1.314  9.655   -5.367  1.00 7.28  ? 69   GLY A CA  1 
ATOM   562  C C   . GLY A 1 89  ? -2.622  8.882   -5.308  1.00 7.60  ? 69   GLY A C   1 
ATOM   563  O O   . GLY A 1 89  ? -3.709  9.514   -5.234  1.00 8.20  ? 69   GLY A O   1 
ATOM   564  N N   . ALA A 1 90  ? -2.555  7.552   -5.317  1.00 6.90  ? 70   ALA A N   1 
ATOM   565  C CA  . ALA A 1 90  ? -3.785  6.753   -5.186  1.00 7.76  ? 70   ALA A CA  1 
ATOM   566  C C   . ALA A 1 90  ? -4.405  6.913   -3.807  1.00 7.15  ? 70   ALA A C   1 
ATOM   567  O O   . ALA A 1 90  ? -3.677  7.141   -2.815  1.00 7.55  ? 70   ALA A O   1 
ATOM   568  C CB  . ALA A 1 90  ? -3.480  5.296   -5.436  1.00 7.52  ? 70   ALA A CB  1 
ATOM   569  N N   . ASN A 1 91  ? -5.728  6.785   -3.730  1.00 7.12  ? 71   ASN A N   1 
ATOM   570  C CA  . ASN A 1 91  ? -6.388  6.824   -2.441  1.00 6.69  ? 71   ASN A CA  1 
ATOM   571  C C   . ASN A 1 91  ? -6.779  5.422   -2.039  1.00 7.58  ? 71   ASN A C   1 
ATOM   572  O O   . ASN A 1 91  ? -7.583  4.774   -2.739  1.00 8.55  ? 71   ASN A O   1 
ATOM   573  C CB  . ASN A 1 91  ? -7.643  7.719   -2.451  1.00 6.68  ? 71   ASN A CB  1 
ATOM   574  C CG  . ASN A 1 91  ? -8.011  8.141   -1.049  1.00 8.95  ? 71   ASN A CG  1 
ATOM   575  O OD1 . ASN A 1 91  ? -8.185  7.267   -0.177  1.00 9.99  ? 71   ASN A OD1 1 
ATOM   576  N ND2 . ASN A 1 91  ? -8.084  9.451   -0.794  1.00 10.25 ? 71   ASN A ND2 1 
ATOM   577  N N   . LEU A 1 92  ? -6.147  4.948   -0.954  1.00 7.57  ? 72   LEU A N   1 
ATOM   578  C CA  . LEU A 1 92  ? -6.371  3.608   -0.393  1.00 6.52  ? 72   LEU A CA  1 
ATOM   579  C C   . LEU A 1 92  ? -6.908  3.763   1.041   1.00 6.53  ? 72   LEU A C   1 
ATOM   580  O O   . LEU A 1 92  ? -6.718  2.884   1.902   1.00 7.13  ? 72   LEU A O   1 
ATOM   581  C CB  . LEU A 1 92  ? -5.069  2.772   -0.448  1.00 7.27  ? 72   LEU A CB  1 
ATOM   582  C CG  . LEU A 1 92  ? -4.599  2.418   -1.853  1.00 8.69  ? 72   LEU A CG  1 
ATOM   583  C CD1 . LEU A 1 92  ? -3.084  2.646   -1.979  1.00 16.25 ? 72   LEU A CD1 1 
ATOM   584  C CD2 . LEU A 1 92  ? -4.971  0.986   -2.107  1.00 16.22 ? 72   LEU A CD2 1 
ATOM   585  N N   . SER A 1 93  ? -7.628  4.848   1.291   1.00 7.11  ? 73   SER A N   1 
ATOM   586  C CA  . SER A 1 93  ? -8.180  5.063   2.650   1.00 6.99  ? 73   SER A CA  1 
ATOM   587  C C   . SER A 1 93  ? -9.042  3.889   3.047   1.00 7.58  ? 73   SER A C   1 
ATOM   588  O O   . SER A 1 93  ? -9.924  3.495   2.276   1.00 7.47  ? 73   SER A O   1 
ATOM   589  C CB  . SER A 1 93  ? -8.997  6.353   2.721   1.00 8.45  ? 73   SER A CB  1 
ATOM   590  O OG  . SER A 1 93  ? -8.135  7.472   2.657   1.00 11.89 ? 73   SER A OG  1 
ATOM   591  N N   . LYS A 1 94  ? -8.785  3.323   4.224   1.00 7.67  ? 74   LYS A N   1 
ATOM   592  C CA  . LYS A 1 94  ? -9.591  2.238   4.762   1.00 7.89  ? 74   LYS A CA  1 
ATOM   593  C C   . LYS A 1 94  ? -9.564  0.974   3.873   1.00 7.66  ? 74   LYS A C   1 
ATOM   594  O O   . LYS A 1 94  ? -10.412 0.090   4.036   1.00 10.39 ? 74   LYS A O   1 
ATOM   595  C CB  . LYS A 1 94  ? -11.043 2.696   5.082   1.00 7.99  ? 74   LYS A CB  1 
ATOM   596  C CG  . LYS A 1 94  ? -11.122 3.663   6.286   1.00 7.50  ? 74   LYS A CG  1 
ATOM   597  C CD  . LYS A 1 94  ? -10.711 5.094   5.992   1.00 11.15 ? 74   LYS A CD  1 
ATOM   598  C CE  . LYS A 1 94  ? -11.231 6.048   7.058   1.00 11.82 ? 74   LYS A CE  1 
ATOM   599  N NZ  . LYS A 1 94  ? -10.815 7.456   6.750   1.00 13.46 ? 74   LYS A NZ  1 
ATOM   600  N N   . ALA A 1 95  ? -8.598  0.871   2.974   1.00 7.11  ? 75   ALA A N   1 
ATOM   601  C CA  . ALA A 1 95  ? -8.460  -0.331  2.172   1.00 7.65  ? 75   ALA A CA  1 
ATOM   602  C C   . ALA A 1 95  ? -7.776  -1.437  2.957   1.00 7.84  ? 75   ALA A C   1 
ATOM   603  O O   . ALA A 1 95  ? -7.059  -1.181  3.949   1.00 9.64  ? 75   ALA A O   1 
ATOM   604  C CB  . ALA A 1 95  ? -7.668  0.001   0.938   1.00 7.74  ? 75   ALA A CB  1 
ATOM   605  N N   . ASP A 1 96  ? -7.961  -2.662  2.490   1.00 7.98  ? 76   ASP A N   1 
ATOM   606  C CA  . ASP A 1 96  ? -7.307  -3.830  3.070   1.00 8.26  ? 76   ASP A CA  1 
ATOM   607  C C   . ASP A 1 96  ? -6.217  -4.263  2.114   1.00 8.68  ? 76   ASP A C   1 
ATOM   608  O O   . ASP A 1 96  ? -6.490  -4.651  0.980   1.00 9.27  ? 76   ASP A O   1 
ATOM   609  C CB  . ASP A 1 96  ? -8.316  -4.955  3.273   1.00 8.71  ? 76   ASP A CB  1 
ATOM   610  C CG  . ASP A 1 96  ? -7.761  -6.142  4.064   1.00 10.97 ? 76   ASP A CG  1 
ATOM   611  O OD1 . ASP A 1 96  ? -6.534  -6.253  4.249   1.00 11.05 ? 76   ASP A OD1 1 
ATOM   612  O OD2 . ASP A 1 96  ? -8.591  -6.961  4.506   1.00 14.25 ? 76   ASP A OD2 1 
ATOM   613  N N   . LEU A 1 97  ? -4.970  -4.198  2.578   1.00 7.88  ? 77   LEU A N   1 
ATOM   614  C CA  . LEU A 1 97  ? -3.805  -4.668  1.815   1.00 7.54  ? 77   LEU A CA  1 
ATOM   615  C C   . LEU A 1 97  ? -3.082  -5.774  2.617   1.00 7.41  ? 77   LEU A C   1 
ATOM   616  O O   . LEU A 1 97  ? -1.870  -6.019  2.387   1.00 7.33  ? 77   LEU A O   1 
ATOM   617  C CB  . LEU A 1 97  ? -2.821  -3.525  1.504   1.00 8.69  ? 77   LEU A CB  1 
ATOM   618  C CG  . LEU A 1 97  ? -3.238  -2.570  0.389   1.00 11.59 ? 77   LEU A CG  1 
ATOM   619  C CD1 . LEU A 1 97  ? -2.522  -1.200  0.568   1.00 18.92 ? 77   LEU A CD1 1 
ATOM   620  C CD2 . LEU A 1 97  ? -2.876  -3.119  -0.991  1.00 16.48 ? 77   LEU A CD2 1 
ATOM   621  N N   . SER A 1 98  ? -3.796  -6.409  3.561   1.00 7.62  ? 78   SER A N   1 
ATOM   622  C CA  A SER A 1 98  ? -3.117  -7.429  4.348   0.50 8.01  ? 78   SER A CA  1 
ATOM   623  C CA  B SER A 1 98  ? -3.224  -7.527  4.353   0.50 8.09  ? 78   SER A CA  1 
ATOM   624  C C   . SER A 1 98  ? -2.587  -8.532  3.421   1.00 8.30  ? 78   SER A C   1 
ATOM   625  O O   . SER A 1 98  ? -3.222  -8.935  2.443   1.00 8.57  ? 78   SER A O   1 
ATOM   626  C CB  A SER A 1 98  ? -4.009  -7.972  5.446   0.50 8.31  ? 78   SER A CB  1 
ATOM   627  C CB  B SER A 1 98  ? -4.307  -8.283  5.113   0.50 8.50  ? 78   SER A CB  1 
ATOM   628  O OG  A SER A 1 98  ? -5.182  -8.532  4.905   0.50 8.91  ? 78   SER A OG  1 
ATOM   629  O OG  B SER A 1 98  ? -4.956  -7.455  6.039   0.50 9.42  ? 78   SER A OG  1 
ATOM   630  N N   . ASP A 1 99  ? -1.372  -8.967  3.710   1.00 8.27  ? 79   ASP A N   1 
ATOM   631  C CA  . ASP A 1 99  ? -0.687  -10.020 2.948   1.00 8.59  ? 79   ASP A CA  1 
ATOM   632  C C   . ASP A 1 99  ? -0.444  -9.665  1.493   1.00 8.82  ? 79   ASP A C   1 
ATOM   633  O O   . ASP A 1 99  ? -0.052  -10.550 0.694   1.00 10.34 ? 79   ASP A O   1 
ATOM   634  C CB  . ASP A 1 99  ? -1.438  -11.352 3.016   1.00 9.93  ? 79   ASP A CB  1 
ATOM   635  C CG  . ASP A 1 99  ? -1.606  -11.838 4.416   1.00 14.02 ? 79   ASP A CG  1 
ATOM   636  O OD1 . ASP A 1 99  ? -0.564  -12.028 5.086   1.00 21.37 ? 79   ASP A OD1 1 
ATOM   637  O OD2 . ASP A 1 99  ? -2.775  -12.028 4.835   1.00 21.69 ? 79   ASP A OD2 1 
ATOM   638  N N   . ALA A 1 100 ? -0.624  -8.392  1.117   1.00 6.64  ? 80   ALA A N   1 
ATOM   639  C CA  . ALA A 1 100 ? -0.367  -8.023  -0.297  1.00 7.95  ? 80   ALA A CA  1 
ATOM   640  C C   . ALA A 1 100 ? 1.126   -7.962  -0.562  1.00 7.76  ? 80   ALA A C   1 
ATOM   641  O O   . ALA A 1 100 ? 1.909   -7.784  0.390   1.00 9.34  ? 80   ALA A O   1 
ATOM   642  C CB  . ALA A 1 100 ? -0.992  -6.677  -0.618  1.00 7.81  ? 80   ALA A CB  1 
ATOM   643  N N   . ILE A 1 101 ? 1.514   -8.078  -1.826  1.00 8.04  ? 81   ILE A N   1 
ATOM   644  C CA  . ILE A 1 101 ? 2.930   -7.966  -2.183  1.00 8.06  ? 81   ILE A CA  1 
ATOM   645  C C   . ILE A 1 101 ? 3.094   -6.648  -2.919  1.00 8.42  ? 81   ILE A C   1 
ATOM   646  O O   . ILE A 1 101 ? 2.579   -6.485  -4.022  1.00 9.03  ? 81   ILE A O   1 
ATOM   647  C CB  . ILE A 1 101 ? 3.427   -9.163  -3.052  1.00 8.32  ? 81   ILE A CB  1 
ATOM   648  C CG1 . ILE A 1 101 ? 3.338   -10.442 -2.205  1.00 9.67  ? 81   ILE A CG1 1 
ATOM   649  C CG2 . ILE A 1 101 ? 4.852   -8.909  -3.518  1.00 10.92 ? 81   ILE A CG2 1 
ATOM   650  C CD1 . ILE A 1 101 ? 3.692   -11.753 -2.928  1.00 11.36 ? 81   ILE A CD1 1 
ATOM   651  N N   . LEU A 1 102 ? 3.803   -5.689  -2.316  1.00 8.24  ? 82   LEU A N   1 
ATOM   652  C CA  . LEU A 1 102 ? 4.071   -4.385  -2.917  1.00 8.59  ? 82   LEU A CA  1 
ATOM   653  C C   . LEU A 1 102 ? 5.557   -4.105  -2.978  1.00 7.57  ? 82   LEU A C   1 
ATOM   654  O O   . LEU A 1 102 ? 5.972   -2.928  -3.054  1.00 8.55  ? 82   LEU A O   1 
ATOM   655  C CB  . LEU A 1 102 ? 3.398   -3.276  -2.104  1.00 8.70  ? 82   LEU A CB  1 
ATOM   656  C CG  . LEU A 1 102 ? 1.879   -3.431  -1.986  1.00 8.94  ? 82   LEU A CG  1 
ATOM   657  C CD1 . LEU A 1 102 ? 1.409   -3.694  -0.560  1.00 12.88 ? 82   LEU A CD1 1 
ATOM   658  C CD2 . LEU A 1 102 ? 1.263   -2.159  -2.499  1.00 13.27 ? 82   LEU A CD2 1 
ATOM   659  N N   . ASP A 1 103 ? 6.357   -5.162  -3.044  1.00 7.50  ? 83   ASP A N   1 
ATOM   660  C CA  . ASP A 1 103 ? 7.812   -4.932  -3.157  1.00 7.85  ? 83   ASP A CA  1 
ATOM   661  C C   . ASP A 1 103 ? 8.086   -4.072  -4.379  1.00 7.50  ? 83   ASP A C   1 
ATOM   662  O O   . ASP A 1 103 ? 7.567   -4.338  -5.494  1.00 6.65  ? 83   ASP A O   1 
ATOM   663  C CB  . ASP A 1 103 ? 8.572   -6.237  -3.243  1.00 8.63  ? 83   ASP A CB  1 
ATOM   664  C CG  . ASP A 1 103 ? 8.594   -6.966  -1.950  1.00 9.36  ? 83   ASP A CG  1 
ATOM   665  O OD1 . ASP A 1 103 ? 8.060   -6.412  -0.951  1.00 10.29 ? 83   ASP A OD1 1 
ATOM   666  O OD2 . ASP A 1 103 ? 9.181   -8.112  -1.927  1.00 15.20 ? 83   ASP A OD2 1 
ATOM   667  N N   . ASN A 1 104 ? 8.913   -3.040  -4.194  1.00 7.33  ? 84   ASN A N   1 
ATOM   668  C CA  . ASN A 1 104 ? 9.334   -2.152  -5.278  1.00 8.36  ? 84   ASN A CA  1 
ATOM   669  C C   . ASN A 1 104 ? 8.194   -1.341  -5.910  1.00 8.54  ? 84   ASN A C   1 
ATOM   670  O O   . ASN A 1 104 ? 8.385   -0.718  -6.983  1.00 10.68 ? 84   ASN A O   1 
ATOM   671  C CB  . ASN A 1 104 ? 10.108  -2.911  -6.362  1.00 8.76  ? 84   ASN A CB  1 
ATOM   672  C CG  . ASN A 1 104 ? 11.352  -3.553  -5.809  1.00 9.55  ? 84   ASN A CG  1 
ATOM   673  O OD1 . ASN A 1 104 ? 11.388  -4.763  -5.525  1.00 12.13 ? 84   ASN A OD1 1 
ATOM   674  N ND2 . ASN A 1 104 ? 12.374  -2.734  -5.591  1.00 11.23 ? 84   ASN A ND2 1 
ATOM   675  N N   . ALA A 1 105 ? 7.048   -1.325  -5.233  1.00 8.34  ? 85   ALA A N   1 
ATOM   676  C CA  . ALA A 1 105 ? 5.954   -0.466  -5.704  1.00 8.59  ? 85   ALA A CA  1 
ATOM   677  C C   . ALA A 1 105 ? 6.263   0.988   -5.443  1.00 8.84  ? 85   ALA A C   1 
ATOM   678  O O   . ALA A 1 105 ? 7.131   1.324   -4.591  1.00 9.39  ? 85   ALA A O   1 
ATOM   679  C CB  . ALA A 1 105 ? 4.662   -0.864  -5.026  1.00 7.43  ? 85   ALA A CB  1 
ATOM   680  N N   A ILE A 1 106 ? 5.549   1.860   -6.149  0.50 7.96  ? 86   ILE A N   1 
ATOM   681  N N   B ILE A 1 106 ? 5.589   1.886   -6.149  0.50 8.61  ? 86   ILE A N   1 
ATOM   682  C CA  A ILE A 1 106 ? 5.706   3.298   -5.972  0.50 8.69  ? 86   ILE A CA  1 
ATOM   683  C CA  B ILE A 1 106 ? 5.812   3.314   -5.893  0.50 9.61  ? 86   ILE A CA  1 
ATOM   684  C C   A ILE A 1 106 ? 4.420   3.837   -5.366  0.50 8.85  ? 86   ILE A C   1 
ATOM   685  C C   B ILE A 1 106 ? 4.514   3.962   -5.425  0.50 9.30  ? 86   ILE A C   1 
ATOM   686  O O   A ILE A 1 106 ? 3.341   3.698   -5.951  0.50 9.11  ? 86   ILE A O   1 
ATOM   687  O O   B ILE A 1 106 ? 3.526   4.004   -6.166  0.50 9.90  ? 86   ILE A O   1 
ATOM   688  C CB  A ILE A 1 106 ? 5.974   4.025   -7.296  0.50 8.86  ? 86   ILE A CB  1 
ATOM   689  C CB  B ILE A 1 106 ? 6.444   4.062   -7.095  0.50 10.92 ? 86   ILE A CB  1 
ATOM   690  C CG1 A ILE A 1 106 ? 7.003   3.277   -8.157  0.50 9.00  ? 86   ILE A CG1 1 
ATOM   691  C CG1 B ILE A 1 106 ? 5.562   3.956   -8.333  0.50 12.54 ? 86   ILE A CG1 1 
ATOM   692  C CG2 A ILE A 1 106 ? 6.498   5.427   -6.997  0.50 7.99  ? 86   ILE A CG2 1 
ATOM   693  C CG2 B ILE A 1 106 ? 7.876   3.577   -7.366  0.50 11.35 ? 86   ILE A CG2 1 
ATOM   694  C CD1 A ILE A 1 106 ? 7.250   3.940   -9.520  0.50 10.91 ? 86   ILE A CD1 1 
ATOM   695  C CD1 B ILE A 1 106 ? 6.232   4.453   -9.595  0.50 14.21 ? 86   ILE A CD1 1 
ATOM   696  N N   . LEU A 1 107 ? 4.522   4.393   -4.162  1.00 8.67  ? 87   LEU A N   1 
ATOM   697  C CA  . LEU A 1 107 ? 3.332   4.897   -3.462  1.00 9.10  ? 87   LEU A CA  1 
ATOM   698  C C   . LEU A 1 107 ? 3.522   6.348   -3.017  1.00 8.68  ? 87   LEU A C   1 
ATOM   699  O O   . LEU A 1 107 ? 2.879   6.801   -2.031  1.00 9.69  ? 87   LEU A O   1 
ATOM   700  C CB  . LEU A 1 107 ? 2.990   4.022   -2.242  1.00 10.09 ? 87   LEU A CB  1 
ATOM   701  C CG  . LEU A 1 107 ? 2.625   2.565   -2.570  1.00 10.67 ? 87   LEU A CG  1 
ATOM   702  C CD1 . LEU A 1 107 ? 3.789   1.629   -2.235  1.00 15.03 ? 87   LEU A CD1 1 
ATOM   703  C CD2 . LEU A 1 107 ? 1.395   2.196   -1.837  1.00 13.42 ? 87   LEU A CD2 1 
ATOM   704  N N   A GLU A 1 108 ? 4.376   7.068   -3.736  0.50 8.65  ? 88   GLU A N   1 
ATOM   705  N N   B GLU A 1 108 ? 4.360   7.072   -3.750  0.50 9.02  ? 88   GLU A N   1 
ATOM   706  C CA  A GLU A 1 108 ? 4.626   8.447   -3.367  0.50 7.95  ? 88   GLU A CA  1 
ATOM   707  C CA  B GLU A 1 108 ? 4.653   8.450   -3.398  0.50 8.77  ? 88   GLU A CA  1 
ATOM   708  C C   A GLU A 1 108 ? 3.305   9.196   -3.322  0.50 7.39  ? 88   GLU A C   1 
ATOM   709  C C   B GLU A 1 108 ? 3.375   9.293   -3.381  0.50 8.09  ? 88   GLU A C   1 
ATOM   710  O O   A GLU A 1 108 ? 2.488   9.097   -4.228  0.50 7.44  ? 88   GLU A O   1 
ATOM   711  O O   B GLU A 1 108 ? 2.661   9.360   -4.377  0.50 8.28  ? 88   GLU A O   1 
ATOM   712  C CB  A GLU A 1 108 ? 5.566   9.108   -4.350  0.50 8.63  ? 88   GLU A CB  1 
ATOM   713  C CB  B GLU A 1 108 ? 5.662   9.007   -4.382  0.50 9.41  ? 88   GLU A CB  1 
ATOM   714  C CG  A GLU A 1 108 ? 6.939   8.498   -4.412  0.50 8.34  ? 88   GLU A CG  1 
ATOM   715  C CG  B GLU A 1 108 ? 6.170   10.374  -4.031  0.50 11.89 ? 88   GLU A CG  1 
ATOM   716  C CD  A GLU A 1 108 ? 7.777   9.179   -5.468  0.50 14.58 ? 88   GLU A CD  1 
ATOM   717  C CD  B GLU A 1 108 ? 7.228   10.853  -4.990  0.50 13.64 ? 88   GLU A CD  1 
ATOM   718  O OE1 A GLU A 1 108 ? 8.418   10.191  -5.128  0.50 17.23 ? 88   GLU A OE1 1 
ATOM   719  O OE1 B GLU A 1 108 ? 7.549   10.136  -5.961  0.50 15.94 ? 88   GLU A OE1 1 
ATOM   720  O OE2 A GLU A 1 108 ? 7.787   8.724   -6.632  0.50 18.07 ? 88   GLU A OE2 1 
ATOM   721  O OE2 B GLU A 1 108 ? 7.724   11.969  -4.769  0.50 15.58 ? 88   GLU A OE2 1 
ATOM   722  N N   . GLY A 1 109 ? 3.101   9.937   -2.249  1.00 7.29  ? 89   GLY A N   1 
ATOM   723  C CA  . GLY A 1 109 ? 1.898   10.767  -2.091  1.00 7.91  ? 89   GLY A CA  1 
ATOM   724  C C   . GLY A 1 109 ? 0.583   10.003  -1.985  1.00 8.85  ? 89   GLY A C   1 
ATOM   725  O O   . GLY A 1 109 ? -0.508  10.615  -1.996  1.00 10.45 ? 89   GLY A O   1 
ATOM   726  N N   . ALA A 1 110 ? 0.640   8.675   -1.896  1.00 8.04  ? 90   ALA A N   1 
ATOM   727  C CA  . ALA A 1 110 ? -0.611  7.891   -1.775  1.00 7.94  ? 90   ALA A CA  1 
ATOM   728  C C   . ALA A 1 110 ? -1.218  8.122   -0.416  1.00 8.67  ? 90   ALA A C   1 
ATOM   729  O O   . ALA A 1 110 ? -0.510  8.473   0.537   1.00 9.71  ? 90   ALA A O   1 
ATOM   730  C CB  . ALA A 1 110 ? -0.341  6.433   -1.973  1.00 8.24  ? 90   ALA A CB  1 
ATOM   731  N N   . ILE A 1 111 ? -2.528  7.928   -0.335  1.00 7.90  ? 91   ILE A N   1 
ATOM   732  C CA  . ILE A 1 111 ? -3.253  8.145   0.917   1.00 8.96  ? 91   ILE A CA  1 
ATOM   733  C C   . ILE A 1 111 ? -3.741  6.791   1.404   1.00 8.72  ? 91   ILE A C   1 
ATOM   734  O O   . ILE A 1 111 ? -4.572  6.144   0.747   1.00 9.24  ? 91   ILE A O   1 
ATOM   735  C CB  . ILE A 1 111 ? -4.443  9.123   0.722   1.00 8.77  ? 91   ILE A CB  1 
ATOM   736  C CG1 . ILE A 1 111 ? -3.908  10.483  0.247   1.00 10.55 ? 91   ILE A CG1 1 
ATOM   737  C CG2 . ILE A 1 111 ? -5.216  9.261   2.034   1.00 11.05 ? 91   ILE A CG2 1 
ATOM   738  C CD1 . ILE A 1 111 ? -4.974  11.429  -0.415  1.00 12.57 ? 91   ILE A CD1 1 
ATOM   739  N N   . LEU A 1 112 ? -3.211  6.344   2.542   1.00 7.16  ? 92   LEU A N   1 
ATOM   740  C CA  . LEU A 1 112 ? -3.553  5.043   3.133   1.00 7.88  ? 92   LEU A CA  1 
ATOM   741  C C   . LEU A 1 112 ? -4.048  5.244   4.570   1.00 7.69  ? 92   LEU A C   1 
ATOM   742  O O   . LEU A 1 112 ? -3.779  4.414   5.452   1.00 7.67  ? 92   LEU A O   1 
ATOM   743  C CB  . LEU A 1 112 ? -2.333  4.109   3.079   1.00 8.31  ? 92   LEU A CB  1 
ATOM   744  C CG  . LEU A 1 112 ? -1.759  3.861   1.692   1.00 8.33  ? 92   LEU A CG  1 
ATOM   745  C CD1 . LEU A 1 112 ? -0.515  4.734   1.473   1.00 11.63 ? 92   LEU A CD1 1 
ATOM   746  C CD2 . LEU A 1 112 ? -1.382  2.405   1.584   1.00 11.35 ? 92   LEU A CD2 1 
ATOM   747  N N   . ASP A 1 113 ? -4.805  6.315   4.771   1.00 7.69  ? 93   ASP A N   1 
ATOM   748  C CA  . ASP A 1 113 ? -5.405  6.620   6.074   1.00 8.15  ? 93   ASP A CA  1 
ATOM   749  C C   . ASP A 1 113 ? -6.222  5.411   6.557   1.00 8.09  ? 93   ASP A C   1 
ATOM   750  O O   . ASP A 1 113 ? -7.114  4.944   5.849   1.00 7.95  ? 93   ASP A O   1 
ATOM   751  C CB  . ASP A 1 113 ? -6.320  7.817   5.925   1.00 8.39  ? 93   ASP A CB  1 
ATOM   752  C CG  . ASP A 1 113 ? -6.958  8.218   7.239   1.00 11.23 ? 93   ASP A CG  1 
ATOM   753  O OD1 . ASP A 1 113 ? -6.209  8.382   8.227   1.00 13.36 ? 93   ASP A OD1 1 
ATOM   754  O OD2 . ASP A 1 113 ? -8.195  8.315   7.293   1.00 13.73 ? 93   ASP A OD2 1 
ATOM   755  N N   . GLU A 1 114 ? -5.890  4.888   7.746   1.00 7.89  ? 94   GLU A N   1 
ATOM   756  C CA  . GLU A 1 114 ? -6.663  3.801   8.378   1.00 9.16  ? 94   GLU A CA  1 
ATOM   757  C C   . GLU A 1 114 ? -6.720  2.533   7.517   1.00 9.27  ? 94   GLU A C   1 
ATOM   758  O O   . GLU A 1 114 ? -7.615  1.703   7.701   1.00 10.41 ? 94   GLU A O   1 
ATOM   759  C CB  . GLU A 1 114 ? -8.074  4.264   8.828   1.00 8.88  ? 94   GLU A CB  1 
ATOM   760  C CG  . GLU A 1 114 ? -7.948  5.367   9.841   1.00 9.93  ? 94   GLU A CG  1 
ATOM   761  C CD  . GLU A 1 114 ? -9.225  5.901   10.473  1.00 13.46 ? 94   GLU A CD  1 
ATOM   762  O OE1 . GLU A 1 114 ? -10.290 5.300   10.309  1.00 16.85 ? 94   GLU A OE1 1 
ATOM   763  O OE2 . GLU A 1 114 ? -9.097  6.948   11.166  1.00 17.39 ? 94   GLU A OE2 1 
ATOM   764  N N   . ALA A 1 115 ? -5.755  2.380   6.617   1.00 8.78  ? 95   ALA A N   1 
ATOM   765  C CA  . ALA A 1 115 ? -5.662  1.151   5.830   1.00 8.99  ? 95   ALA A CA  1 
ATOM   766  C C   . ALA A 1 115 ? -5.123  0.033   6.706   1.00 8.76  ? 95   ALA A C   1 
ATOM   767  O O   . ALA A 1 115 ? -4.616  0.271   7.816   1.00 9.34  ? 95   ALA A O   1 
ATOM   768  C CB  . ALA A 1 115 ? -4.775  1.369   4.615   1.00 9.37  ? 95   ALA A CB  1 
ATOM   769  N N   A VAL A 1 116 ? -5.268  -1.198  6.254   0.50 8.30  ? 96   VAL A N   1 
ATOM   770  N N   B VAL A 1 116 ? -5.177  -1.187  6.183   0.50 8.53  ? 96   VAL A N   1 
ATOM   771  C CA  A VAL A 1 116 ? -4.547  -2.272  6.919   0.50 9.07  ? 96   VAL A CA  1 
ATOM   772  C CA  B VAL A 1 116 ? -4.677  -2.374  6.885   0.50 9.73  ? 96   VAL A CA  1 
ATOM   773  C C   A VAL A 1 116 ? -3.550  -2.871  5.962   0.50 9.49  ? 96   VAL A C   1 
ATOM   774  C C   B VAL A 1 116 ? -3.615  -3.044  6.012   0.50 9.75  ? 96   VAL A C   1 
ATOM   775  O O   A VAL A 1 116 ? -3.813  -3.085  4.770   0.50 9.39  ? 96   VAL A O   1 
ATOM   776  O O   B VAL A 1 116 ? -3.933  -3.506  4.904   0.50 9.96  ? 96   VAL A O   1 
ATOM   777  C CB  A VAL A 1 116 ? -5.444  -3.343  7.552   0.50 10.23 ? 96   VAL A CB  1 
ATOM   778  C CB  B VAL A 1 116 ? -5.838  -3.347  7.210   0.50 10.54 ? 96   VAL A CB  1 
ATOM   779  C CG1 A VAL A 1 116 ? -6.302  -2.742  8.666   0.50 8.88  ? 96   VAL A CG1 1 
ATOM   780  C CG1 B VAL A 1 116 ? -5.307  -4.614  7.891   0.50 10.77 ? 96   VAL A CG1 1 
ATOM   781  C CG2 A VAL A 1 116 ? -6.275  -4.038  6.493   0.50 8.77  ? 96   VAL A CG2 1 
ATOM   782  C CG2 B VAL A 1 116 ? -6.859  -2.663  8.104   0.50 11.82 ? 96   VAL A CG2 1 
ATOM   783  N N   . LEU A 1 117 ? -2.360  -3.076  6.495   1.00 8.95  ? 97   LEU A N   1 
ATOM   784  C CA  . LEU A 1 117 ? -1.228  -3.582  5.728   1.00 9.53  ? 97   LEU A CA  1 
ATOM   785  C C   . LEU A 1 117 ? -0.524  -4.658  6.515   1.00 8.99  ? 97   LEU A C   1 
ATOM   786  O O   . LEU A 1 117 ? 0.674   -4.903  6.299   1.00 9.36  ? 97   LEU A O   1 
ATOM   787  C CB  . LEU A 1 117 ? -0.216  -2.455  5.453   1.00 10.50 ? 97   LEU A CB  1 
ATOM   788  C CG  . LEU A 1 117 ? -0.658  -1.366  4.486   1.00 13.47 ? 97   LEU A CG  1 
ATOM   789  C CD1 . LEU A 1 117 ? -1.484  -0.289  5.189   1.00 18.07 ? 97   LEU A CD1 1 
ATOM   790  C CD2 . LEU A 1 117 ? 0.577   -0.729  3.928   1.00 20.49 ? 97   LEU A CD2 1 
ATOM   791  N N   A ASN A 1 118 ? -1.228  -5.274  7.454   0.50 8.41  ? 98   ASN A N   1 
ATOM   792  N N   B ASN A 1 118 ? -1.278  -5.311  7.395   0.50 8.68  ? 98   ASN A N   1 
ATOM   793  C CA  A ASN A 1 118 ? -0.565  -6.275  8.285   0.50 8.32  ? 98   ASN A CA  1 
ATOM   794  C CA  B ASN A 1 118 ? -0.773  -6.447  8.161   0.50 8.68  ? 98   ASN A CA  1 
ATOM   795  C C   A ASN A 1 118 ? -0.035  -7.432  7.449   0.50 8.47  ? 98   ASN A C   1 
ATOM   796  C C   B ASN A 1 118 ? -0.019  -7.449  7.290   0.50 8.57  ? 98   ASN A C   1 
ATOM   797  O O   A ASN A 1 118 ? -0.726  -7.962  6.564   0.50 7.84  ? 98   ASN A O   1 
ATOM   798  O O   B ASN A 1 118 ? -0.523  -7.893  6.260   0.50 7.56  ? 98   ASN A O   1 
ATOM   799  C CB  A ASN A 1 118 ? -1.463  -6.746  9.425   0.50 8.70  ? 98   ASN A CB  1 
ATOM   800  C CB  B ASN A 1 118 ? -1.926  -7.143  8.886   0.50 10.02 ? 98   ASN A CB  1 
ATOM   801  C CG  A ASN A 1 118 ? -2.804  -7.221  8.944   0.50 9.47  ? 98   ASN A CG  1 
ATOM   802  C CG  B ASN A 1 118 ? -1.446  -8.233  9.808   0.50 11.46 ? 98   ASN A CG  1 
ATOM   803  O OD1 A ASN A 1 118 ? -3.643  -6.425  8.523   0.50 12.81 ? 98   ASN A OD1 1 
ATOM   804  O OD1 B ASN A 1 118 ? -0.583  -8.004  10.663  0.50 18.73 ? 98   ASN A OD1 1 
ATOM   805  N ND2 A ASN A 1 118 ? -3.040  -8.515  9.073   0.50 13.21 ? 98   ASN A ND2 1 
ATOM   806  N ND2 B ASN A 1 118 ? -1.973  -9.439  9.628   0.50 15.62 ? 98   ASN A ND2 1 
ATOM   807  N N   A GLN A 1 119 ? 1.220   -7.776  7.717   0.50 9.06  ? 99   GLN A N   1 
ATOM   808  N N   B GLN A 1 119 ? 1.195   -7.788  7.698   0.50 8.78  ? 99   GLN A N   1 
ATOM   809  C CA  A GLN A 1 119 ? 1.949   -8.812  6.990   0.50 9.64  ? 99   GLN A CA  1 
ATOM   810  C CA  B GLN A 1 119 ? 1.985   -8.814  7.009   0.50 9.03  ? 99   GLN A CA  1 
ATOM   811  C C   A GLN A 1 119 ? 2.038   -8.565  5.490   0.50 9.62  ? 99   GLN A C   1 
ATOM   812  C C   B GLN A 1 119 ? 2.266   -8.521  5.532   0.50 9.33  ? 99   GLN A C   1 
ATOM   813  O O   A GLN A 1 119 ? 2.165   -9.528  4.707   0.50 10.25 ? 99   GLN A O   1 
ATOM   814  O O   B GLN A 1 119 ? 2.754   -9.406  4.802   0.50 9.29  ? 99   GLN A O   1 
ATOM   815  C CB  A GLN A 1 119 ? 1.379   -10.202 7.291   0.50 10.33 ? 99   GLN A CB  1 
ATOM   816  C CB  B GLN A 1 119 ? 1.337   -10.202 7.171   0.50 9.57  ? 99   GLN A CB  1 
ATOM   817  C CG  A GLN A 1 119 ? 1.571   -10.623 8.738   0.50 13.41 ? 99   GLN A CG  1 
ATOM   818  C CG  B GLN A 1 119 ? 1.361   -10.754 8.597   0.50 11.00 ? 99   GLN A CG  1 
ATOM   819  C CD  A GLN A 1 119 ? 0.785   -11.867 9.101   0.50 17.72 ? 99   GLN A CD  1 
ATOM   820  C CD  B GLN A 1 119 ? 0.246   -10.219 9.483   0.50 13.10 ? 99   GLN A CD  1 
ATOM   821  O OE1 A GLN A 1 119 ? -0.089  -12.313 8.354   0.50 20.41 ? 99   GLN A OE1 1 
ATOM   822  O OE1 B GLN A 1 119 ? -0.919  -10.173 9.085   0.50 14.09 ? 99   GLN A OE1 1 
ATOM   823  N NE2 A GLN A 1 119 ? 1.079   -12.420 10.265  0.50 20.26 ? 99   GLN A NE2 1 
ATOM   824  N NE2 B GLN A 1 119 ? 0.601   -9.820  10.703  0.50 14.38 ? 99   GLN A NE2 1 
ATOM   825  N N   . ALA A 1 120 ? 2.006   -7.291  5.092   1.00 8.91  ? 100  ALA A N   1 
ATOM   826  C CA  . ALA A 1 120 ? 2.282   -6.940  3.701   1.00 9.28  ? 100  ALA A CA  1 
ATOM   827  C C   . ALA A 1 120 ? 3.779   -6.920  3.430   1.00 9.30  ? 100  ALA A C   1 
ATOM   828  O O   . ALA A 1 120 ? 4.616   -6.728  4.346   1.00 10.73 ? 100  ALA A O   1 
ATOM   829  C CB  . ALA A 1 120 ? 1.668   -5.601  3.317   1.00 9.91  ? 100  ALA A CB  1 
ATOM   830  N N   . ASN A 1 121 ? 4.126   -7.103  2.166   1.00 8.82  ? 101  ASN A N   1 
ATOM   831  C CA  A ASN A 1 121 ? 5.506   -6.980  1.723   0.50 9.33  ? 101  ASN A CA  1 
ATOM   832  C CA  B ASN A 1 121 ? 5.505   -7.001  1.689   0.50 8.64  ? 101  ASN A CA  1 
ATOM   833  C C   . ASN A 1 121 ? 5.684   -5.661  0.978   1.00 8.57  ? 101  ASN A C   1 
ATOM   834  O O   . ASN A 1 121 ? 5.042   -5.404  -0.023  1.00 8.72  ? 101  ASN A O   1 
ATOM   835  C CB  A ASN A 1 121 ? 5.918   -8.173  0.843   0.50 10.51 ? 101  ASN A CB  1 
ATOM   836  C CB  B ASN A 1 121 ? 5.821   -8.133  0.696   0.50 9.48  ? 101  ASN A CB  1 
ATOM   837  C CG  A ASN A 1 121 ? 6.306   -9.400  1.650   0.50 15.27 ? 101  ASN A CG  1 
ATOM   838  C CG  B ASN A 1 121 ? 5.960   -9.481  1.359   0.50 10.62 ? 101  ASN A CG  1 
ATOM   839  O OD1 A ASN A 1 121 ? 6.356   -9.367  2.882   0.50 19.95 ? 101  ASN A OD1 1 
ATOM   840  O OD1 B ASN A 1 121 ? 7.043   -9.842  1.855   0.50 14.09 ? 101  ASN A OD1 1 
ATOM   841  N ND2 A ASN A 1 121 ? 6.606   -10.490 0.956   0.50 18.65 ? 101  ASN A ND2 1 
ATOM   842  N ND2 B ASN A 1 121 ? 4.884   -10.247 1.360   0.50 11.18 ? 101  ASN A ND2 1 
ATOM   843  N N   . LEU A 1 122 ? 6.558   -4.804  1.516   1.00 8.48  ? 102  LEU A N   1 
ATOM   844  C CA  . LEU A 1 122 ? 6.801   -3.479  0.957   1.00 8.87  ? 102  LEU A CA  1 
ATOM   845  C C   . LEU A 1 122 ? 8.307   -3.217  0.871   1.00 8.17  ? 102  LEU A C   1 
ATOM   846  O O   . LEU A 1 122 ? 8.768   -2.082  1.048   1.00 9.59  ? 102  LEU A O   1 
ATOM   847  C CB  . LEU A 1 122 ? 6.138   -2.385  1.820   1.00 9.96  ? 102  LEU A CB  1 
ATOM   848  C CG  . LEU A 1 122 ? 4.613   -2.473  1.845   1.00 10.69 ? 102  LEU A CG  1 
ATOM   849  C CD1 . LEU A 1 122 ? 4.116   -2.655  3.287   1.00 15.75 ? 102  LEU A CD1 1 
ATOM   850  C CD2 . LEU A 1 122 ? 4.021   -1.237  1.214   1.00 13.90 ? 102  LEU A CD2 1 
ATOM   851  N N   . LYS A 1 123 ? 9.067   -4.261  0.552   1.00 8.74  ? 103  LYS A N   1 
ATOM   852  C CA  . LYS A 1 123 ? 10.531  -4.088  0.527   1.00 9.11  ? 103  LYS A CA  1 
ATOM   853  C C   . LYS A 1 123 ? 10.902  -3.137  -0.590  1.00 8.73  ? 103  LYS A C   1 
ATOM   854  O O   . LYS A 1 123 ? 10.447  -3.285  -1.741  1.00 9.39  ? 103  LYS A O   1 
ATOM   855  C CB  . LYS A 1 123 ? 11.202  -5.434  0.314   1.00 11.09 ? 103  LYS A CB  1 
ATOM   856  C CG  . LYS A 1 123 ? 12.712  -5.339  0.398   1.00 12.36 ? 103  LYS A CG  1 
ATOM   857  C CD  . LYS A 1 123 ? 13.329  -6.710  0.281   1.00 16.42 ? 103  LYS A CD  1 
ATOM   858  C CE  . LYS A 1 123 ? 14.841  -6.622  0.167   1.00 21.25 ? 103  LYS A CE  1 
ATOM   859  N NZ  . LYS A 1 123 ? 15.446  -5.941  1.345   1.00 27.68 ? 103  LYS A NZ  1 
ATOM   860  N N   . ALA A 1 124 ? 11.726  -2.143  -0.258  1.00 9.49  ? 104  ALA A N   1 
ATOM   861  C CA  . ALA A 1 124 ? 12.188  -1.139  -1.210  1.00 8.93  ? 104  ALA A CA  1 
ATOM   862  C C   . ALA A 1 124 ? 11.040  -0.355  -1.900  1.00 8.91  ? 104  ALA A C   1 
ATOM   863  O O   . ALA A 1 124 ? 11.229  0.245   -2.977  1.00 11.50 ? 104  ALA A O   1 
ATOM   864  C CB  . ALA A 1 124 ? 13.156  -1.752  -2.265  1.00 10.06 ? 104  ALA A CB  1 
ATOM   865  N N   . ALA A 1 125 ? 9.861   -0.351  -1.275  1.00 8.19  ? 105  ALA A N   1 
ATOM   866  C CA  . ALA A 1 125 ? 8.772   0.480   -1.783  1.00 9.64  ? 105  ALA A CA  1 
ATOM   867  C C   . ALA A 1 125 ? 9.076   1.950   -1.533  1.00 10.14 ? 105  ALA A C   1 
ATOM   868  O O   . ALA A 1 125 ? 9.779   2.302   -0.582  1.00 11.99 ? 105  ALA A O   1 
ATOM   869  C CB  . ALA A 1 125 ? 7.490   0.087   -1.133  1.00 9.69  ? 105  ALA A CB  1 
ATOM   870  N N   . ASN A 1 126 ? 8.540   2.807   -2.389  1.00 9.80  ? 106  ASN A N   1 
ATOM   871  C CA  . ASN A 1 126 ? 8.697   4.243   -2.258  1.00 9.68  ? 106  ASN A CA  1 
ATOM   872  C C   . ASN A 1 126 ? 7.395   4.784   -1.713  1.00 10.38 ? 106  ASN A C   1 
ATOM   873  O O   . ASN A 1 126 ? 6.392   4.833   -2.415  1.00 10.10 ? 106  ASN A O   1 
ATOM   874  C CB  . ASN A 1 126 ? 8.987   4.919   -3.609  1.00 11.00 ? 106  ASN A CB  1 
ATOM   875  C CG  . ASN A 1 126 ? 9.241   6.411   -3.469  1.00 16.49 ? 106  ASN A CG  1 
ATOM   876  O OD1 . ASN A 1 126 ? 9.038   7.037   -2.395  1.00 19.96 ? 106  ASN A OD1 1 
ATOM   877  N ND2 . ASN A 1 126 ? 9.667   7.013   -4.569  1.00 23.24 ? 106  ASN A ND2 1 
ATOM   878  N N   . LEU A 1 127 ? 7.424   5.201   -0.456  1.00 10.62 ? 107  LEU A N   1 
ATOM   879  C CA  . LEU A 1 127 ? 6.273   5.783   0.221   1.00 9.87  ? 107  LEU A CA  1 
ATOM   880  C C   . LEU A 1 127 ? 6.521   7.238   0.646   1.00 10.09 ? 107  LEU A C   1 
ATOM   881  O O   . LEU A 1 127 ? 5.954   7.706   1.651   1.00 10.13 ? 107  LEU A O   1 
ATOM   882  C CB  . LEU A 1 127 ? 5.912   4.931   1.457   1.00 10.39 ? 107  LEU A CB  1 
ATOM   883  C CG  . LEU A 1 127 ? 5.428   3.510   1.138   1.00 12.31 ? 107  LEU A CG  1 
ATOM   884  C CD1 . LEU A 1 127 ? 6.365   2.461   1.727   1.00 18.74 ? 107  LEU A CD1 1 
ATOM   885  C CD2 . LEU A 1 127 ? 4.014   3.292   1.633   1.00 18.01 ? 107  LEU A CD2 1 
ATOM   886  N N   . GLU A 1 128 ? 7.334   7.944   -0.120  1.00 9.64  ? 108  GLU A N   1 
ATOM   887  C CA  . GLU A 1 128 ? 7.641   9.321   0.231   1.00 10.92 ? 108  GLU A CA  1 
ATOM   888  C C   . GLU A 1 128 ? 6.340   10.112  0.303   1.00 10.47 ? 108  GLU A C   1 
ATOM   889  O O   . GLU A 1 128 ? 5.529   10.083  -0.634  1.00 10.24 ? 108  GLU A O   1 
ATOM   890  C CB  . GLU A 1 128 ? 8.552   9.952   -0.815  1.00 11.97 ? 108  GLU A CB  1 
ATOM   891  C CG  . GLU A 1 128 ? 8.992   11.339  -0.438  1.00 17.57 ? 108  GLU A CG  1 
ATOM   892  C CD  . GLU A 1 128 ? 10.155  11.838  -1.279  1.00 23.04 ? 108  GLU A CD  1 
ATOM   893  O OE1 . GLU A 1 128 ? 11.018  11.006  -1.679  1.00 24.39 ? 108  GLU A OE1 1 
ATOM   894  O OE2 . GLU A 1 128 ? 10.212  13.077  -1.487  1.00 27.70 ? 108  GLU A OE2 1 
ATOM   895  N N   . GLN A 1 129 ? 6.138   10.822  1.414   1.00 10.15 ? 109  GLN A N   1 
ATOM   896  C CA  . GLN A 1 129 ? 4.974   11.691  1.594   1.00 10.46 ? 109  GLN A CA  1 
ATOM   897  C C   . GLN A 1 129 ? 3.642   10.923  1.613   1.00 9.90  ? 109  GLN A C   1 
ATOM   898  O O   . GLN A 1 129 ? 2.576   11.538  1.530   1.00 11.10 ? 109  GLN A O   1 
ATOM   899  C CB  . GLN A 1 129 ? 4.923   12.836  0.579   1.00 11.55 ? 109  GLN A CB  1 
ATOM   900  C CG  . GLN A 1 129 ? 6.109   13.812  0.677   1.00 15.85 ? 109  GLN A CG  1 
ATOM   901  C CD  . GLN A 1 129 ? 5.776   15.273  0.318   1.00 24.33 ? 109  GLN A CD  1 
ATOM   902  O OE1 . GLN A 1 129 ? 4.837   15.565  -0.427  1.00 25.89 ? 109  GLN A OE1 1 
ATOM   903  N NE2 . GLN A 1 129 ? 6.575   16.197  0.850   1.00 26.84 ? 109  GLN A NE2 1 
ATOM   904  N N   . ALA A 1 130 ? 3.691   9.601   1.771   1.00 9.30  ? 110  ALA A N   1 
ATOM   905  C CA  . ALA A 1 130 ? 2.423   8.845   1.851   1.00 9.01  ? 110  ALA A CA  1 
ATOM   906  C C   . ALA A 1 130 ? 1.772   9.101   3.200   1.00 9.56  ? 110  ALA A C   1 
ATOM   907  O O   . ALA A 1 130 ? 2.446   9.415   4.173   1.00 9.89  ? 110  ALA A O   1 
ATOM   908  C CB  . ALA A 1 130 ? 2.684   7.368   1.687   1.00 9.06  ? 110  ALA A CB  1 
ATOM   909  N N   . ILE A 1 131 ? 0.462   8.994   3.247   1.00 8.15  ? 111  ILE A N   1 
ATOM   910  C CA  . ILE A 1 131 ? -0.295  9.176   4.473   1.00 7.87  ? 111  ILE A CA  1 
ATOM   911  C C   . ILE A 1 131 ? -0.705  7.795   4.972   1.00 8.21  ? 111  ILE A C   1 
ATOM   912  O O   . ILE A 1 131 ? -1.400  7.045   4.285   1.00 10.05 ? 111  ILE A O   1 
ATOM   913  C CB  . ILE A 1 131 ? -1.531  10.070  4.236   1.00 9.22  ? 111  ILE A CB  1 
ATOM   914  C CG1 . ILE A 1 131 ? -1.031  11.501  3.976   1.00 11.09 ? 111  ILE A CG1 1 
ATOM   915  C CG2 . ILE A 1 131 ? -2.432  10.061  5.472   1.00 8.83  ? 111  ILE A CG2 1 
ATOM   916  C CD1 . ILE A 1 131 ? -2.097  12.455  3.483   1.00 16.66 ? 111  ILE A CD1 1 
ATOM   917  N N   . LEU A 1 132 ? -0.195  7.443   6.147   1.00 8.35  ? 112  LEU A N   1 
ATOM   918  C CA  . LEU A 1 132 ? -0.414  6.120   6.761   1.00 7.37  ? 112  LEU A CA  1 
ATOM   919  C C   . LEU A 1 132 ? -0.946  6.316   8.189   1.00 7.29  ? 112  LEU A C   1 
ATOM   920  O O   . LEU A 1 132 ? -0.771  5.443   9.069   1.00 7.57  ? 112  LEU A O   1 
ATOM   921  C CB  . LEU A 1 132 ? 0.892   5.308   6.737   1.00 8.58  ? 112  LEU A CB  1 
ATOM   922  C CG  . LEU A 1 132 ? 1.295   4.866   5.340   1.00 9.94  ? 112  LEU A CG  1 
ATOM   923  C CD1 . LEU A 1 132 ? 2.831   4.899   5.182   1.00 16.38 ? 112  LEU A CD1 1 
ATOM   924  C CD2 . LEU A 1 132 ? 0.710   3.470   5.151   1.00 14.48 ? 112  LEU A CD2 1 
ATOM   925  N N   . SER A 1 133 ? -1.657  7.420   8.391   1.00 7.25  ? 113  SER A N   1 
ATOM   926  C CA  . SER A 1 133 ? -2.181  7.730   9.716   1.00 7.53  ? 113  SER A CA  1 
ATOM   927  C C   . SER A 1 133 ? -3.103  6.594   10.216  1.00 6.82  ? 113  SER A C   1 
ATOM   928  O O   . SER A 1 133 ? -4.037  6.142   9.502   1.00 7.28  ? 113  SER A O   1 
ATOM   929  C CB  . SER A 1 133 ? -2.907  9.059   9.705   1.00 8.10  ? 113  SER A CB  1 
ATOM   930  O OG  . SER A 1 133 ? -3.704  9.176   8.543   1.00 12.21 ? 113  SER A OG  1 
ATOM   931  N N   . HIS A 1 134 ? -2.845  6.129   11.447  1.00 7.37  ? 114  HIS A N   1 
ATOM   932  C CA  . HIS A 1 134 ? -3.687  5.070   12.047  1.00 7.04  ? 114  HIS A CA  1 
ATOM   933  C C   . HIS A 1 134 ? -3.821  3.816   11.212  1.00 7.66  ? 114  HIS A C   1 
ATOM   934  O O   . HIS A 1 134 ? -4.808  3.064   11.395  1.00 8.79  ? 114  HIS A O   1 
ATOM   935  C CB  . HIS A 1 134 ? -5.074  5.610   12.406  1.00 7.18  ? 114  HIS A CB  1 
ATOM   936  C CG  . HIS A 1 134 ? -5.052  6.473   13.610  1.00 10.13 ? 114  HIS A CG  1 
ATOM   937  N ND1 . HIS A 1 134 ? -5.246  5.958   14.878  1.00 12.25 ? 114  HIS A ND1 1 
ATOM   938  C CD2 . HIS A 1 134 ? -4.767  7.783   13.765  1.00 14.43 ? 114  HIS A CD2 1 
ATOM   939  C CE1 . HIS A 1 134 ? -5.145  6.939   15.759  1.00 15.43 ? 114  HIS A CE1 1 
ATOM   940  N NE2 . HIS A 1 134 ? -4.830  8.050   15.114  1.00 15.12 ? 114  HIS A NE2 1 
ATOM   941  N N   . ALA A 1 135 ? -2.813  3.552   10.382  1.00 7.02  ? 115  ALA A N   1 
ATOM   942  C CA  . ALA A 1 135 ? -2.808  2.303   9.629   1.00 6.88  ? 115  ALA A CA  1 
ATOM   943  C C   . ALA A 1 135 ? -2.291  1.155   10.482  1.00 7.93  ? 115  ALA A C   1 
ATOM   944  O O   . ALA A 1 135 ? -1.431  1.329   11.346  1.00 8.48  ? 115  ALA A O   1 
ATOM   945  C CB  . ALA A 1 135 ? -1.946  2.451   8.396   1.00 7.93  ? 115  ALA A CB  1 
ATOM   946  N N   . ASN A 1 136 ? -2.782  -0.044  10.204  1.00 6.96  ? 116  ASN A N   1 
ATOM   947  C CA  . ASN A 1 136 ? -2.233  -1.262  10.776  1.00 7.46  ? 116  ASN A CA  1 
ATOM   948  C C   . ASN A 1 136 ? -1.137  -1.750  9.874   1.00 8.74  ? 116  ASN A C   1 
ATOM   949  O O   . ASN A 1 136 ? -1.418  -2.158  8.758   1.00 9.15  ? 116  ASN A O   1 
ATOM   950  C CB  . ASN A 1 136 ? -3.333  -2.325  10.874  1.00 8.03  ? 116  ASN A CB  1 
ATOM   951  C CG  . ASN A 1 136 ? -2.851  -3.638  11.405  1.00 9.55  ? 116  ASN A CG  1 
ATOM   952  O OD1 . ASN A 1 136 ? -1.671  -3.943  11.417  1.00 10.13 ? 116  ASN A OD1 1 
ATOM   953  N ND2 . ASN A 1 136 ? -3.796  -4.462  11.777  1.00 11.73 ? 116  ASN A ND2 1 
ATOM   954  N N   . ILE A 1 137 ? 0.104   -1.708  10.337  1.00 7.54  ? 117  ILE A N   1 
ATOM   955  C CA  . ILE A 1 137 ? 1.238   -2.094  9.518   1.00 7.90  ? 117  ILE A CA  1 
ATOM   956  C C   . ILE A 1 137 ? 2.055   -3.164  10.267  1.00 7.51  ? 117  ILE A C   1 
ATOM   957  O O   . ILE A 1 137 ? 3.275   -3.254  10.130  1.00 8.47  ? 117  ILE A O   1 
ATOM   958  C CB  . ILE A 1 137 ? 2.122   -0.855  9.154   1.00 8.24  ? 117  ILE A CB  1 
ATOM   959  C CG1 . ILE A 1 137 ? 1.257   0.400   8.880   1.00 9.01  ? 117  ILE A CG1 1 
ATOM   960  C CG2 . ILE A 1 137 ? 2.997   -1.179  7.915   1.00 9.57  ? 117  ILE A CG2 1 
ATOM   961  C CD1 . ILE A 1 137 ? 2.116   1.659   8.608   1.00 9.37  ? 117  ILE A CD1 1 
ATOM   962  N N   . ARG A 1 138 ? 1.355   -3.957  11.055  1.00 7.75  ? 118  ARG A N   1 
ATOM   963  C CA  . ARG A 1 138 ? 2.035   -4.924  11.913  1.00 8.43  ? 118  ARG A CA  1 
ATOM   964  C C   . ARG A 1 138 ? 2.754   -5.973  11.072  1.00 8.58  ? 118  ARG A C   1 
ATOM   965  O O   . ARG A 1 138 ? 2.182   -6.520  10.130  1.00 8.81  ? 118  ARG A O   1 
ATOM   966  C CB  . ARG A 1 138 ? 1.042   -5.613  12.847  1.00 8.26  ? 118  ARG A CB  1 
ATOM   967  C CG  . ARG A 1 138 ? 0.334   -4.694  13.839  1.00 10.91 ? 118  ARG A CG  1 
ATOM   968  C CD  . ARG A 1 138 ? -0.686  -5.429  14.752  1.00 10.10 ? 118  ARG A CD  1 
ATOM   969  N NE  . ARG A 1 138 ? 0.023   -6.377  15.615  1.00 12.19 ? 118  ARG A NE  1 
ATOM   970  C CZ  . ARG A 1 138 ? 0.530   -6.090  16.816  1.00 11.53 ? 118  ARG A CZ  1 
ATOM   971  N NH1 . ARG A 1 138 ? 0.388   -4.870  17.334  1.00 10.23 ? 118  ARG A NH1 1 
ATOM   972  N NH2 . ARG A 1 138 ? 1.200   -7.049  17.498  1.00 13.29 ? 118  ARG A NH2 1 
ATOM   973  N N   . GLU A 1 139 ? 4.015   -6.238  11.401  1.00 10.10 ? 119  GLU A N   1 
ATOM   974  C CA  . GLU A 1 139 ? 4.766   -7.358  10.799  1.00 12.02 ? 119  GLU A CA  1 
ATOM   975  C C   . GLU A 1 139 ? 4.975   -7.154  9.302   1.00 11.00 ? 119  GLU A C   1 
ATOM   976  O O   . GLU A 1 139 ? 5.273   -8.115  8.570   1.00 13.23 ? 119  GLU A O   1 
ATOM   977  C CB  . GLU A 1 139 ? 4.113   -8.723  11.050  1.00 11.62 ? 119  GLU A CB  1 
ATOM   978  C CG  . GLU A 1 139 ? 3.878   -9.080  12.491  1.00 16.53 ? 119  GLU A CG  1 
ATOM   979  C CD  . GLU A 1 139 ? 3.104   -10.379 12.643  1.00 18.38 ? 119  GLU A CD  1 
ATOM   980  O OE1 . GLU A 1 139 ? 3.245   -11.250 11.766  1.00 23.44 ? 119  GLU A OE1 1 
ATOM   981  O OE2 . GLU A 1 139 ? 2.346   -10.508 13.620  1.00 27.95 ? 119  GLU A OE2 1 
ATOM   982  N N   . ALA A 1 140 ? 4.873   -5.919  8.840   1.00 9.88  ? 120  ALA A N   1 
ATOM   983  C CA  . ALA A 1 140 ? 5.136   -5.654  7.423   1.00 10.03 ? 120  ALA A CA  1 
ATOM   984  C C   . ALA A 1 140 ? 6.634   -5.652  7.169   1.00 10.28 ? 120  ALA A C   1 
ATOM   985  O O   . ALA A 1 140 ? 7.435   -5.321  8.057   1.00 11.96 ? 120  ALA A O   1 
ATOM   986  C CB  . ALA A 1 140 ? 4.561   -4.338  7.043   1.00 10.77 ? 120  ALA A CB  1 
ATOM   987  N N   . ASP A 1 141 ? 7.024   -5.987  5.955   1.00 10.06 ? 121  ASP A N   1 
ATOM   988  C CA  . ASP A 1 141 ? 8.402   -5.853  5.549   1.00 10.12 ? 121  ASP A CA  1 
ATOM   989  C C   . ASP A 1 141 ? 8.553   -4.520  4.840   1.00 10.21 ? 121  ASP A C   1 
ATOM   990  O O   . ASP A 1 141 ? 8.142   -4.366  3.698   1.00 10.70 ? 121  ASP A O   1 
ATOM   991  C CB  . ASP A 1 141 ? 8.822   -7.031  4.647   1.00 10.47 ? 121  ASP A CB  1 
ATOM   992  C CG  . ASP A 1 141 ? 10.290  -6.955  4.213   1.00 13.41 ? 121  ASP A CG  1 
ATOM   993  O OD1 . ASP A 1 141 ? 11.013  -6.043  4.676   1.00 12.83 ? 121  ASP A OD1 1 
ATOM   994  O OD2 . ASP A 1 141 ? 10.694  -7.823  3.399   1.00 15.49 ? 121  ASP A OD2 1 
ATOM   995  N N   . LEU A 1 142 ? 9.130   -3.537  5.534   1.00 9.88  ? 122  LEU A N   1 
ATOM   996  C CA  . LEU A 1 142 ? 9.431   -2.213  4.982   1.00 10.02 ? 122  LEU A CA  1 
ATOM   997  C C   . LEU A 1 142 ? 10.958  -2.016  4.848   1.00 10.18 ? 122  LEU A C   1 
ATOM   998  O O   . LEU A 1 142 ? 11.452  -0.888  4.834   1.00 11.25 ? 122  LEU A O   1 
ATOM   999  C CB  . LEU A 1 142 ? 8.796   -1.097  5.823   1.00 10.45 ? 122  LEU A CB  1 
ATOM   1000 C CG  . LEU A 1 142 ? 7.296   -0.961  5.579   1.00 11.43 ? 122  LEU A CG  1 
ATOM   1001 C CD1 . LEU A 1 142 ? 6.644   -0.349  6.808   1.00 16.04 ? 122  LEU A CD1 1 
ATOM   1002 C CD2 . LEU A 1 142 ? 7.095   -0.087  4.371   1.00 13.80 ? 122  LEU A CD2 1 
ATOM   1003 N N   . SER A 1 143 ? 11.687  -3.109  4.743   1.00 11.10 ? 123  SER A N   1 
ATOM   1004 C CA  . SER A 1 143 ? 13.146  -2.929  4.689   1.00 12.59 ? 123  SER A CA  1 
ATOM   1005 C C   . SER A 1 143 ? 13.546  -2.168  3.434   1.00 11.93 ? 123  SER A C   1 
ATOM   1006 O O   . SER A 1 143 ? 12.991  -2.386  2.344   1.00 11.33 ? 123  SER A O   1 
ATOM   1007 C CB  . SER A 1 143 ? 13.862  -4.241  4.780   1.00 14.32 ? 123  SER A CB  1 
ATOM   1008 O OG  . SER A 1 143 ? 13.543  -5.060  3.700   1.00 13.71 ? 123  SER A OG  1 
ATOM   1009 N N   . GLU A 1 144 ? 14.474  -1.232  3.598   1.00 12.13 ? 124  GLU A N   1 
ATOM   1010 C CA  . GLU A 1 144 ? 14.970  -0.410  2.505   1.00 12.64 ? 124  GLU A CA  1 
ATOM   1011 C C   . GLU A 1 144 ? 13.908  0.518   1.893   1.00 11.45 ? 124  GLU A C   1 
ATOM   1012 O O   . GLU A 1 144 ? 14.151  1.140   0.865   1.00 13.09 ? 124  GLU A O   1 
ATOM   1013 C CB  . GLU A 1 144 ? 15.618  -1.284  1.393   1.00 12.68 ? 124  GLU A CB  1 
ATOM   1014 C CG  . GLU A 1 144 ? 16.788  -2.131  1.861   1.00 15.71 ? 124  GLU A CG  1 
ATOM   1015 C CD  . GLU A 1 144 ? 17.168  -3.215  0.857   1.00 18.21 ? 124  GLU A CD  1 
ATOM   1016 O OE1 . GLU A 1 144 ? 16.956  -3.007  -0.358  1.00 27.08 ? 124  GLU A OE1 1 
ATOM   1017 O OE2 . GLU A 1 144 ? 17.632  -4.298  1.287   1.00 25.30 ? 124  GLU A OE2 1 
ATOM   1018 N N   . ALA A 1 145 ? 12.755  0.646   2.552   1.00 9.95  ? 125  ALA A N   1 
ATOM   1019 C CA  . ALA A 1 145 ? 11.693  1.476   1.999   1.00 11.13 ? 125  ALA A CA  1 
ATOM   1020 C C   . ALA A 1 145 ? 12.000  2.921   2.217   1.00 11.68 ? 125  ALA A C   1 
ATOM   1021 O O   . ALA A 1 145 ? 12.699  3.269   3.190   1.00 12.51 ? 125  ALA A O   1 
ATOM   1022 C CB  . ALA A 1 145 ? 10.370  1.128   2.648   1.00 10.61 ? 125  ALA A CB  1 
ATOM   1023 N N   . ASN A 1 146 ? 11.447  3.767   1.352   1.00 11.04 ? 126  ASN A N   1 
ATOM   1024 C CA  . ASN A 1 146 ? 11.581  5.196   1.485   1.00 11.57 ? 126  ASN A CA  1 
ATOM   1025 C C   . ASN A 1 146 ? 10.295  5.743   2.077   1.00 11.79 ? 126  ASN A C   1 
ATOM   1026 O O   . ASN A 1 146 ? 9.260   5.761   1.406   1.00 12.18 ? 126  ASN A O   1 
ATOM   1027 C CB  . ASN A 1 146 ? 11.842  5.840   0.128   1.00 11.99 ? 126  ASN A CB  1 
ATOM   1028 C CG  . ASN A 1 146 ? 12.017  7.339   0.220   1.00 15.60 ? 126  ASN A CG  1 
ATOM   1029 O OD1 . ASN A 1 146 ? 12.224  7.895   1.302   1.00 14.89 ? 126  ASN A OD1 1 
ATOM   1030 N ND2 . ASN A 1 146 ? 11.914  8.017   -0.930  1.00 19.51 ? 126  ASN A ND2 1 
ATOM   1031 N N   . LEU A 1 147 ? 10.368  6.189   3.327   1.00 11.15 ? 127  LEU A N   1 
ATOM   1032 C CA  . LEU A 1 147 ? 9.238   6.781   4.019   1.00 10.32 ? 127  LEU A CA  1 
ATOM   1033 C C   . LEU A 1 147 ? 9.524   8.252   4.355   1.00 9.97  ? 127  LEU A C   1 
ATOM   1034 O O   . LEU A 1 147 ? 8.986   8.800   5.328   1.00 10.11 ? 127  LEU A O   1 
ATOM   1035 C CB  . LEU A 1 147 ? 8.913   5.974   5.284   1.00 11.08 ? 127  LEU A CB  1 
ATOM   1036 C CG  . LEU A 1 147 ? 8.336   4.577   5.039   1.00 11.82 ? 127  LEU A CG  1 
ATOM   1037 C CD1 . LEU A 1 147 ? 8.869   3.529   6.032   1.00 15.66 ? 127  LEU A CD1 1 
ATOM   1038 C CD2 . LEU A 1 147 ? 6.826   4.685   5.123   1.00 14.14 ? 127  LEU A CD2 1 
ATOM   1039 N N   . GLU A 1 148 ? 10.330  8.903   3.522   1.00 9.73  ? 128  GLU A N   1 
ATOM   1040 C CA  . GLU A 1 148 ? 10.615  10.320  3.776   1.00 9.92  ? 128  GLU A CA  1 
ATOM   1041 C C   . GLU A 1 148 ? 9.332   11.130  3.893   1.00 9.87  ? 128  GLU A C   1 
ATOM   1042 O O   . GLU A 1 148 ? 8.499   11.116  2.994   1.00 9.46  ? 128  GLU A O   1 
ATOM   1043 C CB  . GLU A 1 148 ? 11.488  10.895  2.661   1.00 12.32 ? 128  GLU A CB  1 
ATOM   1044 C CG  . GLU A 1 148 ? 11.702  12.386  2.804   1.00 15.86 ? 128  GLU A CG  1 
ATOM   1045 C CD  . GLU A 1 148 ? 13.136  12.782  2.701   1.00 21.54 ? 128  GLU A CD  1 
ATOM   1046 O OE1 . GLU A 1 148 ? 13.992  11.896  2.648   1.00 22.09 ? 128  GLU A OE1 1 
ATOM   1047 O OE2 . GLU A 1 148 ? 13.414  13.998  2.684   1.00 26.20 ? 128  GLU A OE2 1 
ATOM   1048 N N   . ALA A 1 149 ? 9.178   11.850  5.008   1.00 8.96  ? 129  ALA A N   1 
ATOM   1049 C CA  . ALA A 1 149 ? 8.051   12.737  5.221   1.00 9.43  ? 129  ALA A CA  1 
ATOM   1050 C C   . ALA A 1 149 ? 6.705   12.014  5.176   1.00 8.40  ? 129  ALA A C   1 
ATOM   1051 O O   . ALA A 1 149 ? 5.664   12.644  4.986   1.00 10.08 ? 129  ALA A O   1 
ATOM   1052 C CB  . ALA A 1 149 ? 8.074   13.921  4.247   1.00 9.78  ? 129  ALA A CB  1 
ATOM   1053 N N   . ALA A 1 150 ? 6.738   10.701  5.386   1.00 8.02  ? 130  ALA A N   1 
ATOM   1054 C CA  . ALA A 1 150 ? 5.473   9.956   5.477   1.00 8.47  ? 130  ALA A CA  1 
ATOM   1055 C C   . ALA A 1 150 ? 4.755   10.265  6.790   1.00 8.37  ? 130  ALA A C   1 
ATOM   1056 O O   . ALA A 1 150 ? 5.397   10.509  7.833   1.00 9.07  ? 130  ALA A O   1 
ATOM   1057 C CB  . ALA A 1 150 ? 5.704   8.478   5.354   1.00 8.57  ? 130  ALA A CB  1 
ATOM   1058 N N   . ASP A 1 151 ? 3.430   10.287  6.759   1.00 7.66  ? 131  ASP A N   1 
ATOM   1059 C CA  . ASP A 1 151 ? 2.628   10.496  7.960   1.00 6.64  ? 131  ASP A CA  1 
ATOM   1060 C C   . ASP A 1 151 ? 2.264   9.143   8.532   1.00 7.69  ? 131  ASP A C   1 
ATOM   1061 O O   . ASP A 1 151 ? 1.391   8.452   8.003   1.00 8.32  ? 131  ASP A O   1 
ATOM   1062 C CB  . ASP A 1 151 ? 1.351   11.294  7.643   1.00 7.61  ? 131  ASP A CB  1 
ATOM   1063 C CG  . ASP A 1 151 ? 0.533   11.593  8.880   1.00 10.93 ? 131  ASP A CG  1 
ATOM   1064 O OD1 . ASP A 1 151 ? 0.976   11.218  9.998   1.00 8.96  ? 131  ASP A OD1 1 
ATOM   1065 O OD2 . ASP A 1 151 ? -0.557  12.225  8.742   1.00 14.49 ? 131  ASP A OD2 1 
ATOM   1066 N N   . LEU A 1 152 ? 2.954   8.757   9.592   1.00 7.87  ? 132  LEU A N   1 
ATOM   1067 C CA  . LEU A 1 152 ? 2.672   7.493   10.308  1.00 6.91  ? 132  LEU A CA  1 
ATOM   1068 C C   . LEU A 1 152 ? 2.032   7.763   11.684  1.00 7.01  ? 132  LEU A C   1 
ATOM   1069 O O   . LEU A 1 152 ? 2.107   6.910   12.579  1.00 7.44  ? 132  LEU A O   1 
ATOM   1070 C CB  . LEU A 1 152 ? 4.004   6.724   10.460  1.00 7.94  ? 132  LEU A CB  1 
ATOM   1071 C CG  . LEU A 1 152 ? 4.496   6.151   9.130   1.00 8.54  ? 132  LEU A CG  1 
ATOM   1072 C CD1 . LEU A 1 152 ? 6.027   5.982   9.130   1.00 12.40 ? 132  LEU A CD1 1 
ATOM   1073 C CD2 . LEU A 1 152 ? 3.827   4.788   8.892   1.00 11.13 ? 132  LEU A CD2 1 
ATOM   1074 N N   . SER A 1 153 ? 1.370   8.912   11.821  1.00 6.81  ? 133  SER A N   1 
ATOM   1075 C CA  . SER A 1 153 ? 0.765   9.305   13.098  1.00 7.52  ? 133  SER A CA  1 
ATOM   1076 C C   . SER A 1 153 ? -0.168  8.212   13.566  1.00 8.20  ? 133  SER A C   1 
ATOM   1077 O O   . SER A 1 153 ? -1.095  7.822   12.858  1.00 8.24  ? 133  SER A O   1 
ATOM   1078 C CB  . SER A 1 153 ? -0.027  10.589  12.936  1.00 8.83  ? 133  SER A CB  1 
ATOM   1079 O OG  . SER A 1 153 ? 0.834   11.667  12.558  1.00 10.04 ? 133  SER A OG  1 
ATOM   1080 N N   . GLY A 1 154 ? 0.063   7.708   14.770  1.00 7.13  ? 134  GLY A N   1 
ATOM   1081 C CA  . GLY A 1 154 ? -0.833  6.693   15.344  1.00 7.46  ? 134  GLY A CA  1 
ATOM   1082 C C   . GLY A 1 154 ? -0.833  5.353   14.606  1.00 6.54  ? 134  GLY A C   1 
ATOM   1083 O O   . GLY A 1 154 ? -1.695  4.514   14.892  1.00 9.33  ? 134  GLY A O   1 
ATOM   1084 N N   . ALA A 1 155 ? 0.113   5.106   13.700  1.00 6.72  ? 135  ALA A N   1 
ATOM   1085 C CA  . ALA A 1 155 ? 0.145   3.808   12.988  1.00 7.00  ? 135  ALA A CA  1 
ATOM   1086 C C   . ALA A 1 155 ? 0.715   2.717   13.860  1.00 8.03  ? 135  ALA A C   1 
ATOM   1087 O O   . ALA A 1 155 ? 1.443   3.007   14.826  1.00 9.82  ? 135  ALA A O   1 
ATOM   1088 C CB  . ALA A 1 155 ? 0.976   3.945   11.715  1.00 6.78  ? 135  ALA A CB  1 
ATOM   1089 N N   . ASP A 1 156 ? 0.426   1.462   13.526  1.00 7.07  ? 136  ASP A N   1 
ATOM   1090 C CA  . ASP A 1 156 ? 0.959   0.339   14.293  1.00 6.99  ? 136  ASP A CA  1 
ATOM   1091 C C   . ASP A 1 156 ? 1.970   -0.369  13.423  1.00 7.84  ? 136  ASP A C   1 
ATOM   1092 O O   . ASP A 1 156 ? 1.624   -1.007  12.434  1.00 8.11  ? 136  ASP A O   1 
ATOM   1093 C CB  . ASP A 1 156 ? -0.142  -0.619  14.680  1.00 8.04  ? 136  ASP A CB  1 
ATOM   1094 C CG  . ASP A 1 156 ? 0.340   -1.718  15.594  1.00 8.91  ? 136  ASP A CG  1 
ATOM   1095 O OD1 . ASP A 1 156 ? 1.541   -1.736  15.961  1.00 8.15  ? 136  ASP A OD1 1 
ATOM   1096 O OD2 . ASP A 1 156 ? -0.513  -2.582  15.919  1.00 10.41 ? 136  ASP A OD2 1 
ATOM   1097 N N   . LEU A 1 157 ? 3.236   -0.222  13.793  1.00 7.90  ? 137  LEU A N   1 
ATOM   1098 C CA  . LEU A 1 157 ? 4.347   -0.872  13.106  1.00 8.50  ? 137  LEU A CA  1 
ATOM   1099 C C   . LEU A 1 157 ? 4.983   -1.956  13.990  1.00 7.97  ? 137  LEU A C   1 
ATOM   1100 O O   . LEU A 1 157 ? 6.184   -2.295  13.844  1.00 8.83  ? 137  LEU A O   1 
ATOM   1101 C CB  . LEU A 1 157 ? 5.400   0.171   12.717  1.00 7.94  ? 137  LEU A CB  1 
ATOM   1102 C CG  . LEU A 1 157 ? 4.993   1.099   11.563  1.00 8.72  ? 137  LEU A CG  1 
ATOM   1103 C CD1 . LEU A 1 157 ? 5.752   2.463   11.660  1.00 14.28 ? 137  LEU A CD1 1 
ATOM   1104 C CD2 . LEU A 1 157 ? 5.385   0.458   10.267  1.00 12.36 ? 137  LEU A CD2 1 
ATOM   1105 N N   . ALA A 1 158 ? 4.179   -2.556  14.856  1.00 8.09  ? 138  ALA A N   1 
ATOM   1106 C CA  . ALA A 1 158 ? 4.714   -3.633  15.731  1.00 8.86  ? 138  ALA A CA  1 
ATOM   1107 C C   . ALA A 1 158 ? 5.431   -4.686  14.900  1.00 9.68  ? 138  ALA A C   1 
ATOM   1108 O O   . ALA A 1 158 ? 4.894   -5.131  13.882  1.00 9.35  ? 138  ALA A O   1 
ATOM   1109 C CB  . ALA A 1 158 ? 3.604   -4.281  16.474  1.00 9.91  ? 138  ALA A CB  1 
ATOM   1110 N N   . ILE A 1 159 ? 6.635   -5.052  15.327  1.00 10.21 ? 139  ILE A N   1 
ATOM   1111 C CA  A ILE A 1 159 ? 7.432   -6.120  14.678  0.50 10.92 ? 139  ILE A CA  1 
ATOM   1112 C CA  B ILE A 1 159 ? 7.457   -6.093  14.688  0.50 10.68 ? 139  ILE A CA  1 
ATOM   1113 C C   . ILE A 1 159 ? 7.629   -5.941  13.164  1.00 11.44 ? 139  ILE A C   1 
ATOM   1114 O O   . ILE A 1 159 ? 7.898   -6.927  12.434  1.00 12.51 ? 139  ILE A O   1 
ATOM   1115 C CB  A ILE A 1 159 ? 6.866   -7.558  14.916  0.50 11.72 ? 139  ILE A CB  1 
ATOM   1116 C CB  B ILE A 1 159 ? 7.042   -7.538  15.127  0.50 11.42 ? 139  ILE A CB  1 
ATOM   1117 C CG1 A ILE A 1 159 ? 5.992   -7.645  16.175  0.50 13.45 ? 139  ILE A CG1 1 
ATOM   1118 C CG1 B ILE A 1 159 ? 5.637   -7.922  14.652  0.50 11.36 ? 139  ILE A CG1 1 
ATOM   1119 C CG2 A ILE A 1 159 ? 8.012   -8.593  14.885  0.50 12.10 ? 139  ILE A CG2 1 
ATOM   1120 C CG2 B ILE A 1 159 ? 7.158   -7.667  16.635  0.50 11.01 ? 139  ILE A CG2 1 
ATOM   1121 C CD1 A ILE A 1 159 ? 6.720   -7.613  17.501  0.50 16.31 ? 139  ILE A CD1 1 
ATOM   1122 C CD1 B ILE A 1 159 ? 5.192   -9.346  15.081  0.50 11.41 ? 139  ILE A CD1 1 
ATOM   1123 N N   . ALA A 1 160 ? 7.512   -4.698  12.696  1.00 9.61  ? 140  ALA A N   1 
ATOM   1124 C CA  . ALA A 1 160 ? 7.790   -4.421  11.279  1.00 9.99  ? 140  ALA A CA  1 
ATOM   1125 C C   . ALA A 1 160 ? 9.287   -4.419  11.055  1.00 10.40 ? 140  ALA A C   1 
ATOM   1126 O O   . ALA A 1 160 ? 10.071  -4.034  11.934  1.00 11.22 ? 140  ALA A O   1 
ATOM   1127 C CB  . ALA A 1 160 ? 7.233   -3.054  10.900  1.00 10.73 ? 140  ALA A CB  1 
ATOM   1128 N N   . ASP A 1 161 ? 9.688   -4.790  9.846   1.00 9.71  ? 141  ASP A N   1 
ATOM   1129 C CA  . ASP A 1 161 ? 11.091  -4.694  9.462   1.00 9.12  ? 141  ASP A CA  1 
ATOM   1130 C C   . ASP A 1 161 ? 11.307  -3.373  8.774   1.00 10.43 ? 141  ASP A C   1 
ATOM   1131 O O   . ASP A 1 161 ? 10.771  -3.132  7.679   1.00 10.23 ? 141  ASP A O   1 
ATOM   1132 C CB  . ASP A 1 161 ? 11.482  -5.857  8.544   1.00 9.35  ? 141  ASP A CB  1 
ATOM   1133 C CG  . ASP A 1 161 ? 12.970  -5.953  8.322   1.00 12.49 ? 141  ASP A CG  1 
ATOM   1134 O OD1 . ASP A 1 161 ? 13.721  -4.988  8.633   1.00 10.84 ? 141  ASP A OD1 1 
ATOM   1135 O OD2 . ASP A 1 161 ? 13.365  -7.005  7.764   1.00 15.05 ? 141  ASP A OD2 1 
ATOM   1136 N N   . LEU A 1 162 ? 12.053  -2.486  9.431   1.00 10.36 ? 142  LEU A N   1 
ATOM   1137 C CA  . LEU A 1 162 ? 12.360  -1.168  8.907   1.00 9.57  ? 142  LEU A CA  1 
ATOM   1138 C C   . LEU A 1 162 ? 13.873  -0.995  8.703   1.00 10.33 ? 142  LEU A C   1 
ATOM   1139 O O   . LEU A 1 162 ? 14.381  0.137   8.595   1.00 10.47 ? 142  LEU A O   1 
ATOM   1140 C CB  . LEU A 1 162 ? 11.815  -0.048  9.814   1.00 10.49 ? 142  LEU A CB  1 
ATOM   1141 C CG  . LEU A 1 162 ? 10.299  0.074   9.728   1.00 11.38 ? 142  LEU A CG  1 
ATOM   1142 C CD1 . LEU A 1 162 ? 9.751   0.601   11.064  1.00 14.37 ? 142  LEU A CD1 1 
ATOM   1143 C CD2 . LEU A 1 162 ? 9.944   1.027   8.595   1.00 12.05 ? 142  LEU A CD2 1 
ATOM   1144 N N   . HIS A 1 163 ? 14.605  -2.112  8.659   1.00 11.04 ? 143  HIS A N   1 
ATOM   1145 C CA  . HIS A 1 163 ? 16.058  -1.917  8.537   1.00 11.63 ? 143  HIS A CA  1 
ATOM   1146 C C   . HIS A 1 163 ? 16.409  -1.185  7.250   1.00 11.65 ? 143  HIS A C   1 
ATOM   1147 O O   . HIS A 1 163 ? 15.830  -1.466  6.188   1.00 10.89 ? 143  HIS A O   1 
ATOM   1148 C CB  . HIS A 1 163 ? 16.861  -3.205  8.769   1.00 12.93 ? 143  HIS A CB  1 
ATOM   1149 C CG  . HIS A 1 163 ? 16.948  -4.115  7.579   1.00 13.17 ? 143  HIS A CG  1 
ATOM   1150 N ND1 . HIS A 1 163 ? 16.012  -5.090  7.320   1.00 15.81 ? 143  HIS A ND1 1 
ATOM   1151 C CD2 . HIS A 1 163 ? 17.902  -4.249  6.622   1.00 14.91 ? 143  HIS A CD2 1 
ATOM   1152 C CE1 . HIS A 1 163 ? 16.360  -5.764  6.237   1.00 16.79 ? 143  HIS A CE1 1 
ATOM   1153 N NE2 . HIS A 1 163 ? 17.500  -5.269  5.786   1.00 16.61 ? 143  HIS A NE2 1 
ATOM   1154 N N   . GLN A 1 164 ? 17.320  -0.211  7.356   1.00 11.45 ? 144  GLN A N   1 
ATOM   1155 C CA  . GLN A 1 164 ? 17.787  0.569   6.211   1.00 12.12 ? 144  GLN A CA  1 
ATOM   1156 C C   . GLN A 1 164 ? 16.669  1.427   5.579   1.00 11.06 ? 144  GLN A C   1 
ATOM   1157 O O   . GLN A 1 164 ? 16.845  1.989   4.474   1.00 13.45 ? 144  GLN A O   1 
ATOM   1158 C CB  . GLN A 1 164 ? 18.454  -0.337  5.146   1.00 12.64 ? 144  GLN A CB  1 
ATOM   1159 C CG  . GLN A 1 164 ? 19.789  -0.956  5.588   1.00 16.28 ? 144  GLN A CG  1 
ATOM   1160 C CD  . GLN A 1 164 ? 20.947  0.011   5.519   1.00 25.38 ? 144  GLN A CD  1 
ATOM   1161 O OE1 . GLN A 1 164 ? 20.776  1.196   5.211   1.00 28.51 ? 144  GLN A OE1 1 
ATOM   1162 N NE2 . GLN A 1 164 ? 22.151  -0.492  5.806   1.00 28.04 ? 144  GLN A NE2 1 
ATOM   1163 N N   . ALA A 1 165 ? 15.550  1.570   6.293   1.00 10.75 ? 145  ALA A N   1 
ATOM   1164 C CA  . ALA A 1 165 ? 14.477  2.451   5.799   1.00 10.79 ? 145  ALA A CA  1 
ATOM   1165 C C   . ALA A 1 165 ? 14.812  3.908   6.037   1.00 11.32 ? 145  ALA A C   1 
ATOM   1166 O O   . ALA A 1 165 ? 15.484  4.264   7.019   1.00 12.72 ? 145  ALA A O   1 
ATOM   1167 C CB  . ALA A 1 165 ? 13.154  2.126   6.486   1.00 11.59 ? 145  ALA A CB  1 
ATOM   1168 N N   . ASN A 1 166 ? 14.324  4.746   5.145   1.00 10.08 ? 146  ASN A N   1 
ATOM   1169 C CA  . ASN A 1 166 ? 14.466  6.176   5.276   1.00 9.91  ? 146  ASN A CA  1 
ATOM   1170 C C   . ASN A 1 166 ? 13.216  6.765   5.913   1.00 10.76 ? 146  ASN A C   1 
ATOM   1171 O O   . ASN A 1 166 ? 12.179  6.879   5.263   1.00 10.80 ? 146  ASN A O   1 
ATOM   1172 C CB  . ASN A 1 166 ? 14.728  6.856   3.943   1.00 11.43 ? 146  ASN A CB  1 
ATOM   1173 C CG  . ASN A 1 166 ? 14.837  8.346   4.083   1.00 13.53 ? 146  ASN A CG  1 
ATOM   1174 O OD1 . ASN A 1 166 ? 15.172  8.851   5.174   1.00 13.83 ? 146  ASN A OD1 1 
ATOM   1175 N ND2 . ASN A 1 166 ? 14.534  9.071   3.015   1.00 18.05 ? 146  ASN A ND2 1 
ATOM   1176 N N   . LEU A 1 167 ? 13.305  7.160   7.184   1.00 9.82  ? 147  LEU A N   1 
ATOM   1177 C CA  . LEU A 1 167 ? 12.171  7.819   7.865   1.00 10.28 ? 147  LEU A CA  1 
ATOM   1178 C C   . LEU A 1 167 ? 12.456  9.318   8.141   1.00 8.79  ? 147  LEU A C   1 
ATOM   1179 O O   . LEU A 1 167 ? 11.836  9.959   9.009   1.00 8.69  ? 147  LEU A O   1 
ATOM   1180 C CB  . LEU A 1 167 ? 11.830  7.096   9.186   1.00 10.10 ? 147  LEU A CB  1 
ATOM   1181 C CG  . LEU A 1 167 ? 11.248  5.684   9.069   1.00 11.15 ? 147  LEU A CG  1 
ATOM   1182 C CD1 . LEU A 1 167 ? 11.608  4.767   10.243  1.00 13.98 ? 147  LEU A CD1 1 
ATOM   1183 C CD2 . LEU A 1 167 ? 9.755   5.836   9.060   1.00 14.43 ? 147  LEU A CD2 1 
ATOM   1184 N N   . HIS A 1 168 ? 13.367  9.877   7.352   1.00 8.85  ? 148  HIS A N   1 
ATOM   1185 C CA  . HIS A 1 168 ? 13.683  11.293  7.484   1.00 10.06 ? 148  HIS A CA  1 
ATOM   1186 C C   . HIS A 1 168 ? 12.413  12.153  7.478   1.00 10.22 ? 148  HIS A C   1 
ATOM   1187 O O   . HIS A 1 168 ? 11.625  12.083  6.544   1.00 9.99  ? 148  HIS A O   1 
ATOM   1188 C CB  . HIS A 1 168 ? 14.622  11.727  6.350   1.00 11.00 ? 148  HIS A CB  1 
ATOM   1189 C CG  . HIS A 1 168 ? 14.945  13.185  6.349   1.00 13.14 ? 148  HIS A CG  1 
ATOM   1190 N ND1 . HIS A 1 168 ? 15.688  13.789  7.345   1.00 20.32 ? 148  HIS A ND1 1 
ATOM   1191 C CD2 . HIS A 1 168 ? 14.605  14.166  5.486   1.00 16.07 ? 148  HIS A CD2 1 
ATOM   1192 C CE1 . HIS A 1 168 ? 15.818  15.077  7.072   1.00 15.56 ? 148  HIS A CE1 1 
ATOM   1193 N NE2 . HIS A 1 168 ? 15.164  15.334  5.956   1.00 19.89 ? 148  HIS A NE2 1 
ATOM   1194 N N   . GLN A 1 169 ? 12.204  12.943  8.529   1.00 9.56  ? 149  GLN A N   1 
ATOM   1195 C CA  . GLN A 1 169 ? 11.045  13.841  8.662   1.00 10.37 ? 149  GLN A CA  1 
ATOM   1196 C C   . GLN A 1 169 ? 9.685   13.139  8.709   1.00 9.41  ? 149  GLN A C   1 
ATOM   1197 O O   . GLN A 1 169 ? 8.625   13.809  8.635   1.00 10.00 ? 149  GLN A O   1 
ATOM   1198 C CB  . GLN A 1 169 ? 11.019  14.942  7.592   1.00 12.04 ? 149  GLN A CB  1 
ATOM   1199 C CG  . GLN A 1 169 ? 12.117  15.991  7.777   1.00 16.65 ? 149  GLN A CG  1 
ATOM   1200 C CD  . GLN A 1 169 ? 12.010  16.772  9.084   1.00 21.14 ? 149  GLN A CD  1 
ATOM   1201 O OE1 . GLN A 1 169 ? 10.909  17.018  9.600   1.00 22.75 ? 149  GLN A OE1 1 
ATOM   1202 N NE2 . GLN A 1 169 ? 13.160  17.179  9.618   1.00 22.08 ? 149  GLN A NE2 1 
ATOM   1203 N N   . ALA A 1 170 ? 9.688   11.819  8.877   1.00 8.32  ? 150  ALA A N   1 
ATOM   1204 C CA  . ALA A 1 170 ? 8.399   11.111  9.032   1.00 8.61  ? 150  ALA A CA  1 
ATOM   1205 C C   . ALA A 1 170 ? 7.732   11.510  10.342  1.00 8.75  ? 150  ALA A C   1 
ATOM   1206 O O   . ALA A 1 170 ? 8.411   11.932  11.325  1.00 8.81  ? 150  ALA A O   1 
ATOM   1207 C CB  . ALA A 1 170 ? 8.602   9.628   8.973   1.00 8.60  ? 150  ALA A CB  1 
ATOM   1208 N N   . ALA A 1 171 ? 6.400   11.430  10.364  1.00 8.43  ? 151  ALA A N   1 
ATOM   1209 C CA  . ALA A 1 171 ? 5.615   11.707  11.552  1.00 8.20  ? 151  ALA A CA  1 
ATOM   1210 C C   . ALA A 1 171 ? 5.329   10.388  12.241  1.00 8.51  ? 151  ALA A C   1 
ATOM   1211 O O   . ALA A 1 171 ? 4.505   9.575   11.778  1.00 9.60  ? 151  ALA A O   1 
ATOM   1212 C CB  . ALA A 1 171 ? 4.294   12.399  11.145  1.00 8.72  ? 151  ALA A CB  1 
ATOM   1213 N N   . LEU A 1 172 ? 6.055   10.137  13.333  1.00 8.12  ? 152  LEU A N   1 
ATOM   1214 C CA  . LEU A 1 172 ? 5.940   8.886   14.114  1.00 7.77  ? 152  LEU A CA  1 
ATOM   1215 C C   . LEU A 1 172 ? 5.251   9.134   15.444  1.00 7.63  ? 152  LEU A C   1 
ATOM   1216 O O   . LEU A 1 172 ? 5.273   8.271   16.329  1.00 8.09  ? 152  LEU A O   1 
ATOM   1217 C CB  . LEU A 1 172 ? 7.333   8.275   14.345  1.00 8.81  ? 152  LEU A CB  1 
ATOM   1218 C CG  . LEU A 1 172 ? 8.047   7.764   13.101  1.00 11.74 ? 152  LEU A CG  1 
ATOM   1219 C CD1 . LEU A 1 172 ? 9.492   7.356   13.437  1.00 10.83 ? 152  LEU A CD1 1 
ATOM   1220 C CD2 . LEU A 1 172 ? 7.316   6.549   12.600  1.00 14.82 ? 152  LEU A CD2 1 
ATOM   1221 N N   . GLU A 1 173 ? 4.648   10.304  15.591  1.00 6.87  ? 153  GLU A N   1 
ATOM   1222 C CA  . GLU A 1 173 ? 3.987   10.616  16.854  1.00 6.75  ? 153  GLU A CA  1 
ATOM   1223 C C   . GLU A 1 173 ? 2.848   9.626   17.110  1.00 7.22  ? 153  GLU A C   1 
ATOM   1224 O O   . GLU A 1 173 ? 1.978   9.431   16.245  1.00 7.56  ? 153  GLU A O   1 
ATOM   1225 C CB  . GLU A 1 173 ? 3.437   12.044  16.838  1.00 7.17  ? 153  GLU A CB  1 
ATOM   1226 C CG  . GLU A 1 173 ? 4.576   13.124  16.851  1.00 7.10  ? 153  GLU A CG  1 
ATOM   1227 C CD  . GLU A 1 173 ? 5.375   13.218  15.551  1.00 10.11 ? 153  GLU A CD  1 
ATOM   1228 O OE1 . GLU A 1 173 ? 4.783   13.028  14.465  1.00 8.09  ? 153  GLU A OE1 1 
ATOM   1229 O OE2 . GLU A 1 173 ? 6.611   13.501  15.599  1.00 9.29  ? 153  GLU A OE2 1 
ATOM   1230 N N   . ARG A 1 174 ? 2.888   8.994   18.287  1.00 7.71  ? 154  ARG A N   1 
ATOM   1231 C CA  . ARG A 1 174 ? 1.903   7.997   18.720  1.00 7.18  ? 154  ARG A CA  1 
ATOM   1232 C C   . ARG A 1 174 ? 1.987   6.700   17.918  1.00 7.72  ? 154  ARG A C   1 
ATOM   1233 O O   . ARG A 1 174 ? 1.111   5.825   18.125  1.00 9.38  ? 154  ARG A O   1 
ATOM   1234 C CB  . ARG A 1 174 ? 0.461   8.515   18.697  1.00 7.61  ? 154  ARG A CB  1 
ATOM   1235 C CG  . ARG A 1 174 ? 0.285   9.804   19.510  1.00 8.59  ? 154  ARG A CG  1 
ATOM   1236 C CD  . ARG A 1 174 ? -1.179  10.196  19.576  1.00 9.62  ? 154  ARG A CD  1 
ATOM   1237 N NE  . ARG A 1 174 ? -1.857  9.359   20.567  1.00 11.61 ? 154  ARG A NE  1 
ATOM   1238 C CZ  . ARG A 1 174 ? -3.130  8.970   20.494  1.00 12.73 ? 154  ARG A CZ  1 
ATOM   1239 N NH1 . ARG A 1 174 ? -3.909  9.346   19.484  1.00 13.51 ? 154  ARG A NH1 1 
ATOM   1240 N NH2 . ARG A 1 174 ? -3.623  8.213   21.468  1.00 9.53  ? 154  ARG A NH2 1 
ATOM   1241 N N   . ALA A 1 175 ? 3.001   6.550   17.054  1.00 7.64  ? 155  ALA A N   1 
ATOM   1242 C CA  . ALA A 1 175 ? 3.185   5.279   16.325  1.00 7.96  ? 155  ALA A CA  1 
ATOM   1243 C C   . ALA A 1 175 ? 3.770   4.228   17.231  1.00 8.25  ? 155  ALA A C   1 
ATOM   1244 O O   . ALA A 1 175 ? 4.578   4.541   18.110  1.00 10.67 ? 155  ALA A O   1 
ATOM   1245 C CB  . ALA A 1 175 ? 4.055   5.461   15.086  1.00 8.38  ? 155  ALA A CB  1 
ATOM   1246 N N   . ASN A 1 176 ? 3.350   2.978   17.027  1.00 7.30  ? 156  ASN A N   1 
ATOM   1247 C CA  . ASN A 1 176 ? 3.854   1.869   17.820  1.00 7.63  ? 156  ASN A CA  1 
ATOM   1248 C C   . ASN A 1 176 ? 4.967   1.206   17.040  1.00 8.48  ? 156  ASN A C   1 
ATOM   1249 O O   . ASN A 1 176 ? 4.739   0.669   15.945  1.00 9.10  ? 156  ASN A O   1 
ATOM   1250 C CB  . ASN A 1 176 ? 2.749   0.840   18.049  1.00 7.57  ? 156  ASN A CB  1 
ATOM   1251 C CG  . ASN A 1 176 ? 3.252   -0.390  18.766  1.00 8.68  ? 156  ASN A CG  1 
ATOM   1252 O OD1 . ASN A 1 176 ? 4.207   -0.305  19.567  1.00 9.54  ? 156  ASN A OD1 1 
ATOM   1253 N ND2 . ASN A 1 176 ? 2.604   -1.539  18.518  1.00 8.45  ? 156  ASN A ND2 1 
ATOM   1254 N N   . LEU A 1 177 ? 6.187   1.204   17.599  1.00 8.63  ? 157  LEU A N   1 
ATOM   1255 C CA  . LEU A 1 177 ? 7.334   0.570   16.944  1.00 9.14  ? 157  LEU A CA  1 
ATOM   1256 C C   . LEU A 1 177 ? 7.880   -0.583  17.782  1.00 7.92  ? 157  LEU A C   1 
ATOM   1257 O O   . LEU A 1 177 ? 9.012   -1.019  17.576  1.00 9.06  ? 157  LEU A O   1 
ATOM   1258 C CB  . LEU A 1 177 ? 8.467   1.599   16.682  1.00 9.10  ? 157  LEU A CB  1 
ATOM   1259 C CG  . LEU A 1 177 ? 8.120   2.556   15.537  1.00 13.41 ? 157  LEU A CG  1 
ATOM   1260 C CD1 . LEU A 1 177 ? 8.981   3.835   15.611  1.00 17.99 ? 157  LEU A CD1 1 
ATOM   1261 C CD2 . LEU A 1 177 ? 8.362   1.857   14.211  1.00 15.50 ? 157  LEU A CD2 1 
ATOM   1262 N N   . THR A 1 178 ? 7.073   -1.090  18.705  1.00 7.78  ? 158  THR A N   1 
ATOM   1263 C CA  . THR A 1 178 ? 7.549   -2.146  19.611  1.00 8.14  ? 158  THR A CA  1 
ATOM   1264 C C   . THR A 1 178 ? 8.015   -3.361  18.817  1.00 9.55  ? 158  THR A C   1 
ATOM   1265 O O   . THR A 1 178 ? 7.263   -3.889  17.995  1.00 10.29 ? 158  THR A O   1 
ATOM   1266 C CB  . THR A 1 178 ? 6.425   -2.561  20.591  1.00 8.21  ? 158  THR A CB  1 
ATOM   1267 O OG1 . THR A 1 178 ? 5.918   -1.419  21.239  1.00 8.59  ? 158  THR A OG1 1 
ATOM   1268 C CG2 . THR A 1 178 ? 6.948   -3.563  21.659  1.00 10.26 ? 158  THR A CG2 1 
ATOM   1269 N N   . GLY A 1 179 ? 9.263   -3.789  19.026  1.00 10.43 ? 159  GLY A N   1 
ATOM   1270 C CA  . GLY A 1 179 ? 9.754   -4.988  18.363  1.00 10.28 ? 159  GLY A CA  1 
ATOM   1271 C C   . GLY A 1 179 ? 10.170  -4.781  16.909  1.00 10.25 ? 159  GLY A C   1 
ATOM   1272 O O   . GLY A 1 179 ? 10.631  -5.748  16.239  1.00 12.07 ? 159  GLY A O   1 
ATOM   1273 N N   . ALA A 1 180 ? 10.023  -3.555  16.416  1.00 10.08 ? 160  ALA A N   1 
ATOM   1274 C CA  . ALA A 1 180 ? 10.417  -3.284  15.033  1.00 10.69 ? 160  ALA A CA  1 
ATOM   1275 C C   . ALA A 1 180 ? 11.919  -3.285  14.886  1.00 12.08 ? 160  ALA A C   1 
ATOM   1276 O O   . ALA A 1 180 ? 12.637  -2.952  15.828  1.00 13.93 ? 160  ALA A O   1 
ATOM   1277 C CB  . ALA A 1 180 ? 9.845   -1.968  14.571  1.00 11.26 ? 160  ALA A CB  1 
ATOM   1278 N N   . ASN A 1 181 ? 12.381  -3.611  13.686  1.00 12.02 ? 161  ASN A N   1 
ATOM   1279 C CA  . ASN A 1 181 ? 13.794  -3.576  13.365  1.00 12.28 ? 161  ASN A CA  1 
ATOM   1280 C C   . ASN A 1 181 ? 14.111  -2.236  12.769  1.00 12.29 ? 161  ASN A C   1 
ATOM   1281 O O   . ASN A 1 181 ? 13.702  -1.953  11.657  1.00 11.37 ? 161  ASN A O   1 
ATOM   1282 C CB  . ASN A 1 181 ? 14.163  -4.701  12.395  1.00 12.49 ? 161  ASN A CB  1 
ATOM   1283 C CG  . ASN A 1 181 ? 15.649  -4.707  12.055  1.00 14.34 ? 161  ASN A CG  1 
ATOM   1284 O OD1 . ASN A 1 181 ? 16.410  -3.863  12.526  1.00 14.60 ? 161  ASN A OD1 1 
ATOM   1285 N ND2 . ASN A 1 181 ? 16.064  -5.681  11.240  1.00 16.38 ? 161  ASN A ND2 1 
ATOM   1286 N N   . LEU A 1 182 ? 14.801  -1.383  13.522  1.00 12.76 ? 162  LEU A N   1 
ATOM   1287 C CA  . LEU A 1 182 ? 15.169  -0.038  13.074  1.00 13.03 ? 162  LEU A CA  1 
ATOM   1288 C C   . LEU A 1 182 ? 16.656  0.105   12.714  1.00 12.95 ? 162  LEU A C   1 
ATOM   1289 O O   . LEU A 1 182 ? 17.154  1.219   12.551  1.00 13.77 ? 162  LEU A O   1 
ATOM   1290 C CB  . LEU A 1 182 ? 14.812  1.006   14.144  1.00 13.70 ? 162  LEU A CB  1 
ATOM   1291 C CG  . LEU A 1 182 ? 13.307  1.254   14.282  1.00 15.76 ? 162  LEU A CG  1 
ATOM   1292 C CD1 . LEU A 1 182 ? 13.078  2.172   15.505  1.00 17.87 ? 162  LEU A CD1 1 
ATOM   1293 C CD2 . LEU A 1 182 ? 12.776  1.911   13.012  1.00 16.13 ? 162  LEU A CD2 1 
ATOM   1294 N N   . GLU A 1 183 ? 17.342  -1.029  12.586  1.00 13.97 ? 163  GLU A N   1 
ATOM   1295 C CA  . GLU A 1 183 ? 18.782  -0.989  12.300  1.00 15.14 ? 163  GLU A CA  1 
ATOM   1296 C C   . GLU A 1 183 ? 19.070  -0.213  11.022  1.00 14.67 ? 163  GLU A C   1 
ATOM   1297 O O   . GLU A 1 183 ? 18.505  -0.504  9.968   1.00 14.19 ? 163  GLU A O   1 
ATOM   1298 C CB  . GLU A 1 183 ? 19.353  -2.397  12.235  1.00 15.83 ? 163  GLU A CB  1 
ATOM   1299 C CG  . GLU A 1 183 ? 20.868  -2.447  11.967  1.00 20.46 ? 163  GLU A CG  1 
ATOM   1300 C CD  . GLU A 1 183 ? 21.473  -3.801  12.318  1.00 27.54 ? 163  GLU A CD  1 
ATOM   1301 O OE1 . GLU A 1 183 ? 20.727  -4.813  12.336  1.00 29.73 ? 163  GLU A OE1 1 
ATOM   1302 O OE2 . GLU A 1 183 ? 22.699  -3.855  12.584  1.00 31.45 ? 163  GLU A OE2 1 
ATOM   1303 N N   . ASP A 1 184 ? 19.956  0.782   11.116  1.00 14.75 ? 164  ASP A N   1 
ATOM   1304 C CA  . ASP A 1 184 ? 20.380  1.604   9.981   1.00 15.06 ? 164  ASP A CA  1 
ATOM   1305 C C   . ASP A 1 184 ? 19.274  2.457   9.354   1.00 14.26 ? 164  ASP A C   1 
ATOM   1306 O O   . ASP A 1 184 ? 19.450  3.037   8.270   1.00 15.21 ? 164  ASP A O   1 
ATOM   1307 C CB  . ASP A 1 184 ? 21.077  0.754   8.897   1.00 15.71 ? 164  ASP A CB  1 
ATOM   1308 C CG  . ASP A 1 184 ? 22.326  0.061   9.426   1.00 20.87 ? 164  ASP A CG  1 
ATOM   1309 O OD1 . ASP A 1 184 ? 23.162  0.760   10.029  1.00 25.37 ? 164  ASP A OD1 1 
ATOM   1310 O OD2 . ASP A 1 184 ? 22.447  -1.171  9.268   1.00 26.02 ? 164  ASP A OD2 1 
ATOM   1311 N N   . ALA A 1 185 ? 18.158  2.576   10.061  1.00 13.45 ? 165  ALA A N   1 
ATOM   1312 C CA  . ALA A 1 185 ? 17.102  3.503   9.623   1.00 13.37 ? 165  ALA A CA  1 
ATOM   1313 C C   . ALA A 1 185 ? 17.500  4.954   9.884   1.00 14.16 ? 165  ALA A C   1 
ATOM   1314 O O   . ALA A 1 185 ? 18.138  5.271   10.920  1.00 15.36 ? 165  ALA A O   1 
ATOM   1315 C CB  . ALA A 1 185 ? 15.788  3.209   10.328  1.00 13.31 ? 165  ALA A CB  1 
ATOM   1316 N N   . ASN A 1 186 ? 17.109  5.834   8.968   1.00 12.80 ? 166  ASN A N   1 
ATOM   1317 C CA  . ASN A 1 186 ? 17.276  7.283   9.139   1.00 13.17 ? 166  ASN A CA  1 
ATOM   1318 C C   . ASN A 1 186 ? 16.097  7.823   9.907   1.00 13.45 ? 166  ASN A C   1 
ATOM   1319 O O   . ASN A 1 186 ? 14.966  7.805   9.407   1.00 12.99 ? 166  ASN A O   1 
ATOM   1320 C CB  . ASN A 1 186 ? 17.394  8.003   7.796   1.00 13.64 ? 166  ASN A CB  1 
ATOM   1321 C CG  . ASN A 1 186 ? 17.716  9.484   7.937   1.00 16.22 ? 166  ASN A CG  1 
ATOM   1322 O OD1 . ASN A 1 186 ? 17.818  10.020  9.050   1.00 19.67 ? 166  ASN A OD1 1 
ATOM   1323 N ND2 . ASN A 1 186 ? 17.891  10.160  6.799   1.00 18.19 ? 166  ASN A ND2 1 
ATOM   1324 N N   . LEU A 1 187 ? 16.371  8.309   11.115  1.00 12.60 ? 167  LEU A N   1 
ATOM   1325 C CA  . LEU A 1 187 ? 15.347  8.814   12.036  1.00 11.56 ? 167  LEU A CA  1 
ATOM   1326 C C   . LEU A 1 187 ? 15.427  10.327  12.222  1.00 10.60 ? 167  LEU A C   1 
ATOM   1327 O O   . LEU A 1 187 ? 14.715  10.884  13.054  1.00 10.39 ? 167  LEU A O   1 
ATOM   1328 C CB  . LEU A 1 187 ? 15.466  8.122   13.393  1.00 12.25 ? 167  LEU A CB  1 
ATOM   1329 C CG  . LEU A 1 187 ? 15.276  6.599   13.349  1.00 13.16 ? 167  LEU A CG  1 
ATOM   1330 C CD1 . LEU A 1 187 ? 15.548  5.963   14.696  1.00 17.03 ? 167  LEU A CD1 1 
ATOM   1331 C CD2 . LEU A 1 187 ? 13.869  6.236   12.850  1.00 18.31 ? 167  LEU A CD2 1 
ATOM   1332 N N   . GLU A 1 188 ? 16.237  11.003  11.408  1.00 10.91 ? 168  GLU A N   1 
ATOM   1333 C CA  . GLU A 1 188 ? 16.407  12.454  11.556  1.00 11.93 ? 168  GLU A CA  1 
ATOM   1334 C C   . GLU A 1 188 ? 15.061  13.162  11.363  1.00 10.70 ? 168  GLU A C   1 
ATOM   1335 O O   . GLU A 1 188 ? 14.320  12.870  10.402  1.00 11.37 ? 168  GLU A O   1 
ATOM   1336 C CB  . GLU A 1 188 ? 17.474  13.020  10.601  1.00 11.75 ? 168  GLU A CB  1 
ATOM   1337 C CG  . GLU A 1 188 ? 17.685  14.529  10.779  1.00 14.71 ? 168  GLU A CG  1 
ATOM   1338 C CD  . GLU A 1 188 ? 18.899  15.073  10.051  1.00 17.27 ? 168  GLU A CD  1 
ATOM   1339 O OE1 . GLU A 1 188 ? 20.011  14.561  10.314  1.00 24.60 ? 168  GLU A OE1 1 
ATOM   1340 O OE2 . GLU A 1 188 ? 18.729  16.042  9.283   1.00 22.02 ? 168  GLU A OE2 1 
ATOM   1341 N N   . GLY A 1 189 ? 14.753  14.124  12.221  1.00 9.83  ? 169  GLY A N   1 
ATOM   1342 C CA  . GLY A 1 189 ? 13.559  14.909  12.073  1.00 9.24  ? 169  GLY A CA  1 
ATOM   1343 C C   . GLY A 1 189 ? 12.314  14.259  12.668  1.00 9.06  ? 169  GLY A C   1 
ATOM   1344 O O   . GLY A 1 189 ? 11.240  14.860  12.688  1.00 9.73  ? 169  GLY A O   1 
ATOM   1345 N N   . THR A 1 190 ? 12.450  13.019  13.141  1.00 8.76  ? 170  THR A N   1 
ATOM   1346 C CA  . THR A 1 190 ? 11.315  12.335  13.781  1.00 9.29  ? 170  THR A CA  1 
ATOM   1347 C C   . THR A 1 190 ? 11.365  12.498  15.292  1.00 9.50  ? 170  THR A C   1 
ATOM   1348 O O   . THR A 1 190 ? 12.350  12.975  15.845  1.00 9.90  ? 170  THR A O   1 
ATOM   1349 C CB  . THR A 1 190 ? 11.329  10.819  13.503  1.00 8.84  ? 170  THR A CB  1 
ATOM   1350 O OG1 . THR A 1 190 ? 12.347  10.192  14.290  1.00 9.61  ? 170  THR A OG1 1 
ATOM   1351 C CG2 . THR A 1 190 ? 11.515  10.539  12.021  1.00 9.13  ? 170  THR A CG2 1 
ATOM   1352 N N   . ILE A 1 191 ? 10.299  12.074  15.957  1.00 8.80  ? 171  ILE A N   1 
ATOM   1353 C CA  . ILE A 1 191 ? 10.195  12.126  17.425  1.00 9.73  ? 171  ILE A CA  1 
ATOM   1354 C C   . ILE A 1 191 ? 11.308  11.273  18.081  1.00 10.09 ? 171  ILE A C   1 
ATOM   1355 O O   . ILE A 1 191 ? 11.566  11.414  19.291  1.00 10.29 ? 171  ILE A O   1 
ATOM   1356 C CB  . ILE A 1 191 ? 8.757   11.678  17.840  1.00 10.93 ? 171  ILE A CB  1 
ATOM   1357 C CG1 . ILE A 1 191 ? 8.410   12.031  19.306  1.00 12.26 ? 171  ILE A CG1 1 
ATOM   1358 C CG2 . ILE A 1 191 ? 8.547   10.190  17.564  1.00 11.80 ? 171  ILE A CG2 1 
ATOM   1359 C CD1 . ILE A 1 191 ? 8.238   13.521  19.532  1.00 12.93 ? 171  ILE A CD1 1 
ATOM   1360 N N   . LEU A 1 192 ? 11.950  10.402  17.305  1.00 9.35  ? 172  LEU A N   1 
ATOM   1361 C CA  . LEU A 1 192 ? 13.024  9.546   17.831  1.00 10.37 ? 172  LEU A CA  1 
ATOM   1362 C C   . LEU A 1 192 ? 14.426  10.109  17.674  1.00 11.22 ? 172  LEU A C   1 
ATOM   1363 O O   . LEU A 1 192 ? 15.361  9.566   18.279  1.00 12.18 ? 172  LEU A O   1 
ATOM   1364 C CB  . LEU A 1 192 ? 12.975  8.145   17.227  1.00 11.08 ? 172  LEU A CB  1 
ATOM   1365 C CG  . LEU A 1 192 ? 11.631  7.451   17.302  1.00 12.41 ? 172  LEU A CG  1 
ATOM   1366 C CD1 . LEU A 1 192 ? 11.811  6.111   16.549  1.00 14.75 ? 172  LEU A CD1 1 
ATOM   1367 C CD2 . LEU A 1 192 ? 11.130  7.228   18.753  1.00 16.91 ? 172  LEU A CD2 1 
ATOM   1368 N N   . GLU A 1 193 ? 14.583  11.187  16.896  1.00 10.09 ? 173  GLU A N   1 
ATOM   1369 C CA  . GLU A 1 193 ? 15.925  11.769  16.681  1.00 10.57 ? 173  GLU A CA  1 
ATOM   1370 C C   . GLU A 1 193 ? 16.600  12.074  18.035  1.00 11.68 ? 173  GLU A C   1 
ATOM   1371 O O   . GLU A 1 193 ? 15.993  12.675  18.906  1.00 11.33 ? 173  GLU A O   1 
ATOM   1372 C CB  . GLU A 1 193 ? 15.868  13.039  15.833  1.00 10.32 ? 173  GLU A CB  1 
ATOM   1373 C CG  . GLU A 1 193 ? 17.274  13.603  15.631  1.00 12.14 ? 173  GLU A CG  1 
ATOM   1374 C CD  . GLU A 1 193 ? 17.341  14.794  14.732  1.00 14.20 ? 173  GLU A CD  1 
ATOM   1375 O OE1 . GLU A 1 193 ? 16.279  15.268  14.238  1.00 11.06 ? 173  GLU A OE1 1 
ATOM   1376 O OE2 . GLU A 1 193 ? 18.478  15.282  14.535  1.00 13.67 ? 173  GLU A OE2 1 
ATOM   1377 N N   . GLY A 1 194 ? 17.853  11.649  18.189  1.00 12.11 ? 174  GLY A N   1 
ATOM   1378 C CA  . GLY A 1 194 ? 18.679  12.124  19.311  1.00 14.25 ? 174  GLY A CA  1 
ATOM   1379 C C   . GLY A 1 194 ? 18.447  11.347  20.580  1.00 16.26 ? 174  GLY A C   1 
ATOM   1380 O O   . GLY A 1 194 ? 19.141  11.574  21.584  1.00 17.38 ? 174  GLY A O   1 
ATOM   1381 N N   . GLY A 1 195 ? 17.473  10.438  20.551  1.00 17.53 ? 175  GLY A N   1 
ATOM   1382 C CA  . GLY A 1 195 ? 17.041  9.706   21.745  1.00 19.97 ? 175  GLY A CA  1 
ATOM   1383 C C   . GLY A 1 195 ? 17.851  8.462   22.024  1.00 22.15 ? 175  GLY A C   1 
ATOM   1384 O O   . GLY A 1 195 ? 18.897  8.263   21.422  1.00 23.74 ? 175  GLY A O   1 
HETATM 1385 O O1  . MES B 2 .   ? -3.310  -9.700  19.787  1.00 42.20 ? 1176 MES A O1  1 
HETATM 1386 C C2  . MES B 2 .   ? -2.448  -8.645  19.325  1.00 41.47 ? 1176 MES A C2  1 
HETATM 1387 C C3  . MES B 2 .   ? -2.083  -8.765  17.838  1.00 40.47 ? 1176 MES A C3  1 
HETATM 1388 N N4  . MES B 2 .   ? -2.934  -9.781  17.180  1.00 39.76 ? 1176 MES A N4  1 
HETATM 1389 C C5  . MES B 2 .   ? -2.807  -11.113 17.814  1.00 40.88 ? 1176 MES A C5  1 
HETATM 1390 C C6  . MES B 2 .   ? -2.817  -10.998 19.354  1.00 41.78 ? 1176 MES A C6  1 
HETATM 1391 C C7  . MES B 2 .   ? -2.578  -9.893  15.751  1.00 38.32 ? 1176 MES A C7  1 
HETATM 1392 C C8  . MES B 2 .   ? -3.069  -8.636  15.032  1.00 34.60 ? 1176 MES A C8  1 
HETATM 1393 S S   . MES B 2 .   ? -2.856  -8.642  13.214  1.00 34.99 ? 1176 MES A S   1 
HETATM 1394 O O1S . MES B 2 .   ? -1.463  -9.091  12.830  1.00 32.90 ? 1176 MES A O1S 1 
HETATM 1395 O O2S . MES B 2 .   ? -3.118  -7.235  12.733  1.00 28.58 ? 1176 MES A O2S 1 
HETATM 1396 O O3S . MES B 2 .   ? -3.895  -9.543  12.585  1.00 34.20 ? 1176 MES A O3S 1 
HETATM 1397 S S   . SO4 C 3 .   ? -3.702  11.153  16.354  1.00 33.96 ? 1177 SO4 A S   1 
HETATM 1398 O O1  . SO4 C 3 .   ? -5.051  10.579  16.223  1.00 35.69 ? 1177 SO4 A O1  1 
HETATM 1399 O O2  . SO4 C 3 .   ? -3.482  12.179  15.327  1.00 36.17 ? 1177 SO4 A O2  1 
HETATM 1400 O O3  . SO4 C 3 .   ? -3.566  11.759  17.677  1.00 35.06 ? 1177 SO4 A O3  1 
HETATM 1401 O O4  . SO4 C 3 .   ? -2.731  10.065  16.200  1.00 33.64 ? 1177 SO4 A O4  1 
HETATM 1402 O O   . HOH D 4 .   ? -20.724 3.655   -10.128 1.00 39.61 ? 2001 HOH A O   1 
HETATM 1403 O O   . HOH D 4 .   ? -18.694 3.808   -12.099 1.00 22.91 ? 2002 HOH A O   1 
HETATM 1404 O O   . HOH D 4 .   ? -8.954  -11.592 -15.378 1.00 20.19 ? 2003 HOH A O   1 
HETATM 1405 O O   . HOH D 4 .   ? -5.915  0.473   -21.504 1.00 30.60 ? 2004 HOH A O   1 
HETATM 1406 O O   . HOH D 4 .   ? -5.056  -3.972  -19.934 1.00 39.86 ? 2005 HOH A O   1 
HETATM 1407 O O   . HOH D 4 .   ? -11.624 -8.150  -20.834 1.00 32.25 ? 2006 HOH A O   1 
HETATM 1408 O O   . HOH D 4 .   ? -7.539  -2.461  -21.700 1.00 35.97 ? 2007 HOH A O   1 
HETATM 1409 O O   . HOH D 4 .   ? -9.558  -1.093  -22.454 1.00 31.00 ? 2008 HOH A O   1 
HETATM 1410 O O   . HOH D 4 .   ? -0.819  -15.795 -15.057 1.00 29.26 ? 2009 HOH A O   1 
HETATM 1411 O O   . HOH D 4 .   ? -5.400  4.217   -21.397 1.00 36.01 ? 2010 HOH A O   1 
HETATM 1412 O O   . HOH D 4 .   ? -0.646  4.604   -21.202 1.00 40.47 ? 2011 HOH A O   1 
HETATM 1413 O O   . HOH D 4 .   ? -15.737 6.798   -12.198 1.00 18.58 ? 2012 HOH A O   1 
HETATM 1414 O O   . HOH D 4 .   ? -7.350  4.511   -16.715 1.00 14.71 ? 2013 HOH A O   1 
HETATM 1415 O O   . HOH D 4 .   ? -9.198  3.214   -20.313 1.00 32.71 ? 2014 HOH A O   1 
HETATM 1416 O O   . HOH D 4 .   ? -7.365  6.514   -18.505 1.00 23.24 ? 2015 HOH A O   1 
HETATM 1417 O O   . HOH D 4 .   ? -9.828  6.280   -15.301 1.00 18.68 ? 2016 HOH A O   1 
HETATM 1418 O O   . HOH D 4 .   ? -17.085 2.496   -13.791 1.00 17.96 ? 2017 HOH A O   1 
HETATM 1419 O O   . HOH D 4 .   ? -22.149 -0.537  -17.132 1.00 33.48 ? 2018 HOH A O   1 
HETATM 1420 O O   . HOH D 4 .   ? -17.119 4.725   -6.785  1.00 27.45 ? 2019 HOH A O   1 
HETATM 1421 O O   . HOH D 4 .   ? -21.428 1.235   -9.452  1.00 22.19 ? 2020 HOH A O   1 
HETATM 1422 O O   . HOH D 4 .   ? -22.843 -2.306  -6.216  1.00 37.70 ? 2021 HOH A O   1 
HETATM 1423 O O   . HOH D 4 .   ? -15.176 -5.983  0.943   1.00 29.02 ? 2022 HOH A O   1 
HETATM 1424 O O   . HOH D 4 .   ? -21.355 -8.625  -13.374 1.00 32.09 ? 2023 HOH A O   1 
HETATM 1425 O O   . HOH D 4 .   ? -20.657 -10.657 -7.618  1.00 42.07 ? 2024 HOH A O   1 
HETATM 1426 O O   . HOH D 4 .   ? -20.866 -7.447  -6.462  1.00 26.26 ? 2025 HOH A O   1 
HETATM 1427 O O   . HOH D 4 .   ? -19.141 0.041   -3.463  1.00 30.92 ? 2026 HOH A O   1 
HETATM 1428 O O   . HOH D 4 .   ? -15.654 -13.352 -3.405  1.00 23.43 ? 2027 HOH A O   1 
HETATM 1429 O O   . HOH D 4 .   ? -17.263 -11.823 -9.935  1.00 27.22 ? 2028 HOH A O   1 
HETATM 1430 O O   . HOH D 4 .   ? -12.491 -13.408 -2.732  1.00 19.51 ? 2029 HOH A O   1 
HETATM 1431 O O   . HOH D 4 .   ? -7.434  -14.407 -13.272 1.00 34.12 ? 2030 HOH A O   1 
HETATM 1432 O O   . HOH D 4 .   ? -5.528  -12.310 2.177   1.00 25.22 ? 2031 HOH A O   1 
HETATM 1433 O O   . HOH D 4 .   ? 2.303   -15.513 -16.679 1.00 24.54 ? 2032 HOH A O   1 
HETATM 1434 O O   . HOH D 4 .   ? 0.985   0.449   -17.463 1.00 34.03 ? 2033 HOH A O   1 
HETATM 1435 O O   . HOH D 4 .   ? -6.744  2.390   -19.849 1.00 24.58 ? 2034 HOH A O   1 
HETATM 1436 O O   . HOH D 4 .   ? -4.492  -1.208  -20.026 1.00 18.46 ? 2035 HOH A O   1 
HETATM 1437 O O   . HOH D 4 .   ? -7.332  12.093  8.582   1.00 37.67 ? 2036 HOH A O   1 
HETATM 1438 O O   . HOH D 4 .   ? -6.397  10.846  12.160  1.00 22.94 ? 2037 HOH A O   1 
HETATM 1439 O O   . HOH D 4 .   ? -4.934  6.771   -19.586 1.00 21.03 ? 2038 HOH A O   1 
HETATM 1440 O O   . HOH D 4 .   ? -1.000  6.929   -19.586 1.00 25.46 ? 2039 HOH A O   1 
HETATM 1441 O O   . HOH D 4 .   ? -3.729  10.147  -18.552 1.00 15.14 ? 2040 HOH A O   1 
HETATM 1442 O O   . HOH D 4 .   ? -3.767  11.238  -15.880 1.00 14.55 ? 2041 HOH A O   1 
HETATM 1443 O O   . HOH D 4 .   ? -7.515  8.941   -17.160 1.00 17.07 ? 2042 HOH A O   1 
HETATM 1444 O O   . HOH D 4 .   ? -12.054 8.481   -13.632 1.00 14.16 ? 2043 HOH A O   1 
HETATM 1445 O O   . HOH D 4 .   ? -13.646 5.202   -13.179 1.00 16.98 ? 2044 HOH A O   1 
HETATM 1446 O O   . HOH D 4 .   ? -16.189 7.434   -5.149  1.00 18.07 ? 2045 HOH A O   1 
HETATM 1447 O O   . HOH D 4 .   ? -14.619 2.406   -12.613 1.00 15.53 ? 2046 HOH A O   1 
HETATM 1448 O O   . HOH D 4 .   ? -16.495 4.680   -10.279 1.00 23.39 ? 2047 HOH A O   1 
HETATM 1449 O O   . HOH D 4 .   ? -17.937 2.520   -2.985  1.00 24.46 ? 2048 HOH A O   1 
HETATM 1450 O O   . HOH D 4 .   ? -18.039 -3.679  -1.909  1.00 26.37 ? 2049 HOH A O   1 
HETATM 1451 O O   . HOH D 4 .   ? 1.248   -11.650 -11.219 1.00 10.61 ? 2050 HOH A O   1 
HETATM 1452 O O   . HOH D 4 .   ? 11.731  -7.359  11.731  1.00 32.95 ? 2051 HOH A O   1 
HETATM 1453 O O   . HOH D 4 .   ? 3.175   1.248   -14.311 1.00 26.56 ? 2052 HOH A O   1 
HETATM 1454 O O   . HOH D 4 .   ? 6.770   -1.341  -12.801 1.00 24.02 ? 2053 HOH A O   1 
HETATM 1455 O O   . HOH D 4 .   ? 7.317   -3.423  -16.000 1.00 27.80 ? 2054 HOH A O   1 
HETATM 1456 O O   . HOH D 4 .   ? 0.955   3.669   -18.017 1.00 27.09 ? 2055 HOH A O   1 
HETATM 1457 O O   . HOH D 4 .   ? 13.920  22.699  9.453   1.00 27.68 ? 2056 HOH A O   1 
HETATM 1458 O O   . HOH D 4 .   ? -1.916  10.335  -13.853 1.00 12.56 ? 2057 HOH A O   1 
HETATM 1459 O O   . HOH D 4 .   ? 6.942   7.821   20.337  1.00 22.78 ? 2058 HOH A O   1 
HETATM 1460 O O   . HOH D 4 .   ? 8.435   4.631   19.288  1.00 15.95 ? 2059 HOH A O   1 
HETATM 1461 O O   . HOH D 4 .   ? -3.641  11.503  -12.275 1.00 27.12 ? 2060 HOH A O   1 
HETATM 1462 O O   . HOH D 4 .   ? -5.662  14.800  -10.920 1.00 20.55 ? 2061 HOH A O   1 
HETATM 1463 O O   . HOH D 4 .   ? -7.697  10.780  -10.341 1.00 9.42  ? 2062 HOH A O   1 
HETATM 1464 O O   . HOH D 4 .   ? -14.879 4.437   -0.056  1.00 12.99 ? 2063 HOH A O   1 
HETATM 1465 O O   . HOH D 4 .   ? -14.698 4.887   7.719   1.00 21.10 ? 2064 HOH A O   1 
HETATM 1466 O O   . HOH D 4 .   ? -14.338 -3.829  -0.414  1.00 22.12 ? 2065 HOH A O   1 
HETATM 1467 O O   . HOH D 4 .   ? 13.073  8.286   22.208  1.00 23.73 ? 2066 HOH A O   1 
HETATM 1468 O O   . HOH D 4 .   ? 9.137   7.936   21.836  1.00 20.05 ? 2067 HOH A O   1 
HETATM 1469 O O   . HOH D 4 .   ? -10.805 -10.859 1.517   1.00 23.59 ? 2068 HOH A O   1 
HETATM 1470 O O   . HOH D 4 .   ? -14.013 -8.476  0.853   1.00 24.55 ? 2069 HOH A O   1 
HETATM 1471 O O   . HOH D 4 .   ? -2.297  -13.580 -4.596  1.00 18.07 ? 2070 HOH A O   1 
HETATM 1472 O O   . HOH D 4 .   ? -2.026  -12.210 -7.331  1.00 16.30 ? 2071 HOH A O   1 
HETATM 1473 O O   . HOH D 4 .   ? 7.906   -10.281 -4.730  1.00 9.85  ? 2072 HOH A O   1 
HETATM 1474 O O   . HOH D 4 .   ? 5.224   1.064   -12.386 1.00 37.31 ? 2073 HOH A O   1 
HETATM 1475 O O   . HOH D 4 .   ? 3.023   3.898   -14.249 1.00 26.21 ? 2074 HOH A O   1 
HETATM 1476 O O   . HOH D 4 .   ? -3.880  12.149  -4.898  1.00 18.60 ? 2075 HOH A O   1 
HETATM 1477 O O   . HOH D 4 .   ? -12.284 8.577   9.019   1.00 26.38 ? 2076 HOH A O   1 
HETATM 1478 O O   . HOH D 4 .   ? -8.271  -9.669  4.971   1.00 26.33 ? 2077 HOH A O   1 
HETATM 1479 O O   . HOH D 4 .   ? -5.075  -11.184 4.257   1.00 30.78 ? 2078 HOH A O   1 
HETATM 1480 O O   . HOH D 4 .   ? 10.470  -9.069  -5.001  1.00 12.89 ? 2079 HOH A O   1 
HETATM 1481 O O   . HOH D 4 .   ? 7.740   -10.317 -1.924  1.00 12.61 ? 2080 HOH A O   1 
HETATM 1482 O O   . HOH D 4 .   ? 11.807  -8.076  -2.854  1.00 16.35 ? 2081 HOH A O   1 
HETATM 1483 O O   . HOH D 4 .   ? 14.962  -3.074  -5.094  1.00 33.53 ? 2082 HOH A O   1 
HETATM 1484 O O   . HOH D 4 .   ? 12.252  0.019   -6.337  1.00 32.18 ? 2083 HOH A O   1 
HETATM 1485 O O   . HOH D 4 .   ? 10.021  1.606   -5.580  1.00 22.38 ? 2084 HOH A O   1 
HETATM 1486 O O   . HOH D 4 .   ? 6.191   12.754  -2.497  1.00 27.47 ? 2085 HOH A O   1 
HETATM 1487 O O   . HOH D 4 .   ? -1.561  12.810  -3.251  1.00 23.65 ? 2086 HOH A O   1 
HETATM 1488 O O   . HOH D 4 .   ? -6.858  8.642   10.814  1.00 17.73 ? 2087 HOH A O   1 
HETATM 1489 O O   . HOH D 4 .   ? -9.082  10.318  8.996   1.00 25.33 ? 2088 HOH A O   1 
HETATM 1490 O O   . HOH D 4 .   ? -9.718  -0.469  7.283   1.00 42.43 ? 2089 HOH A O   1 
HETATM 1491 O O   . HOH D 4 .   ? -8.420  7.411   14.088  1.00 26.68 ? 2090 HOH A O   1 
HETATM 1492 O O   . HOH D 4 .   ? -11.205 2.656   10.624  1.00 21.42 ? 2091 HOH A O   1 
HETATM 1493 O O   . HOH D 4 .   ? -6.421  0.462   10.248  1.00 22.34 ? 2092 HOH A O   1 
HETATM 1494 O O   . HOH D 4 .   ? -2.680  -11.027 7.369   1.00 30.95 ? 2093 HOH A O   1 
HETATM 1495 O O   . HOH D 4 .   ? 0.209   -14.058 6.671   1.00 38.91 ? 2094 HOH A O   1 
HETATM 1496 O O   . HOH D 4 .   ? 9.418   -8.655  1.048   1.00 22.07 ? 2095 HOH A O   1 
HETATM 1497 O O   . HOH D 4 .   ? 2.617   -11.736 1.076   1.00 23.53 ? 2096 HOH A O   1 
HETATM 1498 O O   . HOH D 4 .   ? 7.552   -10.768 5.516   1.00 32.77 ? 2097 HOH A O   1 
HETATM 1499 O O   . HOH D 4 .   ? 10.389  5.705   -7.042  1.00 36.36 ? 2098 HOH A O   1 
HETATM 1500 O O   . HOH D 4 .   ? 9.711   14.949  0.700   1.00 36.06 ? 2099 HOH A O   1 
HETATM 1501 O O   . HOH D 4 .   ? -0.167  11.799  0.633   1.00 23.57 ? 2100 HOH A O   1 
HETATM 1502 O O   . HOH D 4 .   ? -4.929  11.538  7.530   1.00 22.66 ? 2101 HOH A O   1 
HETATM 1503 O O   . HOH D 4 .   ? -7.344  2.395   11.951  1.00 31.97 ? 2102 HOH A O   1 
HETATM 1504 O O   . HOH D 4 .   ? -6.321  -3.250  12.492  1.00 19.13 ? 2103 HOH A O   1 
HETATM 1505 O O   . HOH D 4 .   ? 5.556   -9.207  5.962   1.00 24.00 ? 2104 HOH A O   1 
HETATM 1506 O O   . HOH D 4 .   ? 0.554   -9.024  14.745  1.00 31.28 ? 2105 HOH A O   1 
HETATM 1507 O O   . HOH D 4 .   ? 8.794   -8.607  8.032   1.00 25.30 ? 2106 HOH A O   1 
HETATM 1508 O O   . HOH D 4 .   ? 9.647   -10.315 4.184   1.00 24.29 ? 2107 HOH A O   1 
HETATM 1509 O O   . HOH D 4 .   ? 15.652  0.797   -1.557  1.00 45.49 ? 2108 HOH A O   1 
HETATM 1510 O O   . HOH D 4 .   ? 15.936  -4.666  -2.629  1.00 29.18 ? 2109 HOH A O   1 
HETATM 1511 O O   . HOH D 4 .   ? 18.471  -6.051  -0.531  1.00 36.87 ? 2110 HOH A O   1 
HETATM 1512 O O   . HOH D 4 .   ? 16.447  12.367  3.086   1.00 33.24 ? 2111 HOH A O   1 
HETATM 1513 O O   . HOH D 4 .   ? 11.443  15.723  3.594   1.00 30.68 ? 2112 HOH A O   1 
HETATM 1514 O O   . HOH D 4 .   ? 2.870   12.782  4.399   1.00 24.40 ? 2113 HOH A O   1 
HETATM 1515 O O   . HOH D 4 .   ? -2.488  12.485  10.623  1.00 23.30 ? 2114 HOH A O   1 
HETATM 1516 O O   . HOH D 4 .   ? -1.097  14.029  6.729   1.00 27.41 ? 2115 HOH A O   1 
HETATM 1517 O O   . HOH D 4 .   ? 2.175   13.578  13.867  1.00 9.51  ? 2116 HOH A O   1 
HETATM 1518 O O   . HOH D 4 .   ? -3.114  -2.214  15.803  1.00 13.33 ? 2117 HOH A O   1 
HETATM 1519 O O   . HOH D 4 .   ? 8.896   -8.522  10.699  1.00 35.23 ? 2118 HOH A O   1 
HETATM 1520 O O   . HOH D 4 .   ? 11.515  -9.148  7.457   1.00 23.71 ? 2119 HOH A O   1 
HETATM 1521 O O   . HOH D 4 .   ? 14.711  -8.813  5.827   1.00 24.57 ? 2120 HOH A O   1 
HETATM 1522 O O   . HOH D 4 .   ? 15.672  -8.076  9.070   1.00 32.68 ? 2121 HOH A O   1 
HETATM 1523 O O   . HOH D 4 .   ? 17.824  5.741   4.856   1.00 33.91 ? 2122 HOH A O   1 
HETATM 1524 O O   . HOH D 4 .   ? 12.708  20.529  10.387  1.00 18.82 ? 2123 HOH A O   1 
HETATM 1525 O O   . HOH D 4 .   ? 5.584   14.229  7.975   1.00 32.64 ? 2124 HOH A O   1 
HETATM 1526 O O   . HOH D 4 .   ? 6.692   6.381   17.843  1.00 15.99 ? 2125 HOH A O   1 
HETATM 1527 O O   . HOH D 4 .   ? -0.165  11.324  16.516  1.00 12.81 ? 2126 HOH A O   1 
HETATM 1528 O O   . HOH D 4 .   ? 8.086   11.969  14.053  1.00 8.09  ? 2127 HOH A O   1 
HETATM 1529 O O   . HOH D 4 .   ? -4.422  11.790  21.954  1.00 17.81 ? 2128 HOH A O   1 
HETATM 1530 O O   . HOH D 4 .   ? -0.374  3.629   17.455  1.00 11.63 ? 2129 HOH A O   1 
HETATM 1531 O O   . HOH D 4 .   ? 4.760   9.401   20.365  1.00 11.11 ? 2130 HOH A O   1 
HETATM 1532 O O   . HOH D 4 .   ? 3.189   5.387   20.767  1.00 21.99 ? 2131 HOH A O   1 
HETATM 1533 O O   . HOH D 4 .   ? 6.785   2.519   19.983  1.00 9.48  ? 2132 HOH A O   1 
HETATM 1534 O O   . HOH D 4 .   ? 11.193  0.413   18.976  1.00 33.03 ? 2133 HOH A O   1 
HETATM 1535 O O   . HOH D 4 .   ? 10.986  -2.698  21.053  1.00 27.90 ? 2134 HOH A O   1 
HETATM 1536 O O   . HOH D 4 .   ? 10.882  -8.177  17.534  1.00 28.78 ? 2135 HOH A O   1 
HETATM 1537 O O   . HOH D 4 .   ? 11.763  -7.260  14.222  1.00 40.55 ? 2136 HOH A O   1 
HETATM 1538 O O   . HOH D 4 .   ? 18.774  -5.710  10.268  1.00 30.39 ? 2137 HOH A O   1 
HETATM 1539 O O   . HOH D 4 .   ? 15.992  -1.959  16.016  1.00 28.06 ? 2138 HOH A O   1 
HETATM 1540 O O   . HOH D 4 .   ? 18.127  3.725   13.504  1.00 41.39 ? 2139 HOH A O   1 
HETATM 1541 O O   . HOH D 4 .   ? 20.722  -3.078  8.197   1.00 27.60 ? 2140 HOH A O   1 
HETATM 1542 O O   . HOH D 4 .   ? 21.037  1.887   13.523  1.00 38.05 ? 2141 HOH A O   1 
HETATM 1543 O O   . HOH D 4 .   ? 19.043  8.537   12.395  1.00 25.41 ? 2142 HOH A O   1 
HETATM 1544 O O   . HOH D 4 .   ? 18.772  10.859  13.651  1.00 24.38 ? 2143 HOH A O   1 
HETATM 1545 O O   . HOH D 4 .   ? 16.447  17.375  8.845   1.00 30.12 ? 2144 HOH A O   1 
HETATM 1546 O O   . HOH D 4 .   ? 11.007  9.922   21.540  1.00 14.28 ? 2145 HOH A O   1 
HETATM 1547 O O   . HOH D 4 .   ? 20.137  13.070  13.202  1.00 31.90 ? 2146 HOH A O   1 
HETATM 1548 O O   . HOH D 4 .   ? 19.226  10.235  16.100  1.00 26.16 ? 2147 HOH A O   1 
HETATM 1549 O O   . HOH D 4 .   ? 21.075  9.802   23.173  1.00 32.77 ? 2148 HOH A O   1 
HETATM 1550 O O   . HOH D 4 .   ? -3.584  11.043  12.694  1.00 25.32 ? 2149 HOH A O   1 
HETATM 1551 O O   . HOH D 4 .   ? -2.612  13.848  18.086  1.00 27.15 ? 2150 HOH A O   1 
# 
loop_
_pdbx_poly_seq_scheme.asym_id 
_pdbx_poly_seq_scheme.entity_id 
_pdbx_poly_seq_scheme.seq_id 
_pdbx_poly_seq_scheme.mon_id 
_pdbx_poly_seq_scheme.ndb_seq_num 
_pdbx_poly_seq_scheme.pdb_seq_num 
_pdbx_poly_seq_scheme.auth_seq_num 
_pdbx_poly_seq_scheme.pdb_mon_id 
_pdbx_poly_seq_scheme.auth_mon_id 
_pdbx_poly_seq_scheme.pdb_strand_id 
_pdbx_poly_seq_scheme.pdb_ins_code 
_pdbx_poly_seq_scheme.hetero 
A 1 1   MET 1   -19 ?   ?   ?   A . n 
A 1 2   GLY 2   -18 ?   ?   ?   A . n 
A 1 3   SER 3   -17 ?   ?   ?   A . n 
A 1 4   SER 4   -16 ?   ?   ?   A . n 
A 1 5   HIS 5   -15 ?   ?   ?   A . n 
A 1 6   HIS 6   -14 ?   ?   ?   A . n 
A 1 7   HIS 7   -13 ?   ?   ?   A . n 
A 1 8   HIS 8   -12 ?   ?   ?   A . n 
A 1 9   HIS 9   -11 ?   ?   ?   A . n 
A 1 10  HIS 10  -10 ?   ?   ?   A . n 
A 1 11  SER 11  -9  ?   ?   ?   A . n 
A 1 12  SER 12  -8  ?   ?   ?   A . n 
A 1 13  GLY 13  -7  ?   ?   ?   A . n 
A 1 14  LEU 14  -6  ?   ?   ?   A . n 
A 1 15  VAL 15  -5  -5  VAL VAL A . n 
A 1 16  PRO 16  -4  -4  PRO PRO A . n 
A 1 17  ARG 17  -3  -3  ARG ARG A . n 
A 1 18  GLY 18  -2  -2  GLY GLY A . n 
A 1 19  SER 19  -1  -1  SER SER A . n 
A 1 20  HIS 20  0   0   HIS HIS A . n 
A 1 21  MET 21  1   1   MET MET A . n 
A 1 22  ASP 22  2   2   ASP ASP A . n 
A 1 23  VAL 23  3   3   VAL VAL A . n 
A 1 24  GLU 24  4   4   GLU GLU A . n 
A 1 25  LYS 25  5   5   LYS LYS A . n 
A 1 26  LEU 26  6   6   LEU LEU A . n 
A 1 27  ARG 27  7   7   ARG ARG A . n 
A 1 28  GLN 28  8   8   GLN GLN A . n 
A 1 29  LEU 29  9   9   LEU LEU A . n 
A 1 30  TYR 30  10  10  TYR TYR A . n 
A 1 31  ALA 31  11  11  ALA ALA A . n 
A 1 32  ALA 32  12  12  ALA ALA A . n 
A 1 33  GLY 33  13  13  GLY GLY A . n 
A 1 34  GLU 34  14  14  GLU GLU A . n 
A 1 35  ARG 35  15  15  ARG ARG A . n 
A 1 36  ASP 36  16  16  ASP ASP A . n 
A 1 37  PHE 37  17  17  PHE PHE A . n 
A 1 38  SER 38  18  18  SER SER A . n 
A 1 39  ILE 39  19  19  ILE ILE A . n 
A 1 40  VAL 40  20  20  VAL VAL A . n 
A 1 41  ASP 41  21  21  ASP ASP A . n 
A 1 42  LEU 42  22  22  LEU LEU A . n 
A 1 43  ARG 43  23  23  ARG ARG A . n 
A 1 44  GLY 44  24  24  GLY GLY A . n 
A 1 45  ALA 45  25  25  ALA ALA A . n 
A 1 46  VAL 46  26  26  VAL VAL A . n 
A 1 47  LEU 47  27  27  LEU LEU A . n 
A 1 48  GLU 48  28  28  GLU GLU A . n 
A 1 49  ASN 49  29  29  ASN ASN A . n 
A 1 50  ILE 50  30  30  ILE ILE A . n 
A 1 51  ASN 51  31  31  ASN ASN A . n 
A 1 52  LEU 52  32  32  LEU LEU A . n 
A 1 53  SER 53  33  33  SER SER A . n 
A 1 54  GLY 54  34  34  GLY GLY A . n 
A 1 55  ALA 55  35  35  ALA ALA A . n 
A 1 56  ILE 56  36  36  ILE ILE A . n 
A 1 57  LEU 57  37  37  LEU LEU A . n 
A 1 58  HIS 58  38  38  HIS HIS A . n 
A 1 59  GLY 59  39  39  GLY GLY A . n 
A 1 60  ALA 60  40  40  ALA ALA A . n 
A 1 61  MET 61  41  41  MET MET A . n 
A 1 62  LEU 62  42  42  LEU LEU A . n 
A 1 63  ASP 63  43  43  ASP ASP A . n 
A 1 64  GLU 64  44  44  GLU GLU A . n 
A 1 65  ALA 65  45  45  ALA ALA A . n 
A 1 66  ASN 66  46  46  ASN ASN A . n 
A 1 67  LEU 67  47  47  LEU LEU A . n 
A 1 68  GLN 68  48  48  GLN GLN A . n 
A 1 69  GLN 69  49  49  GLN GLN A . n 
A 1 70  ALA 70  50  50  ALA ALA A . n 
A 1 71  ASN 71  51  51  ASN ASN A . n 
A 1 72  LEU 72  52  52  LEU LEU A . n 
A 1 73  SER 73  53  53  SER SER A . n 
A 1 74  ARG 74  54  54  ARG ARG A . n 
A 1 75  ALA 75  55  55  ALA ALA A . n 
A 1 76  ASP 76  56  56  ASP ASP A . n 
A 1 77  LEU 77  57  57  LEU LEU A . n 
A 1 78  SER 78  58  58  SER SER A . n 
A 1 79  GLY 79  59  59  GLY GLY A . n 
A 1 80  ALA 80  60  60  ALA ALA A . n 
A 1 81  THR 81  61  61  THR THR A . n 
A 1 82  LEU 82  62  62  LEU LEU A . n 
A 1 83  ASN 83  63  63  ASN ASN A . n 
A 1 84  GLY 84  64  64  GLY GLY A . n 
A 1 85  ALA 85  65  65  ALA ALA A . n 
A 1 86  ASP 86  66  66  ASP ASP A . n 
A 1 87  LEU 87  67  67  LEU LEU A . n 
A 1 88  ARG 88  68  68  ARG ARG A . n 
A 1 89  GLY 89  69  69  GLY GLY A . n 
A 1 90  ALA 90  70  70  ALA ALA A . n 
A 1 91  ASN 91  71  71  ASN ASN A . n 
A 1 92  LEU 92  72  72  LEU LEU A . n 
A 1 93  SER 93  73  73  SER SER A . n 
A 1 94  LYS 94  74  74  LYS LYS A . n 
A 1 95  ALA 95  75  75  ALA ALA A . n 
A 1 96  ASP 96  76  76  ASP ASP A . n 
A 1 97  LEU 97  77  77  LEU LEU A . n 
A 1 98  SER 98  78  78  SER SER A . n 
A 1 99  ASP 99  79  79  ASP ASP A . n 
A 1 100 ALA 100 80  80  ALA ALA A . n 
A 1 101 ILE 101 81  81  ILE ILE A . n 
A 1 102 LEU 102 82  82  LEU LEU A . n 
A 1 103 ASP 103 83  83  ASP ASP A . n 
A 1 104 ASN 104 84  84  ASN ASN A . n 
A 1 105 ALA 105 85  85  ALA ALA A . n 
A 1 106 ILE 106 86  86  ILE ILE A . n 
A 1 107 LEU 107 87  87  LEU LEU A . n 
A 1 108 GLU 108 88  88  GLU GLU A . n 
A 1 109 GLY 109 89  89  GLY GLY A . n 
A 1 110 ALA 110 90  90  ALA ALA A . n 
A 1 111 ILE 111 91  91  ILE ILE A . n 
A 1 112 LEU 112 92  92  LEU LEU A . n 
A 1 113 ASP 113 93  93  ASP ASP A . n 
A 1 114 GLU 114 94  94  GLU GLU A . n 
A 1 115 ALA 115 95  95  ALA ALA A . n 
A 1 116 VAL 116 96  96  VAL VAL A . n 
A 1 117 LEU 117 97  97  LEU LEU A . n 
A 1 118 ASN 118 98  98  ASN ASN A . n 
A 1 119 GLN 119 99  99  GLN GLN A . n 
A 1 120 ALA 120 100 100 ALA ALA A . n 
A 1 121 ASN 121 101 101 ASN ASN A . n 
A 1 122 LEU 122 102 102 LEU LEU A . n 
A 1 123 LYS 123 103 103 LYS LYS A . n 
A 1 124 ALA 124 104 104 ALA ALA A . n 
A 1 125 ALA 125 105 105 ALA ALA A . n 
A 1 126 ASN 126 106 106 ASN ASN A . n 
A 1 127 LEU 127 107 107 LEU LEU A . n 
A 1 128 GLU 128 108 108 GLU GLU A . n 
A 1 129 GLN 129 109 109 GLN GLN A . n 
A 1 130 ALA 130 110 110 ALA ALA A . n 
A 1 131 ILE 131 111 111 ILE ILE A . n 
A 1 132 LEU 132 112 112 LEU LEU A . n 
A 1 133 SER 133 113 113 SER SER A . n 
A 1 134 HIS 134 114 114 HIS HIS A . n 
A 1 135 ALA 135 115 115 ALA ALA A . n 
A 1 136 ASN 136 116 116 ASN ASN A . n 
A 1 137 ILE 137 117 117 ILE ILE A . n 
A 1 138 ARG 138 118 118 ARG ARG A . n 
A 1 139 GLU 139 119 119 GLU GLU A . n 
A 1 140 ALA 140 120 120 ALA ALA A . n 
A 1 141 ASP 141 121 121 ASP ASP A . n 
A 1 142 LEU 142 122 122 LEU LEU A . n 
A 1 143 SER 143 123 123 SER SER A . n 
A 1 144 GLU 144 124 124 GLU GLU A . n 
A 1 145 ALA 145 125 125 ALA ALA A . n 
A 1 146 ASN 146 126 126 ASN ASN A . n 
A 1 147 LEU 147 127 127 LEU LEU A . n 
A 1 148 GLU 148 128 128 GLU GLU A . n 
A 1 149 ALA 149 129 129 ALA ALA A . n 
A 1 150 ALA 150 130 130 ALA ALA A . n 
A 1 151 ASP 151 131 131 ASP ASP A . n 
A 1 152 LEU 152 132 132 LEU LEU A . n 
A 1 153 SER 153 133 133 SER SER A . n 
A 1 154 GLY 154 134 134 GLY GLY A . n 
A 1 155 ALA 155 135 135 ALA ALA A . n 
A 1 156 ASP 156 136 136 ASP ASP A . n 
A 1 157 LEU 157 137 137 LEU LEU A . n 
A 1 158 ALA 158 138 138 ALA ALA A . n 
A 1 159 ILE 159 139 139 ILE ILE A . n 
A 1 160 ALA 160 140 140 ALA ALA A . n 
A 1 161 ASP 161 141 141 ASP ASP A . n 
A 1 162 LEU 162 142 142 LEU LEU A . n 
A 1 163 HIS 163 143 143 HIS HIS A . n 
A 1 164 GLN 164 144 144 GLN GLN A . n 
A 1 165 ALA 165 145 145 ALA ALA A . n 
A 1 166 ASN 166 146 146 ASN ASN A . n 
A 1 167 LEU 167 147 147 LEU LEU A . n 
A 1 168 HIS 168 148 148 HIS HIS A . n 
A 1 169 GLN 169 149 149 GLN GLN A . n 
A 1 170 ALA 170 150 150 ALA ALA A . n 
A 1 171 ALA 171 151 151 ALA ALA A . n 
A 1 172 LEU 172 152 152 LEU LEU A . n 
A 1 173 GLU 173 153 153 GLU GLU A . n 
A 1 174 ARG 174 154 154 ARG ARG A . n 
A 1 175 ALA 175 155 155 ALA ALA A . n 
A 1 176 ASN 176 156 156 ASN ASN A . n 
A 1 177 LEU 177 157 157 LEU LEU A . n 
A 1 178 THR 178 158 158 THR THR A . n 
A 1 179 GLY 179 159 159 GLY GLY A . n 
A 1 180 ALA 180 160 160 ALA ALA A . n 
A 1 181 ASN 181 161 161 ASN ASN A . n 
A 1 182 LEU 182 162 162 LEU LEU A . n 
A 1 183 GLU 183 163 163 GLU GLU A . n 
A 1 184 ASP 184 164 164 ASP ASP A . n 
A 1 185 ALA 185 165 165 ALA ALA A . n 
A 1 186 ASN 186 166 166 ASN ASN A . n 
A 1 187 LEU 187 167 167 LEU LEU A . n 
A 1 188 GLU 188 168 168 GLU GLU A . n 
A 1 189 GLY 189 169 169 GLY GLY A . n 
A 1 190 THR 190 170 170 THR THR A . n 
A 1 191 ILE 191 171 171 ILE ILE A . n 
A 1 192 LEU 192 172 172 LEU LEU A . n 
A 1 193 GLU 193 173 173 GLU GLU A . n 
A 1 194 GLY 194 174 174 GLY GLY A . n 
A 1 195 GLY 195 175 175 GLY GLY A . n 
A 1 196 ASN 196 176 ?   ?   ?   A . n 
A 1 197 ASN 197 177 ?   ?   ?   A . n 
A 1 198 ASN 198 178 ?   ?   ?   A . n 
A 1 199 LEU 199 179 ?   ?   ?   A . n 
A 1 200 ALA 200 180 ?   ?   ?   A . n 
A 1 201 THR 201 181 ?   ?   ?   A . n 
# 
loop_
_pdbx_nonpoly_scheme.asym_id 
_pdbx_nonpoly_scheme.entity_id 
_pdbx_nonpoly_scheme.mon_id 
_pdbx_nonpoly_scheme.ndb_seq_num 
_pdbx_nonpoly_scheme.pdb_seq_num 
_pdbx_nonpoly_scheme.auth_seq_num 
_pdbx_nonpoly_scheme.pdb_mon_id 
_pdbx_nonpoly_scheme.auth_mon_id 
_pdbx_nonpoly_scheme.pdb_strand_id 
_pdbx_nonpoly_scheme.pdb_ins_code 
B 2 MES 1   1176 1176 MES MES A . 
C 3 SO4 1   1177 1177 SO4 SO4 A . 
D 4 HOH 1   2001 2001 HOH HOH A . 
D 4 HOH 2   2002 2002 HOH HOH A . 
D 4 HOH 3   2003 2003 HOH HOH A . 
D 4 HOH 4   2004 2004 HOH HOH A . 
D 4 HOH 5   2005 2005 HOH HOH A . 
D 4 HOH 6   2006 2006 HOH HOH A . 
D 4 HOH 7   2007 2007 HOH HOH A . 
D 4 HOH 8   2008 2008 HOH HOH A . 
D 4 HOH 9   2009 2009 HOH HOH A . 
D 4 HOH 10  2010 2010 HOH HOH A . 
D 4 HOH 11  2011 2011 HOH HOH A . 
D 4 HOH 12  2012 2012 HOH HOH A . 
D 4 HOH 13  2013 2013 HOH HOH A . 
D 4 HOH 14  2014 2014 HOH HOH A . 
D 4 HOH 15  2015 2015 HOH HOH A . 
D 4 HOH 16  2016 2016 HOH HOH A . 
D 4 HOH 17  2017 2017 HOH HOH A . 
D 4 HOH 18  2018 2018 HOH HOH A . 
D 4 HOH 19  2019 2019 HOH HOH A . 
D 4 HOH 20  2020 2020 HOH HOH A . 
D 4 HOH 21  2021 2021 HOH HOH A . 
D 4 HOH 22  2022 2022 HOH HOH A . 
D 4 HOH 23  2023 2023 HOH HOH A . 
D 4 HOH 24  2024 2024 HOH HOH A . 
D 4 HOH 25  2025 2025 HOH HOH A . 
D 4 HOH 26  2026 2026 HOH HOH A . 
D 4 HOH 27  2027 2027 HOH HOH A . 
D 4 HOH 28  2028 2028 HOH HOH A . 
D 4 HOH 29  2029 2029 HOH HOH A . 
D 4 HOH 30  2030 2030 HOH HOH A . 
D 4 HOH 31  2031 2031 HOH HOH A . 
D 4 HOH 32  2032 2032 HOH HOH A . 
D 4 HOH 33  2033 2033 HOH HOH A . 
D 4 HOH 34  2034 2034 HOH HOH A . 
D 4 HOH 35  2035 2035 HOH HOH A . 
D 4 HOH 36  2036 2036 HOH HOH A . 
D 4 HOH 37  2037 2037 HOH HOH A . 
D 4 HOH 38  2038 2038 HOH HOH A . 
D 4 HOH 39  2039 2039 HOH HOH A . 
D 4 HOH 40  2040 2040 HOH HOH A . 
D 4 HOH 41  2041 2041 HOH HOH A . 
D 4 HOH 42  2042 2042 HOH HOH A . 
D 4 HOH 43  2043 2043 HOH HOH A . 
D 4 HOH 44  2044 2044 HOH HOH A . 
D 4 HOH 45  2045 2045 HOH HOH A . 
D 4 HOH 46  2046 2046 HOH HOH A . 
D 4 HOH 47  2047 2047 HOH HOH A . 
D 4 HOH 48  2048 2048 HOH HOH A . 
D 4 HOH 49  2049 2049 HOH HOH A . 
D 4 HOH 50  2050 2050 HOH HOH A . 
D 4 HOH 51  2051 2051 HOH HOH A . 
D 4 HOH 52  2052 2052 HOH HOH A . 
D 4 HOH 53  2053 2053 HOH HOH A . 
D 4 HOH 54  2054 2054 HOH HOH A . 
D 4 HOH 55  2055 2055 HOH HOH A . 
D 4 HOH 56  2056 2056 HOH HOH A . 
D 4 HOH 57  2057 2057 HOH HOH A . 
D 4 HOH 58  2058 2058 HOH HOH A . 
D 4 HOH 59  2059 2059 HOH HOH A . 
D 4 HOH 60  2060 2060 HOH HOH A . 
D 4 HOH 61  2061 2061 HOH HOH A . 
D 4 HOH 62  2062 2062 HOH HOH A . 
D 4 HOH 63  2063 2063 HOH HOH A . 
D 4 HOH 64  2064 2064 HOH HOH A . 
D 4 HOH 65  2065 2065 HOH HOH A . 
D 4 HOH 66  2066 2066 HOH HOH A . 
D 4 HOH 67  2067 2067 HOH HOH A . 
D 4 HOH 68  2068 2068 HOH HOH A . 
D 4 HOH 69  2069 2069 HOH HOH A . 
D 4 HOH 70  2070 2070 HOH HOH A . 
D 4 HOH 71  2071 2071 HOH HOH A . 
D 4 HOH 72  2072 2072 HOH HOH A . 
D 4 HOH 73  2073 2073 HOH HOH A . 
D 4 HOH 74  2074 2074 HOH HOH A . 
D 4 HOH 75  2075 2075 HOH HOH A . 
D 4 HOH 76  2076 2076 HOH HOH A . 
D 4 HOH 77  2077 2077 HOH HOH A . 
D 4 HOH 78  2078 2078 HOH HOH A . 
D 4 HOH 79  2079 2079 HOH HOH A . 
D 4 HOH 80  2080 2080 HOH HOH A . 
D 4 HOH 81  2081 2081 HOH HOH A . 
D 4 HOH 82  2082 2082 HOH HOH A . 
D 4 HOH 83  2083 2083 HOH HOH A . 
D 4 HOH 84  2084 2084 HOH HOH A . 
D 4 HOH 85  2085 2085 HOH HOH A . 
D 4 HOH 86  2086 2086 HOH HOH A . 
D 4 HOH 87  2087 2087 HOH HOH A . 
D 4 HOH 88  2088 2088 HOH HOH A . 
D 4 HOH 89  2089 2089 HOH HOH A . 
D 4 HOH 90  2090 2090 HOH HOH A . 
D 4 HOH 91  2091 2091 HOH HOH A . 
D 4 HOH 92  2092 2092 HOH HOH A . 
D 4 HOH 93  2093 2093 HOH HOH A . 
D 4 HOH 94  2094 2094 HOH HOH A . 
D 4 HOH 95  2095 2095 HOH HOH A . 
D 4 HOH 96  2096 2096 HOH HOH A . 
D 4 HOH 97  2097 2097 HOH HOH A . 
D 4 HOH 98  2098 2098 HOH HOH A . 
D 4 HOH 99  2099 2099 HOH HOH A . 
D 4 HOH 100 2100 2100 HOH HOH A . 
D 4 HOH 101 2101 2101 HOH HOH A . 
D 4 HOH 102 2102 2102 HOH HOH A . 
D 4 HOH 103 2103 2103 HOH HOH A . 
D 4 HOH 104 2104 2104 HOH HOH A . 
D 4 HOH 105 2105 2105 HOH HOH A . 
D 4 HOH 106 2106 2106 HOH HOH A . 
D 4 HOH 107 2107 2107 HOH HOH A . 
D 4 HOH 108 2108 2108 HOH HOH A . 
D 4 HOH 109 2109 2109 HOH HOH A . 
D 4 HOH 110 2110 2110 HOH HOH A . 
D 4 HOH 111 2111 2111 HOH HOH A . 
D 4 HOH 112 2112 2112 HOH HOH A . 
D 4 HOH 113 2113 2113 HOH HOH A . 
D 4 HOH 114 2114 2114 HOH HOH A . 
D 4 HOH 115 2115 2115 HOH HOH A . 
D 4 HOH 116 2116 2116 HOH HOH A . 
D 4 HOH 117 2117 2117 HOH HOH A . 
D 4 HOH 118 2118 2118 HOH HOH A . 
D 4 HOH 119 2119 2119 HOH HOH A . 
D 4 HOH 120 2120 2120 HOH HOH A . 
D 4 HOH 121 2121 2121 HOH HOH A . 
D 4 HOH 122 2122 2122 HOH HOH A . 
D 4 HOH 123 2123 2123 HOH HOH A . 
D 4 HOH 124 2124 2124 HOH HOH A . 
D 4 HOH 125 2125 2125 HOH HOH A . 
D 4 HOH 126 2126 2126 HOH HOH A . 
D 4 HOH 127 2127 2127 HOH HOH A . 
D 4 HOH 128 2128 2128 HOH HOH A . 
D 4 HOH 129 2129 2129 HOH HOH A . 
D 4 HOH 130 2130 2130 HOH HOH A . 
D 4 HOH 131 2131 2131 HOH HOH A . 
D 4 HOH 132 2132 2132 HOH HOH A . 
D 4 HOH 133 2133 2133 HOH HOH A . 
D 4 HOH 134 2134 2134 HOH HOH A . 
D 4 HOH 135 2135 2135 HOH HOH A . 
D 4 HOH 136 2136 2136 HOH HOH A . 
D 4 HOH 137 2137 2137 HOH HOH A . 
D 4 HOH 138 2138 2138 HOH HOH A . 
D 4 HOH 139 2139 2139 HOH HOH A . 
D 4 HOH 140 2140 2140 HOH HOH A . 
D 4 HOH 141 2141 2141 HOH HOH A . 
D 4 HOH 142 2142 2142 HOH HOH A . 
D 4 HOH 143 2143 2143 HOH HOH A . 
D 4 HOH 144 2144 2144 HOH HOH A . 
D 4 HOH 145 2145 2145 HOH HOH A . 
D 4 HOH 146 2146 2146 HOH HOH A . 
D 4 HOH 147 2147 2147 HOH HOH A . 
D 4 HOH 148 2148 2148 HOH HOH A . 
D 4 HOH 149 2149 2149 HOH HOH A . 
D 4 HOH 150 2150 2150 HOH HOH A . 
# 
_pdbx_struct_assembly.id                   1 
_pdbx_struct_assembly.details              author_and_software_defined_assembly 
_pdbx_struct_assembly.method_details       PQS 
_pdbx_struct_assembly.oligomeric_details   monomeric 
_pdbx_struct_assembly.oligomeric_count     1 
# 
_pdbx_struct_assembly_gen.assembly_id       1 
_pdbx_struct_assembly_gen.oper_expression   1 
_pdbx_struct_assembly_gen.asym_id_list      A,B,C,D 
# 
_pdbx_struct_oper_list.id                   1 
_pdbx_struct_oper_list.type                 'identity operation' 
_pdbx_struct_oper_list.name                 1_555 
_pdbx_struct_oper_list.symmetry_operation   x,y,z 
_pdbx_struct_oper_list.matrix[1][1]         1.0000000000 
_pdbx_struct_oper_list.matrix[1][2]         0.0000000000 
_pdbx_struct_oper_list.matrix[1][3]         0.0000000000 
_pdbx_struct_oper_list.vector[1]            0.0000000000 
_pdbx_struct_oper_list.matrix[2][1]         0.0000000000 
_pdbx_struct_oper_list.matrix[2][2]         1.0000000000 
_pdbx_struct_oper_list.matrix[2][3]         0.0000000000 
_pdbx_struct_oper_list.vector[2]            0.0000000000 
_pdbx_struct_oper_list.matrix[3][1]         0.0000000000 
_pdbx_struct_oper_list.matrix[3][2]         0.0000000000 
_pdbx_struct_oper_list.matrix[3][3]         1.0000000000 
_pdbx_struct_oper_list.vector[3]            0.0000000000 
# 
loop_
_pdbx_audit_revision_history.ordinal 
_pdbx_audit_revision_history.data_content_type 
_pdbx_audit_revision_history.major_revision 
_pdbx_audit_revision_history.minor_revision 
_pdbx_audit_revision_history.revision_date 
1 'Structure model' 1 0 2006-12-07 
2 'Structure model' 1 1 2011-05-08 
3 'Structure model' 1 2 2011-07-13 
4 'Structure model' 1 3 2023-12-13 
# 
_pdbx_audit_revision_details.ordinal             1 
_pdbx_audit_revision_details.revision_ordinal    1 
_pdbx_audit_revision_details.data_content_type   'Structure model' 
_pdbx_audit_revision_details.provider            repository 
_pdbx_audit_revision_details.type                'Initial release' 
_pdbx_audit_revision_details.description         ? 
_pdbx_audit_revision_details.details             ? 
# 
loop_
_pdbx_audit_revision_group.ordinal 
_pdbx_audit_revision_group.revision_ordinal 
_pdbx_audit_revision_group.data_content_type 
_pdbx_audit_revision_group.group 
1 2 'Structure model' 'Version format compliance' 
2 3 'Structure model' 'Version format compliance' 
3 4 'Structure model' 'Data collection'           
4 4 'Structure model' 'Database references'       
5 4 'Structure model' Other                       
6 4 'Structure model' 'Refinement description'    
# 
loop_
_pdbx_audit_revision_category.ordinal 
_pdbx_audit_revision_category.revision_ordinal 
_pdbx_audit_revision_category.data_content_type 
_pdbx_audit_revision_category.category 
1 4 'Structure model' chem_comp_atom                
2 4 'Structure model' chem_comp_bond                
3 4 'Structure model' database_2                    
4 4 'Structure model' pdbx_database_status          
5 4 'Structure model' pdbx_initial_refinement_model 
# 
loop_
_pdbx_audit_revision_item.ordinal 
_pdbx_audit_revision_item.revision_ordinal 
_pdbx_audit_revision_item.data_content_type 
_pdbx_audit_revision_item.item 
1 4 'Structure model' '_database_2.pdbx_DOI'                 
2 4 'Structure model' '_database_2.pdbx_database_accession'  
3 4 'Structure model' '_pdbx_database_status.status_code_sf' 
# 
loop_
_software.name 
_software.classification 
_software.version 
_software.citation_id 
_software.pdbx_ordinal 
REFMAC refinement       5.2.0005 ? 1 
MOSFLM 'data reduction' .        ? 2 
CCP4   'data scaling'   .        ? 3 
MOLREP phasing          .        ? 4 
# 
_pdbx_entry_details.entry_id                 2J8K 
_pdbx_entry_details.compound_details         ? 
_pdbx_entry_details.source_details           ? 
_pdbx_entry_details.nonpolymer_details       ? 
_pdbx_entry_details.sequence_details         
;MUTATION OF STOP CODON OF NP275 TO ASN LEADS TO FUSION
WITH NP276, RESIDUES 1-98 ORIGINATE FROM NP275, RESIDUES
107-181 ORIGINATE FROM NP276. INTERVENING RESIDUES
ORIGINATE FROM PREVIOUSLY NON-CODING DNA SEQUENCE BETWEEN
NP275 AND NP276. INCLUDES N-TERMINAL RESIDUES ORIGINATING
FROM 20 RESIDUE HEXAHISTIDINE TAG.
;
_pdbx_entry_details.has_ligand_of_interest   ? 
# 
loop_
_pdbx_validate_torsion.id 
_pdbx_validate_torsion.PDB_model_num 
_pdbx_validate_torsion.auth_comp_id 
_pdbx_validate_torsion.auth_asym_id 
_pdbx_validate_torsion.auth_seq_id 
_pdbx_validate_torsion.PDB_ins_code 
_pdbx_validate_torsion.label_alt_id 
_pdbx_validate_torsion.phi 
_pdbx_validate_torsion.psi 
1 1 ILE A 19 ? ? 55.97 14.71 
2 1 ARG A 54 ? ? 59.94 16.51 
3 1 GLN A 99 ? B 58.93 12.45 
# 
loop_
_pdbx_unobs_or_zero_occ_residues.id 
_pdbx_unobs_or_zero_occ_residues.PDB_model_num 
_pdbx_unobs_or_zero_occ_residues.polymer_flag 
_pdbx_unobs_or_zero_occ_residues.occupancy_flag 
_pdbx_unobs_or_zero_occ_residues.auth_asym_id 
_pdbx_unobs_or_zero_occ_residues.auth_comp_id 
_pdbx_unobs_or_zero_occ_residues.auth_seq_id 
_pdbx_unobs_or_zero_occ_residues.PDB_ins_code 
_pdbx_unobs_or_zero_occ_residues.label_asym_id 
_pdbx_unobs_or_zero_occ_residues.label_comp_id 
_pdbx_unobs_or_zero_occ_residues.label_seq_id 
1  1 Y 1 A MET -19 ? A MET 1   
2  1 Y 1 A GLY -18 ? A GLY 2   
3  1 Y 1 A SER -17 ? A SER 3   
4  1 Y 1 A SER -16 ? A SER 4   
5  1 Y 1 A HIS -15 ? A HIS 5   
6  1 Y 1 A HIS -14 ? A HIS 6   
7  1 Y 1 A HIS -13 ? A HIS 7   
8  1 Y 1 A HIS -12 ? A HIS 8   
9  1 Y 1 A HIS -11 ? A HIS 9   
10 1 Y 1 A HIS -10 ? A HIS 10  
11 1 Y 1 A SER -9  ? A SER 11  
12 1 Y 1 A SER -8  ? A SER 12  
13 1 Y 1 A GLY -7  ? A GLY 13  
14 1 Y 1 A LEU -6  ? A LEU 14  
15 1 Y 1 A ASN 176 ? A ASN 196 
16 1 Y 1 A ASN 177 ? A ASN 197 
17 1 Y 1 A ASN 178 ? A ASN 198 
18 1 Y 1 A LEU 179 ? A LEU 199 
19 1 Y 1 A ALA 180 ? A ALA 200 
20 1 Y 1 A THR 181 ? A THR 201 
# 
loop_
_chem_comp_atom.comp_id 
_chem_comp_atom.atom_id 
_chem_comp_atom.type_symbol 
_chem_comp_atom.pdbx_aromatic_flag 
_chem_comp_atom.pdbx_stereo_config 
_chem_comp_atom.pdbx_ordinal 
ALA N    N N N 1   
ALA CA   C N S 2   
ALA C    C N N 3   
ALA O    O N N 4   
ALA CB   C N N 5   
ALA OXT  O N N 6   
ALA H    H N N 7   
ALA H2   H N N 8   
ALA HA   H N N 9   
ALA HB1  H N N 10  
ALA HB2  H N N 11  
ALA HB3  H N N 12  
ALA HXT  H N N 13  
ARG N    N N N 14  
ARG CA   C N S 15  
ARG C    C N N 16  
ARG O    O N N 17  
ARG CB   C N N 18  
ARG CG   C N N 19  
ARG CD   C N N 20  
ARG NE   N N N 21  
ARG CZ   C N N 22  
ARG NH1  N N N 23  
ARG NH2  N N N 24  
ARG OXT  O N N 25  
ARG H    H N N 26  
ARG H2   H N N 27  
ARG HA   H N N 28  
ARG HB2  H N N 29  
ARG HB3  H N N 30  
ARG HG2  H N N 31  
ARG HG3  H N N 32  
ARG HD2  H N N 33  
ARG HD3  H N N 34  
ARG HE   H N N 35  
ARG HH11 H N N 36  
ARG HH12 H N N 37  
ARG HH21 H N N 38  
ARG HH22 H N N 39  
ARG HXT  H N N 40  
ASN N    N N N 41  
ASN CA   C N S 42  
ASN C    C N N 43  
ASN O    O N N 44  
ASN CB   C N N 45  
ASN CG   C N N 46  
ASN OD1  O N N 47  
ASN ND2  N N N 48  
ASN OXT  O N N 49  
ASN H    H N N 50  
ASN H2   H N N 51  
ASN HA   H N N 52  
ASN HB2  H N N 53  
ASN HB3  H N N 54  
ASN HD21 H N N 55  
ASN HD22 H N N 56  
ASN HXT  H N N 57  
ASP N    N N N 58  
ASP CA   C N S 59  
ASP C    C N N 60  
ASP O    O N N 61  
ASP CB   C N N 62  
ASP CG   C N N 63  
ASP OD1  O N N 64  
ASP OD2  O N N 65  
ASP OXT  O N N 66  
ASP H    H N N 67  
ASP H2   H N N 68  
ASP HA   H N N 69  
ASP HB2  H N N 70  
ASP HB3  H N N 71  
ASP HD2  H N N 72  
ASP HXT  H N N 73  
GLN N    N N N 74  
GLN CA   C N S 75  
GLN C    C N N 76  
GLN O    O N N 77  
GLN CB   C N N 78  
GLN CG   C N N 79  
GLN CD   C N N 80  
GLN OE1  O N N 81  
GLN NE2  N N N 82  
GLN OXT  O N N 83  
GLN H    H N N 84  
GLN H2   H N N 85  
GLN HA   H N N 86  
GLN HB2  H N N 87  
GLN HB3  H N N 88  
GLN HG2  H N N 89  
GLN HG3  H N N 90  
GLN HE21 H N N 91  
GLN HE22 H N N 92  
GLN HXT  H N N 93  
GLU N    N N N 94  
GLU CA   C N S 95  
GLU C    C N N 96  
GLU O    O N N 97  
GLU CB   C N N 98  
GLU CG   C N N 99  
GLU CD   C N N 100 
GLU OE1  O N N 101 
GLU OE2  O N N 102 
GLU OXT  O N N 103 
GLU H    H N N 104 
GLU H2   H N N 105 
GLU HA   H N N 106 
GLU HB2  H N N 107 
GLU HB3  H N N 108 
GLU HG2  H N N 109 
GLU HG3  H N N 110 
GLU HE2  H N N 111 
GLU HXT  H N N 112 
GLY N    N N N 113 
GLY CA   C N N 114 
GLY C    C N N 115 
GLY O    O N N 116 
GLY OXT  O N N 117 
GLY H    H N N 118 
GLY H2   H N N 119 
GLY HA2  H N N 120 
GLY HA3  H N N 121 
GLY HXT  H N N 122 
HIS N    N N N 123 
HIS CA   C N S 124 
HIS C    C N N 125 
HIS O    O N N 126 
HIS CB   C N N 127 
HIS CG   C Y N 128 
HIS ND1  N Y N 129 
HIS CD2  C Y N 130 
HIS CE1  C Y N 131 
HIS NE2  N Y N 132 
HIS OXT  O N N 133 
HIS H    H N N 134 
HIS H2   H N N 135 
HIS HA   H N N 136 
HIS HB2  H N N 137 
HIS HB3  H N N 138 
HIS HD1  H N N 139 
HIS HD2  H N N 140 
HIS HE1  H N N 141 
HIS HE2  H N N 142 
HIS HXT  H N N 143 
HOH O    O N N 144 
HOH H1   H N N 145 
HOH H2   H N N 146 
ILE N    N N N 147 
ILE CA   C N S 148 
ILE C    C N N 149 
ILE O    O N N 150 
ILE CB   C N S 151 
ILE CG1  C N N 152 
ILE CG2  C N N 153 
ILE CD1  C N N 154 
ILE OXT  O N N 155 
ILE H    H N N 156 
ILE H2   H N N 157 
ILE HA   H N N 158 
ILE HB   H N N 159 
ILE HG12 H N N 160 
ILE HG13 H N N 161 
ILE HG21 H N N 162 
ILE HG22 H N N 163 
ILE HG23 H N N 164 
ILE HD11 H N N 165 
ILE HD12 H N N 166 
ILE HD13 H N N 167 
ILE HXT  H N N 168 
LEU N    N N N 169 
LEU CA   C N S 170 
LEU C    C N N 171 
LEU O    O N N 172 
LEU CB   C N N 173 
LEU CG   C N N 174 
LEU CD1  C N N 175 
LEU CD2  C N N 176 
LEU OXT  O N N 177 
LEU H    H N N 178 
LEU H2   H N N 179 
LEU HA   H N N 180 
LEU HB2  H N N 181 
LEU HB3  H N N 182 
LEU HG   H N N 183 
LEU HD11 H N N 184 
LEU HD12 H N N 185 
LEU HD13 H N N 186 
LEU HD21 H N N 187 
LEU HD22 H N N 188 
LEU HD23 H N N 189 
LEU HXT  H N N 190 
LYS N    N N N 191 
LYS CA   C N S 192 
LYS C    C N N 193 
LYS O    O N N 194 
LYS CB   C N N 195 
LYS CG   C N N 196 
LYS CD   C N N 197 
LYS CE   C N N 198 
LYS NZ   N N N 199 
LYS OXT  O N N 200 
LYS H    H N N 201 
LYS H2   H N N 202 
LYS HA   H N N 203 
LYS HB2  H N N 204 
LYS HB3  H N N 205 
LYS HG2  H N N 206 
LYS HG3  H N N 207 
LYS HD2  H N N 208 
LYS HD3  H N N 209 
LYS HE2  H N N 210 
LYS HE3  H N N 211 
LYS HZ1  H N N 212 
LYS HZ2  H N N 213 
LYS HZ3  H N N 214 
LYS HXT  H N N 215 
MES O1   O N N 216 
MES C2   C N N 217 
MES C3   C N N 218 
MES N4   N N N 219 
MES C5   C N N 220 
MES C6   C N N 221 
MES C7   C N N 222 
MES C8   C N N 223 
MES S    S N N 224 
MES O1S  O N N 225 
MES O2S  O N N 226 
MES O3S  O N N 227 
MES H21  H N N 228 
MES H22  H N N 229 
MES H31  H N N 230 
MES H32  H N N 231 
MES HN4  H N N 232 
MES H51  H N N 233 
MES H52  H N N 234 
MES H61  H N N 235 
MES H62  H N N 236 
MES H71  H N N 237 
MES H72  H N N 238 
MES H81  H N N 239 
MES H82  H N N 240 
MET N    N N N 241 
MET CA   C N S 242 
MET C    C N N 243 
MET O    O N N 244 
MET CB   C N N 245 
MET CG   C N N 246 
MET SD   S N N 247 
MET CE   C N N 248 
MET OXT  O N N 249 
MET H    H N N 250 
MET H2   H N N 251 
MET HA   H N N 252 
MET HB2  H N N 253 
MET HB3  H N N 254 
MET HG2  H N N 255 
MET HG3  H N N 256 
MET HE1  H N N 257 
MET HE2  H N N 258 
MET HE3  H N N 259 
MET HXT  H N N 260 
PHE N    N N N 261 
PHE CA   C N S 262 
PHE C    C N N 263 
PHE O    O N N 264 
PHE CB   C N N 265 
PHE CG   C Y N 266 
PHE CD1  C Y N 267 
PHE CD2  C Y N 268 
PHE CE1  C Y N 269 
PHE CE2  C Y N 270 
PHE CZ   C Y N 271 
PHE OXT  O N N 272 
PHE H    H N N 273 
PHE H2   H N N 274 
PHE HA   H N N 275 
PHE HB2  H N N 276 
PHE HB3  H N N 277 
PHE HD1  H N N 278 
PHE HD2  H N N 279 
PHE HE1  H N N 280 
PHE HE2  H N N 281 
PHE HZ   H N N 282 
PHE HXT  H N N 283 
PRO N    N N N 284 
PRO CA   C N S 285 
PRO C    C N N 286 
PRO O    O N N 287 
PRO CB   C N N 288 
PRO CG   C N N 289 
PRO CD   C N N 290 
PRO OXT  O N N 291 
PRO H    H N N 292 
PRO HA   H N N 293 
PRO HB2  H N N 294 
PRO HB3  H N N 295 
PRO HG2  H N N 296 
PRO HG3  H N N 297 
PRO HD2  H N N 298 
PRO HD3  H N N 299 
PRO HXT  H N N 300 
SER N    N N N 301 
SER CA   C N S 302 
SER C    C N N 303 
SER O    O N N 304 
SER CB   C N N 305 
SER OG   O N N 306 
SER OXT  O N N 307 
SER H    H N N 308 
SER H2   H N N 309 
SER HA   H N N 310 
SER HB2  H N N 311 
SER HB3  H N N 312 
SER HG   H N N 313 
SER HXT  H N N 314 
SO4 S    S N N 315 
SO4 O1   O N N 316 
SO4 O2   O N N 317 
SO4 O3   O N N 318 
SO4 O4   O N N 319 
THR N    N N N 320 
THR CA   C N S 321 
THR C    C N N 322 
THR O    O N N 323 
THR CB   C N R 324 
THR OG1  O N N 325 
THR CG2  C N N 326 
THR OXT  O N N 327 
THR H    H N N 328 
THR H2   H N N 329 
THR HA   H N N 330 
THR HB   H N N 331 
THR HG1  H N N 332 
THR HG21 H N N 333 
THR HG22 H N N 334 
THR HG23 H N N 335 
THR HXT  H N N 336 
TYR N    N N N 337 
TYR CA   C N S 338 
TYR C    C N N 339 
TYR O    O N N 340 
TYR CB   C N N 341 
TYR CG   C Y N 342 
TYR CD1  C Y N 343 
TYR CD2  C Y N 344 
TYR CE1  C Y N 345 
TYR CE2  C Y N 346 
TYR CZ   C Y N 347 
TYR OH   O N N 348 
TYR OXT  O N N 349 
TYR H    H N N 350 
TYR H2   H N N 351 
TYR HA   H N N 352 
TYR HB2  H N N 353 
TYR HB3  H N N 354 
TYR HD1  H N N 355 
TYR HD2  H N N 356 
TYR HE1  H N N 357 
TYR HE2  H N N 358 
TYR HH   H N N 359 
TYR HXT  H N N 360 
VAL N    N N N 361 
VAL CA   C N S 362 
VAL C    C N N 363 
VAL O    O N N 364 
VAL CB   C N N 365 
VAL CG1  C N N 366 
VAL CG2  C N N 367 
VAL OXT  O N N 368 
VAL H    H N N 369 
VAL H2   H N N 370 
VAL HA   H N N 371 
VAL HB   H N N 372 
VAL HG11 H N N 373 
VAL HG12 H N N 374 
VAL HG13 H N N 375 
VAL HG21 H N N 376 
VAL HG22 H N N 377 
VAL HG23 H N N 378 
VAL HXT  H N N 379 
# 
loop_
_chem_comp_bond.comp_id 
_chem_comp_bond.atom_id_1 
_chem_comp_bond.atom_id_2 
_chem_comp_bond.value_order 
_chem_comp_bond.pdbx_aromatic_flag 
_chem_comp_bond.pdbx_stereo_config 
_chem_comp_bond.pdbx_ordinal 
ALA N   CA   sing N N 1   
ALA N   H    sing N N 2   
ALA N   H2   sing N N 3   
ALA CA  C    sing N N 4   
ALA CA  CB   sing N N 5   
ALA CA  HA   sing N N 6   
ALA C   O    doub N N 7   
ALA C   OXT  sing N N 8   
ALA CB  HB1  sing N N 9   
ALA CB  HB2  sing N N 10  
ALA CB  HB3  sing N N 11  
ALA OXT HXT  sing N N 12  
ARG N   CA   sing N N 13  
ARG N   H    sing N N 14  
ARG N   H2   sing N N 15  
ARG CA  C    sing N N 16  
ARG CA  CB   sing N N 17  
ARG CA  HA   sing N N 18  
ARG C   O    doub N N 19  
ARG C   OXT  sing N N 20  
ARG CB  CG   sing N N 21  
ARG CB  HB2  sing N N 22  
ARG CB  HB3  sing N N 23  
ARG CG  CD   sing N N 24  
ARG CG  HG2  sing N N 25  
ARG CG  HG3  sing N N 26  
ARG CD  NE   sing N N 27  
ARG CD  HD2  sing N N 28  
ARG CD  HD3  sing N N 29  
ARG NE  CZ   sing N N 30  
ARG NE  HE   sing N N 31  
ARG CZ  NH1  sing N N 32  
ARG CZ  NH2  doub N N 33  
ARG NH1 HH11 sing N N 34  
ARG NH1 HH12 sing N N 35  
ARG NH2 HH21 sing N N 36  
ARG NH2 HH22 sing N N 37  
ARG OXT HXT  sing N N 38  
ASN N   CA   sing N N 39  
ASN N   H    sing N N 40  
ASN N   H2   sing N N 41  
ASN CA  C    sing N N 42  
ASN CA  CB   sing N N 43  
ASN CA  HA   sing N N 44  
ASN C   O    doub N N 45  
ASN C   OXT  sing N N 46  
ASN CB  CG   sing N N 47  
ASN CB  HB2  sing N N 48  
ASN CB  HB3  sing N N 49  
ASN CG  OD1  doub N N 50  
ASN CG  ND2  sing N N 51  
ASN ND2 HD21 sing N N 52  
ASN ND2 HD22 sing N N 53  
ASN OXT HXT  sing N N 54  
ASP N   CA   sing N N 55  
ASP N   H    sing N N 56  
ASP N   H2   sing N N 57  
ASP CA  C    sing N N 58  
ASP CA  CB   sing N N 59  
ASP CA  HA   sing N N 60  
ASP C   O    doub N N 61  
ASP C   OXT  sing N N 62  
ASP CB  CG   sing N N 63  
ASP CB  HB2  sing N N 64  
ASP CB  HB3  sing N N 65  
ASP CG  OD1  doub N N 66  
ASP CG  OD2  sing N N 67  
ASP OD2 HD2  sing N N 68  
ASP OXT HXT  sing N N 69  
GLN N   CA   sing N N 70  
GLN N   H    sing N N 71  
GLN N   H2   sing N N 72  
GLN CA  C    sing N N 73  
GLN CA  CB   sing N N 74  
GLN CA  HA   sing N N 75  
GLN C   O    doub N N 76  
GLN C   OXT  sing N N 77  
GLN CB  CG   sing N N 78  
GLN CB  HB2  sing N N 79  
GLN CB  HB3  sing N N 80  
GLN CG  CD   sing N N 81  
GLN CG  HG2  sing N N 82  
GLN CG  HG3  sing N N 83  
GLN CD  OE1  doub N N 84  
GLN CD  NE2  sing N N 85  
GLN NE2 HE21 sing N N 86  
GLN NE2 HE22 sing N N 87  
GLN OXT HXT  sing N N 88  
GLU N   CA   sing N N 89  
GLU N   H    sing N N 90  
GLU N   H2   sing N N 91  
GLU CA  C    sing N N 92  
GLU CA  CB   sing N N 93  
GLU CA  HA   sing N N 94  
GLU C   O    doub N N 95  
GLU C   OXT  sing N N 96  
GLU CB  CG   sing N N 97  
GLU CB  HB2  sing N N 98  
GLU CB  HB3  sing N N 99  
GLU CG  CD   sing N N 100 
GLU CG  HG2  sing N N 101 
GLU CG  HG3  sing N N 102 
GLU CD  OE1  doub N N 103 
GLU CD  OE2  sing N N 104 
GLU OE2 HE2  sing N N 105 
GLU OXT HXT  sing N N 106 
GLY N   CA   sing N N 107 
GLY N   H    sing N N 108 
GLY N   H2   sing N N 109 
GLY CA  C    sing N N 110 
GLY CA  HA2  sing N N 111 
GLY CA  HA3  sing N N 112 
GLY C   O    doub N N 113 
GLY C   OXT  sing N N 114 
GLY OXT HXT  sing N N 115 
HIS N   CA   sing N N 116 
HIS N   H    sing N N 117 
HIS N   H2   sing N N 118 
HIS CA  C    sing N N 119 
HIS CA  CB   sing N N 120 
HIS CA  HA   sing N N 121 
HIS C   O    doub N N 122 
HIS C   OXT  sing N N 123 
HIS CB  CG   sing N N 124 
HIS CB  HB2  sing N N 125 
HIS CB  HB3  sing N N 126 
HIS CG  ND1  sing Y N 127 
HIS CG  CD2  doub Y N 128 
HIS ND1 CE1  doub Y N 129 
HIS ND1 HD1  sing N N 130 
HIS CD2 NE2  sing Y N 131 
HIS CD2 HD2  sing N N 132 
HIS CE1 NE2  sing Y N 133 
HIS CE1 HE1  sing N N 134 
HIS NE2 HE2  sing N N 135 
HIS OXT HXT  sing N N 136 
HOH O   H1   sing N N 137 
HOH O   H2   sing N N 138 
ILE N   CA   sing N N 139 
ILE N   H    sing N N 140 
ILE N   H2   sing N N 141 
ILE CA  C    sing N N 142 
ILE CA  CB   sing N N 143 
ILE CA  HA   sing N N 144 
ILE C   O    doub N N 145 
ILE C   OXT  sing N N 146 
ILE CB  CG1  sing N N 147 
ILE CB  CG2  sing N N 148 
ILE CB  HB   sing N N 149 
ILE CG1 CD1  sing N N 150 
ILE CG1 HG12 sing N N 151 
ILE CG1 HG13 sing N N 152 
ILE CG2 HG21 sing N N 153 
ILE CG2 HG22 sing N N 154 
ILE CG2 HG23 sing N N 155 
ILE CD1 HD11 sing N N 156 
ILE CD1 HD12 sing N N 157 
ILE CD1 HD13 sing N N 158 
ILE OXT HXT  sing N N 159 
LEU N   CA   sing N N 160 
LEU N   H    sing N N 161 
LEU N   H2   sing N N 162 
LEU CA  C    sing N N 163 
LEU CA  CB   sing N N 164 
LEU CA  HA   sing N N 165 
LEU C   O    doub N N 166 
LEU C   OXT  sing N N 167 
LEU CB  CG   sing N N 168 
LEU CB  HB2  sing N N 169 
LEU CB  HB3  sing N N 170 
LEU CG  CD1  sing N N 171 
LEU CG  CD2  sing N N 172 
LEU CG  HG   sing N N 173 
LEU CD1 HD11 sing N N 174 
LEU CD1 HD12 sing N N 175 
LEU CD1 HD13 sing N N 176 
LEU CD2 HD21 sing N N 177 
LEU CD2 HD22 sing N N 178 
LEU CD2 HD23 sing N N 179 
LEU OXT HXT  sing N N 180 
LYS N   CA   sing N N 181 
LYS N   H    sing N N 182 
LYS N   H2   sing N N 183 
LYS CA  C    sing N N 184 
LYS CA  CB   sing N N 185 
LYS CA  HA   sing N N 186 
LYS C   O    doub N N 187 
LYS C   OXT  sing N N 188 
LYS CB  CG   sing N N 189 
LYS CB  HB2  sing N N 190 
LYS CB  HB3  sing N N 191 
LYS CG  CD   sing N N 192 
LYS CG  HG2  sing N N 193 
LYS CG  HG3  sing N N 194 
LYS CD  CE   sing N N 195 
LYS CD  HD2  sing N N 196 
LYS CD  HD3  sing N N 197 
LYS CE  NZ   sing N N 198 
LYS CE  HE2  sing N N 199 
LYS CE  HE3  sing N N 200 
LYS NZ  HZ1  sing N N 201 
LYS NZ  HZ2  sing N N 202 
LYS NZ  HZ3  sing N N 203 
LYS OXT HXT  sing N N 204 
MES O1  C2   sing N N 205 
MES O1  C6   sing N N 206 
MES C2  C3   sing N N 207 
MES C2  H21  sing N N 208 
MES C2  H22  sing N N 209 
MES C3  N4   sing N N 210 
MES C3  H31  sing N N 211 
MES C3  H32  sing N N 212 
MES N4  C5   sing N N 213 
MES N4  C7   sing N N 214 
MES N4  HN4  sing N N 215 
MES C5  C6   sing N N 216 
MES C5  H51  sing N N 217 
MES C5  H52  sing N N 218 
MES C6  H61  sing N N 219 
MES C6  H62  sing N N 220 
MES C7  C8   sing N N 221 
MES C7  H71  sing N N 222 
MES C7  H72  sing N N 223 
MES C8  S    sing N N 224 
MES C8  H81  sing N N 225 
MES C8  H82  sing N N 226 
MES S   O1S  doub N N 227 
MES S   O2S  doub N N 228 
MES S   O3S  sing N N 229 
MET N   CA   sing N N 230 
MET N   H    sing N N 231 
MET N   H2   sing N N 232 
MET CA  C    sing N N 233 
MET CA  CB   sing N N 234 
MET CA  HA   sing N N 235 
MET C   O    doub N N 236 
MET C   OXT  sing N N 237 
MET CB  CG   sing N N 238 
MET CB  HB2  sing N N 239 
MET CB  HB3  sing N N 240 
MET CG  SD   sing N N 241 
MET CG  HG2  sing N N 242 
MET CG  HG3  sing N N 243 
MET SD  CE   sing N N 244 
MET CE  HE1  sing N N 245 
MET CE  HE2  sing N N 246 
MET CE  HE3  sing N N 247 
MET OXT HXT  sing N N 248 
PHE N   CA   sing N N 249 
PHE N   H    sing N N 250 
PHE N   H2   sing N N 251 
PHE CA  C    sing N N 252 
PHE CA  CB   sing N N 253 
PHE CA  HA   sing N N 254 
PHE C   O    doub N N 255 
PHE C   OXT  sing N N 256 
PHE CB  CG   sing N N 257 
PHE CB  HB2  sing N N 258 
PHE CB  HB3  sing N N 259 
PHE CG  CD1  doub Y N 260 
PHE CG  CD2  sing Y N 261 
PHE CD1 CE1  sing Y N 262 
PHE CD1 HD1  sing N N 263 
PHE CD2 CE2  doub Y N 264 
PHE CD2 HD2  sing N N 265 
PHE CE1 CZ   doub Y N 266 
PHE CE1 HE1  sing N N 267 
PHE CE2 CZ   sing Y N 268 
PHE CE2 HE2  sing N N 269 
PHE CZ  HZ   sing N N 270 
PHE OXT HXT  sing N N 271 
PRO N   CA   sing N N 272 
PRO N   CD   sing N N 273 
PRO N   H    sing N N 274 
PRO CA  C    sing N N 275 
PRO CA  CB   sing N N 276 
PRO CA  HA   sing N N 277 
PRO C   O    doub N N 278 
PRO C   OXT  sing N N 279 
PRO CB  CG   sing N N 280 
PRO CB  HB2  sing N N 281 
PRO CB  HB3  sing N N 282 
PRO CG  CD   sing N N 283 
PRO CG  HG2  sing N N 284 
PRO CG  HG3  sing N N 285 
PRO CD  HD2  sing N N 286 
PRO CD  HD3  sing N N 287 
PRO OXT HXT  sing N N 288 
SER N   CA   sing N N 289 
SER N   H    sing N N 290 
SER N   H2   sing N N 291 
SER CA  C    sing N N 292 
SER CA  CB   sing N N 293 
SER CA  HA   sing N N 294 
SER C   O    doub N N 295 
SER C   OXT  sing N N 296 
SER CB  OG   sing N N 297 
SER CB  HB2  sing N N 298 
SER CB  HB3  sing N N 299 
SER OG  HG   sing N N 300 
SER OXT HXT  sing N N 301 
SO4 S   O1   doub N N 302 
SO4 S   O2   doub N N 303 
SO4 S   O3   sing N N 304 
SO4 S   O4   sing N N 305 
THR N   CA   sing N N 306 
THR N   H    sing N N 307 
THR N   H2   sing N N 308 
THR CA  C    sing N N 309 
THR CA  CB   sing N N 310 
THR CA  HA   sing N N 311 
THR C   O    doub N N 312 
THR C   OXT  sing N N 313 
THR CB  OG1  sing N N 314 
THR CB  CG2  sing N N 315 
THR CB  HB   sing N N 316 
THR OG1 HG1  sing N N 317 
THR CG2 HG21 sing N N 318 
THR CG2 HG22 sing N N 319 
THR CG2 HG23 sing N N 320 
THR OXT HXT  sing N N 321 
TYR N   CA   sing N N 322 
TYR N   H    sing N N 323 
TYR N   H2   sing N N 324 
TYR CA  C    sing N N 325 
TYR CA  CB   sing N N 326 
TYR CA  HA   sing N N 327 
TYR C   O    doub N N 328 
TYR C   OXT  sing N N 329 
TYR CB  CG   sing N N 330 
TYR CB  HB2  sing N N 331 
TYR CB  HB3  sing N N 332 
TYR CG  CD1  doub Y N 333 
TYR CG  CD2  sing Y N 334 
TYR CD1 CE1  sing Y N 335 
TYR CD1 HD1  sing N N 336 
TYR CD2 CE2  doub Y N 337 
TYR CD2 HD2  sing N N 338 
TYR CE1 CZ   doub Y N 339 
TYR CE1 HE1  sing N N 340 
TYR CE2 CZ   sing Y N 341 
TYR CE2 HE2  sing N N 342 
TYR CZ  OH   sing N N 343 
TYR OH  HH   sing N N 344 
TYR OXT HXT  sing N N 345 
VAL N   CA   sing N N 346 
VAL N   H    sing N N 347 
VAL N   H2   sing N N 348 
VAL CA  C    sing N N 349 
VAL CA  CB   sing N N 350 
VAL CA  HA   sing N N 351 
VAL C   O    doub N N 352 
VAL C   OXT  sing N N 353 
VAL CB  CG1  sing N N 354 
VAL CB  CG2  sing N N 355 
VAL CB  HB   sing N N 356 
VAL CG1 HG11 sing N N 357 
VAL CG1 HG12 sing N N 358 
VAL CG1 HG13 sing N N 359 
VAL CG2 HG21 sing N N 360 
VAL CG2 HG22 sing N N 361 
VAL CG2 HG23 sing N N 362 
VAL OXT HXT  sing N N 363 
# 
loop_
_pdbx_entity_nonpoly.entity_id 
_pdbx_entity_nonpoly.name 
_pdbx_entity_nonpoly.comp_id 
2 '2-(N-MORPHOLINO)-ETHANESULFONIC ACID' MES 
3 'SULFATE ION'                          SO4 
4 water                                  HOH 
# 
_pdbx_initial_refinement_model.id               1 
_pdbx_initial_refinement_model.entity_id_list   ? 
_pdbx_initial_refinement_model.type             'experimental model' 
_pdbx_initial_refinement_model.source_name      PDB 
_pdbx_initial_refinement_model.accession_code   2J8I 
_pdbx_initial_refinement_model.details          'PDB ENTRY 2J8I' 
# 
